data_7JOL
# 
_entry.id   7JOL 
# 
_audit_conform.dict_name       mmcif_pdbx.dic 
_audit_conform.dict_version    5.380 
_audit_conform.dict_location   http://mmcif.pdb.org/dictionaries/ascii/mmcif_pdbx.dic 
# 
loop_
_database_2.database_id 
_database_2.database_code 
_database_2.pdbx_database_accession 
_database_2.pdbx_DOI 
PDB   7JOL         pdb_00007jol 10.2210/pdb7jol/pdb 
WWPDB D_1000250932 ?            ?                   
# 
_pdbx_database_status.status_code                     REL 
_pdbx_database_status.status_code_sf                  REL 
_pdbx_database_status.status_code_mr                  ? 
_pdbx_database_status.entry_id                        7JOL 
_pdbx_database_status.recvd_initial_deposition_date   2020-08-06 
_pdbx_database_status.SG_entry                        N 
_pdbx_database_status.deposit_site                    RCSB 
_pdbx_database_status.process_site                    RCSB 
_pdbx_database_status.status_code_cs                  ? 
_pdbx_database_status.status_code_nmr_data            ? 
_pdbx_database_status.methods_development_category    ? 
_pdbx_database_status.pdb_format_compatible           Y 
# 
loop_
_audit_author.name 
_audit_author.pdbx_ordinal 
_audit_author.identifier_ORCID 
'Simmons, C.R.'      1 0000-0002-2290-6132 
'MacCulloch, T.'     2 0000-0001-5875-3361 
'Stephanopoulos, N.' 3 0000-0001-7859-410X 
'Yan, H.'            4 0000-0001-7397-9852 
# 
_citation.abstract                  ? 
_citation.abstract_id_CAS           ? 
_citation.book_id_ISBN              ? 
_citation.book_publisher            ? 
_citation.book_publisher_city       ? 
_citation.book_title                ? 
_citation.coordinate_linkage        ? 
_citation.country                   UK 
_citation.database_id_Medline       ? 
_citation.details                   ? 
_citation.id                        primary 
_citation.journal_abbrev            'Nat Commun' 
_citation.journal_id_ASTM           ? 
_citation.journal_id_CSD            ? 
_citation.journal_id_ISSN           2041-1723 
_citation.journal_full              ? 
_citation.journal_issue             ? 
_citation.journal_volume            13 
_citation.language                  ? 
_citation.page_first                3112 
_citation.page_last                 3112 
_citation.title                     'The influence of Holliday junction sequence and dynamics on DNA crystal self-assembly.' 
_citation.year                      2022 
_citation.database_id_CSD           ? 
_citation.pdbx_database_id_DOI      10.1038/s41467-022-30779-6 
_citation.pdbx_database_id_PubMed   35662248 
_citation.unpublished_flag          ? 
# 
loop_
_citation_author.citation_id 
_citation_author.name 
_citation_author.ordinal 
_citation_author.identifier_ORCID 
primary 'Simmons, C.R.'      1  ?                   
primary 'MacCulloch, T.'     2  ?                   
primary 'Krepl, M.'          3  0000-0002-9833-4281 
primary 'Matthies, M.'       4  ?                   
primary 'Buchberger, A.'     5  ?                   
primary 'Crawford, I.'       6  ?                   
primary 'Sponer, J.'         7  0000-0001-6558-6186 
primary 'Sulc, P.'           8  0000-0003-1565-6769 
primary 'Stephanopoulos, N.' 9  0000-0001-7859-410X 
primary 'Yan, H.'            10 0000-0001-7397-9852 
# 
_cell.angle_alpha                  90.000 
_cell.angle_alpha_esd              ? 
_cell.angle_beta                   90.000 
_cell.angle_beta_esd               ? 
_cell.angle_gamma                  120.000 
_cell.angle_gamma_esd              ? 
_cell.entry_id                     7JOL 
_cell.details                      ? 
_cell.formula_units_Z              ? 
_cell.length_a                     68.104 
_cell.length_a_esd                 ? 
_cell.length_b                     68.104 
_cell.length_b_esd                 ? 
_cell.length_c                     57.304 
_cell.length_c_esd                 ? 
_cell.volume                       ? 
_cell.volume_esd                   ? 
_cell.Z_PDB                        3 
_cell.reciprocal_angle_alpha       ? 
_cell.reciprocal_angle_beta        ? 
_cell.reciprocal_angle_gamma       ? 
_cell.reciprocal_angle_alpha_esd   ? 
_cell.reciprocal_angle_beta_esd    ? 
_cell.reciprocal_angle_gamma_esd   ? 
_cell.reciprocal_length_a          ? 
_cell.reciprocal_length_b          ? 
_cell.reciprocal_length_c          ? 
_cell.reciprocal_length_a_esd      ? 
_cell.reciprocal_length_b_esd      ? 
_cell.reciprocal_length_c_esd      ? 
_cell.pdbx_unique_axis             ? 
# 
_symmetry.entry_id                         7JOL 
_symmetry.cell_setting                     ? 
_symmetry.Int_Tables_number                145 
_symmetry.space_group_name_Hall            ? 
_symmetry.space_group_name_H-M             'P 32' 
_symmetry.pdbx_full_space_group_name_H-M   ? 
# 
loop_
_entity.id 
_entity.type 
_entity.src_method 
_entity.pdbx_description 
_entity.formula_weight 
_entity.pdbx_number_of_molecules 
_entity.pdbx_ec 
_entity.pdbx_mutation 
_entity.pdbx_fragment 
_entity.details 
1 polymer     syn 
;DNA (5'-D(*GP*AP*GP*CP*AP*GP*AP*CP*CP*AP*GP*AP*CP*GP*TP*CP*AP*CP*TP*CP*A)-3')
;
6426.177 1 ? ? ? ? 
2 polymer     syn 
;DNA (5'-D(P*AP*CP*GP*TP*CP*T)-3')
;
1784.204 1 ? ? ? ? 
3 polymer     syn 
;DNA (5'-D(*TP*CP*TP*GP*AP*GP*TP*G)-3')
;
2457.627 1 ? ? ? ? 
4 polymer     syn 
;DNA (5'-D(P*GP*GP*TP*CP*TP*GP*C)-3')
;
2129.409 1 ? ? ? ? 
5 non-polymer syn 'CACODYLATE ION'                                                                136.989  3 ? ? ? ? 
# 
loop_
_entity_poly.entity_id 
_entity_poly.type 
_entity_poly.nstd_linkage 
_entity_poly.nstd_monomer 
_entity_poly.pdbx_seq_one_letter_code 
_entity_poly.pdbx_seq_one_letter_code_can 
_entity_poly.pdbx_strand_id 
_entity_poly.pdbx_target_identifier 
1 polydeoxyribonucleotide no no 
;(DG)(DA)(DG)(DC)(DA)(DG)(DA)(DC)(DC)(DA)(DG)(DA)(DC)(DG)(DT)(DC)(DA)(DC)(DT)(DC)
(DA)
;
GAGCAGACCAGACGTCACTCA A ? 
2 polydeoxyribonucleotide no no '(DA)(DC)(DG)(DT)(DC)(DT)'                                                              ACGTCT B ? 
3 polydeoxyribonucleotide no no '(DT)(DC)(DT)(DG)(DA)(DG)(DT)(DG)'                                                      TCTGAGTG C 
? 
4 polydeoxyribonucleotide no no '(DG)(DG)(DT)(DC)(DT)(DG)(DC)'                                                          GGTCTGC D 
? 
# 
loop_
_entity_poly_seq.entity_id 
_entity_poly_seq.num 
_entity_poly_seq.mon_id 
_entity_poly_seq.hetero 
1 1  DG n 
1 2  DA n 
1 3  DG n 
1 4  DC n 
1 5  DA n 
1 6  DG n 
1 7  DA n 
1 8  DC n 
1 9  DC n 
1 10 DA n 
1 11 DG n 
1 12 DA n 
1 13 DC n 
1 14 DG n 
1 15 DT n 
1 16 DC n 
1 17 DA n 
1 18 DC n 
1 19 DT n 
1 20 DC n 
1 21 DA n 
2 1  DA n 
2 2  DC n 
2 3  DG n 
2 4  DT n 
2 5  DC n 
2 6  DT n 
3 1  DT n 
3 2  DC n 
3 3  DT n 
3 4  DG n 
3 5  DA n 
3 6  DG n 
3 7  DT n 
3 8  DG n 
4 1  DG n 
4 2  DG n 
4 3  DT n 
4 4  DC n 
4 5  DT n 
4 6  DG n 
4 7  DC n 
# 
loop_
_pdbx_entity_src_syn.entity_id 
_pdbx_entity_src_syn.pdbx_src_id 
_pdbx_entity_src_syn.pdbx_alt_source_flag 
_pdbx_entity_src_syn.pdbx_beg_seq_num 
_pdbx_entity_src_syn.pdbx_end_seq_num 
_pdbx_entity_src_syn.organism_scientific 
_pdbx_entity_src_syn.organism_common_name 
_pdbx_entity_src_syn.ncbi_taxonomy_id 
_pdbx_entity_src_syn.details 
1 1 sample 1 21 'synthetic construct' ? 32630 ? 
2 1 sample 1 6  'synthetic construct' ? 32630 ? 
3 1 sample 1 8  'synthetic construct' ? 32630 ? 
4 1 sample 1 7  'synthetic construct' ? 32630 ? 
# 
loop_
_struct_ref.id 
_struct_ref.db_name 
_struct_ref.db_code 
_struct_ref.pdbx_db_accession 
_struct_ref.pdbx_db_isoform 
_struct_ref.entity_id 
_struct_ref.pdbx_seq_one_letter_code 
_struct_ref.pdbx_align_begin 
1 PDB 7JOL 7JOL ? 1 ? 1 
2 PDB 7JOL 7JOL ? 2 ? 1 
3 PDB 7JOL 7JOL ? 3 ? 1 
4 PDB 7JOL 7JOL ? 4 ? 1 
# 
loop_
_struct_ref_seq.align_id 
_struct_ref_seq.ref_id 
_struct_ref_seq.pdbx_PDB_id_code 
_struct_ref_seq.pdbx_strand_id 
_struct_ref_seq.seq_align_beg 
_struct_ref_seq.pdbx_seq_align_beg_ins_code 
_struct_ref_seq.seq_align_end 
_struct_ref_seq.pdbx_seq_align_end_ins_code 
_struct_ref_seq.pdbx_db_accession 
_struct_ref_seq.db_align_beg 
_struct_ref_seq.pdbx_db_align_beg_ins_code 
_struct_ref_seq.db_align_end 
_struct_ref_seq.pdbx_db_align_end_ins_code 
_struct_ref_seq.pdbx_auth_seq_align_beg 
_struct_ref_seq.pdbx_auth_seq_align_end 
1 1 7JOL A 1 ? 21 ? 7JOL 1  ? 21 ? 1  21 
2 2 7JOL B 1 ? 6  ? 7JOL 0  ? 5  ? 0  5  
3 3 7JOL C 1 ? 8  ? 7JOL 1  ? 8  ? 1  8  
4 4 7JOL D 1 ? 7  ? 7JOL 10 ? 16 ? 10 16 
# 
loop_
_chem_comp.id 
_chem_comp.type 
_chem_comp.mon_nstd_flag 
_chem_comp.name 
_chem_comp.pdbx_synonyms 
_chem_comp.formula 
_chem_comp.formula_weight 
CAC non-polymer   . 'CACODYLATE ION'                     dimethylarsinate 'C2 H6 As O2 -1'  136.989 
DA  'DNA linking' y "2'-DEOXYADENOSINE-5'-MONOPHOSPHATE" ?                'C10 H14 N5 O6 P' 331.222 
DC  'DNA linking' y "2'-DEOXYCYTIDINE-5'-MONOPHOSPHATE"  ?                'C9 H14 N3 O7 P'  307.197 
DG  'DNA linking' y "2'-DEOXYGUANOSINE-5'-MONOPHOSPHATE" ?                'C10 H14 N5 O7 P' 347.221 
DT  'DNA linking' y "THYMIDINE-5'-MONOPHOSPHATE"         ?                'C10 H15 N2 O8 P' 322.208 
# 
_exptl.absorpt_coefficient_mu     ? 
_exptl.absorpt_correction_T_max   ? 
_exptl.absorpt_correction_T_min   ? 
_exptl.absorpt_correction_type    ? 
_exptl.absorpt_process_details    ? 
_exptl.entry_id                   7JOL 
_exptl.crystals_number            1 
_exptl.details                    ? 
_exptl.method                     'X-RAY DIFFRACTION' 
_exptl.method_details             ? 
# 
_exptl_crystal.colour                      ? 
_exptl_crystal.density_diffrn              ? 
_exptl_crystal.density_Matthews            6.00 
_exptl_crystal.density_method              ? 
_exptl_crystal.density_percent_sol         79.48 
_exptl_crystal.description                 ? 
_exptl_crystal.F_000                       ? 
_exptl_crystal.id                          1 
_exptl_crystal.preparation                 ? 
_exptl_crystal.size_max                    ? 
_exptl_crystal.size_mid                    ? 
_exptl_crystal.size_min                    ? 
_exptl_crystal.size_rad                    ? 
_exptl_crystal.colour_lustre               ? 
_exptl_crystal.colour_modifier             ? 
_exptl_crystal.colour_primary              ? 
_exptl_crystal.density_meas                ? 
_exptl_crystal.density_meas_esd            ? 
_exptl_crystal.density_meas_gt             ? 
_exptl_crystal.density_meas_lt             ? 
_exptl_crystal.density_meas_temp           ? 
_exptl_crystal.density_meas_temp_esd       ? 
_exptl_crystal.density_meas_temp_gt        ? 
_exptl_crystal.density_meas_temp_lt        ? 
_exptl_crystal.pdbx_crystal_image_url      ? 
_exptl_crystal.pdbx_crystal_image_format   ? 
_exptl_crystal.pdbx_mosaicity              ? 
_exptl_crystal.pdbx_mosaicity_esd          ? 
# 
_exptl_crystal_grow.apparatus       ? 
_exptl_crystal_grow.atmosphere      ? 
_exptl_crystal_grow.crystal_id      1 
_exptl_crystal_grow.details         ? 
_exptl_crystal_grow.method          'VAPOR DIFFUSION, SITTING DROP' 
_exptl_crystal_grow.method_ref      ? 
_exptl_crystal_grow.pH              ? 
_exptl_crystal_grow.pressure        ? 
_exptl_crystal_grow.pressure_esd    ? 
_exptl_crystal_grow.seeding         ? 
_exptl_crystal_grow.seeding_ref     ? 
_exptl_crystal_grow.temp            298 
_exptl_crystal_grow.temp_details    'temperature gradient generated from 60 to 25 C at 0.3 degrees per hour' 
_exptl_crystal_grow.temp_esd        ? 
_exptl_crystal_grow.time            ? 
_exptl_crystal_grow.pdbx_details    
;0.5 mL of 0.05 M Cacodylate pH 6.0 with 15 mM MgCl2, 5.0 mM spermidine, and 2.0 M Li2SO4 was added to the reservoir with 2 uL added to the drop containing 4 uL of DNA stock
;
_exptl_crystal_grow.pdbx_pH_range   ? 
# 
_diffrn.ambient_environment              ? 
_diffrn.ambient_temp                     100 
_diffrn.ambient_temp_details             ? 
_diffrn.ambient_temp_esd                 ? 
_diffrn.crystal_id                       1 
_diffrn.crystal_support                  ? 
_diffrn.crystal_treatment                ? 
_diffrn.details                          ? 
_diffrn.id                               1 
_diffrn.ambient_pressure                 ? 
_diffrn.ambient_pressure_esd             ? 
_diffrn.ambient_pressure_gt              ? 
_diffrn.ambient_pressure_lt              ? 
_diffrn.ambient_temp_gt                  ? 
_diffrn.ambient_temp_lt                  ? 
_diffrn.pdbx_serial_crystal_experiment   N 
# 
_diffrn_detector.details                      ? 
_diffrn_detector.detector                     CCD 
_diffrn_detector.diffrn_id                    1 
_diffrn_detector.type                         'ADSC QUANTUM 210r' 
_diffrn_detector.area_resol_mean              ? 
_diffrn_detector.dtime                        ? 
_diffrn_detector.pdbx_frames_total            ? 
_diffrn_detector.pdbx_collection_time_total   ? 
_diffrn_detector.pdbx_collection_date         2017-08-15 
_diffrn_detector.pdbx_frequency               ? 
# 
_diffrn_radiation.collimation                      ? 
_diffrn_radiation.diffrn_id                        1 
_diffrn_radiation.filter_edge                      ? 
_diffrn_radiation.inhomogeneity                    ? 
_diffrn_radiation.monochromator                    ? 
_diffrn_radiation.polarisn_norm                    ? 
_diffrn_radiation.polarisn_ratio                   ? 
_diffrn_radiation.probe                            ? 
_diffrn_radiation.type                             ? 
_diffrn_radiation.xray_symbol                      ? 
_diffrn_radiation.wavelength_id                    1 
_diffrn_radiation.pdbx_monochromatic_or_laue_m_l   M 
_diffrn_radiation.pdbx_wavelength_list             ? 
_diffrn_radiation.pdbx_wavelength                  ? 
_diffrn_radiation.pdbx_diffrn_protocol             'SINGLE WAVELENGTH' 
_diffrn_radiation.pdbx_analyzer                    ? 
_diffrn_radiation.pdbx_scattering_type             x-ray 
# 
_diffrn_radiation_wavelength.id           1 
_diffrn_radiation_wavelength.wavelength   1.1 
_diffrn_radiation_wavelength.wt           1.0 
# 
_diffrn_source.current                     ? 
_diffrn_source.details                     ? 
_diffrn_source.diffrn_id                   1 
_diffrn_source.power                       ? 
_diffrn_source.size                        ? 
_diffrn_source.source                      SYNCHROTRON 
_diffrn_source.target                      ? 
_diffrn_source.type                        'APS BEAMLINE 19-BM' 
_diffrn_source.voltage                     ? 
_diffrn_source.take-off_angle              ? 
_diffrn_source.pdbx_wavelength_list        1.1 
_diffrn_source.pdbx_wavelength             ? 
_diffrn_source.pdbx_synchrotron_beamline   19-BM 
_diffrn_source.pdbx_synchrotron_site       APS 
# 
_reflns.B_iso_Wilson_estimate            67.100 
_reflns.entry_id                         7JOL 
_reflns.data_reduction_details           ? 
_reflns.data_reduction_method            ? 
_reflns.d_resolution_high                3.100 
_reflns.d_resolution_low                 50.000 
_reflns.details                          ? 
_reflns.limit_h_max                      ? 
_reflns.limit_h_min                      ? 
_reflns.limit_k_max                      ? 
_reflns.limit_k_min                      ? 
_reflns.limit_l_max                      ? 
_reflns.limit_l_min                      ? 
_reflns.number_all                       ? 
_reflns.number_obs                       4353 
_reflns.observed_criterion               ? 
_reflns.observed_criterion_F_max         ? 
_reflns.observed_criterion_F_min         ? 
_reflns.observed_criterion_I_max         ? 
_reflns.observed_criterion_I_min         ? 
_reflns.observed_criterion_sigma_F       ? 
_reflns.observed_criterion_sigma_I       ? 
_reflns.percent_possible_obs             81.800 
_reflns.R_free_details                   ? 
_reflns.Rmerge_F_all                     ? 
_reflns.Rmerge_F_obs                     ? 
_reflns.Friedel_coverage                 ? 
_reflns.number_gt                        ? 
_reflns.threshold_expression             ? 
_reflns.pdbx_redundancy                  6.100 
_reflns.pdbx_Rmerge_I_obs                0.115 
_reflns.pdbx_Rmerge_I_all                ? 
_reflns.pdbx_Rsym_value                  ? 
_reflns.pdbx_netI_over_av_sigmaI         ? 
_reflns.pdbx_netI_over_sigmaI            7.300 
_reflns.pdbx_res_netI_over_av_sigmaI_2   ? 
_reflns.pdbx_res_netI_over_sigmaI_2      ? 
_reflns.pdbx_chi_squared                 2.072 
_reflns.pdbx_scaling_rejects             ? 
_reflns.pdbx_d_res_high_opt              ? 
_reflns.pdbx_d_res_low_opt               ? 
_reflns.pdbx_d_res_opt_method            ? 
_reflns.phase_calculation_details        ? 
_reflns.pdbx_Rrim_I_all                  0.125 
_reflns.pdbx_Rpim_I_all                  0.047 
_reflns.pdbx_d_opt                       ? 
_reflns.pdbx_number_measured_all         ? 
_reflns.pdbx_diffrn_id                   1 
_reflns.pdbx_ordinal                     1 
_reflns.pdbx_CC_half                     0.997 
_reflns.pdbx_CC_star                     ? 
_reflns.pdbx_R_split                     ? 
# 
loop_
_reflns_shell.d_res_high 
_reflns_shell.d_res_low 
_reflns_shell.meanI_over_sigI_all 
_reflns_shell.meanI_over_sigI_obs 
_reflns_shell.number_measured_all 
_reflns_shell.number_measured_obs 
_reflns_shell.number_possible 
_reflns_shell.number_unique_all 
_reflns_shell.number_unique_obs 
_reflns_shell.percent_possible_all 
_reflns_shell.percent_possible_obs 
_reflns_shell.Rmerge_F_all 
_reflns_shell.Rmerge_F_obs 
_reflns_shell.Rmerge_I_all 
_reflns_shell.Rmerge_I_obs 
_reflns_shell.meanI_over_sigI_gt 
_reflns_shell.meanI_over_uI_all 
_reflns_shell.meanI_over_uI_gt 
_reflns_shell.number_measured_gt 
_reflns_shell.number_unique_gt 
_reflns_shell.percent_possible_gt 
_reflns_shell.Rmerge_F_gt 
_reflns_shell.Rmerge_I_gt 
_reflns_shell.pdbx_redundancy 
_reflns_shell.pdbx_Rsym_value 
_reflns_shell.pdbx_chi_squared 
_reflns_shell.pdbx_netI_over_sigmaI_all 
_reflns_shell.pdbx_netI_over_sigmaI_obs 
_reflns_shell.pdbx_Rrim_I_all 
_reflns_shell.pdbx_Rpim_I_all 
_reflns_shell.pdbx_rejects 
_reflns_shell.pdbx_ordinal 
_reflns_shell.pdbx_diffrn_id 
_reflns_shell.pdbx_CC_half 
_reflns_shell.pdbx_CC_star 
_reflns_shell.pdbx_R_split 
3.100 3.150  ? ? ? ? ? ? 131 50.000  ? ? ? ? 0.617 ? ? ? ? ? ? ? ? 4.000 ? 1.305 ? ? 0.676 0.268 ? 1  1 0.861 ? ? 
3.150 3.210  ? ? ? ? ? ? 149 56.200  ? ? ? ? 0.239 ? ? ? ? ? ? ? ? 4.400 ? 2.072 ? ? 0.262 0.104 ? 2  1 0.978 ? ? 
3.210 3.270  ? ? ? ? ? ? 154 57.700  ? ? ? ? 0.263 ? ? ? ? ? ? ? ? 3.800 ? 1.724 ? ? 0.289 0.117 ? 3  1 0.984 ? ? 
3.270 3.340  ? ? ? ? ? ? 173 64.600  ? ? ? ? 0.258 ? ? ? ? ? ? ? ? 4.600 ? 1.764 ? ? 0.282 0.112 ? 4  1 0.958 ? ? 
3.340 3.410  ? ? ? ? ? ? 174 63.000  ? ? ? ? 0.270 ? ? ? ? ? ? ? ? 4.500 ? 1.797 ? ? 0.295 0.117 ? 5  1 0.983 ? ? 
3.410 3.490  ? ? ? ? ? ? 167 67.600  ? ? ? ? 0.657 ? ? ? ? ? ? ? ? 5.100 ? 1.395 ? ? 0.716 0.280 ? 6  1 0.840 ? ? 
3.490 3.580  ? ? ? ? ? ? 187 69.500  ? ? ? ? 0.672 ? ? ? ? ? ? ? ? 5.100 ? 1.359 ? ? 0.732 0.285 ? 7  1 0.840 ? ? 
3.580 3.680  ? ? ? ? ? ? 201 73.600  ? ? ? ? 0.773 ? ? ? ? ? ? ? ? 5.100 ? 1.666 ? ? 0.845 0.333 ? 8  1 0.762 ? ? 
3.680 3.780  ? ? ? ? ? ? 210 79.800  ? ? ? ? 0.831 ? ? ? ? ? ? ? ? 5.400 ? 1.485 ? ? 0.904 0.349 ? 9  1 0.808 ? ? 
3.780 3.910  ? ? ? ? ? ? 203 77.200  ? ? ? ? 0.890 ? ? ? ? ? ? ? ? 5.700 ? 1.378 ? ? 0.966 0.370 ? 10 1 0.808 ? ? 
3.910 4.040  ? ? ? ? ? ? 230 88.100  ? ? ? ? 0.818 ? ? ? ? ? ? ? ? 5.700 ? 1.378 ? ? 0.887 0.339 ? 11 1 0.857 ? ? 
4.040 4.210  ? ? ? ? ? ? 267 92.700  ? ? ? ? 0.668 ? ? ? ? ? ? ? ? 6.000 ? 1.572 ? ? 0.725 0.277 ? 12 1 0.810 ? ? 
4.210 4.400  ? ? ? ? ? ? 251 98.800  ? ? ? ? 0.570 ? ? ? ? ? ? ? ? 6.200 ? 1.634 ? ? 0.618 0.235 ? 13 1 0.846 ? ? 
4.400 4.630  ? ? ? ? ? ? 260 99.600  ? ? ? ? 0.661 ? ? ? ? ? ? ? ? 6.700 ? 1.438 ? ? 0.715 0.268 ? 14 1 0.867 ? ? 
4.630 4.920  ? ? ? ? ? ? 281 100.000 ? ? ? ? 0.383 ? ? ? ? ? ? ? ? 7.200 ? 1.525 ? ? 0.413 0.153 ? 15 1 0.964 ? ? 
4.920 5.300  ? ? ? ? ? ? 253 100.000 ? ? ? ? 0.262 ? ? ? ? ? ? ? ? 7.500 ? 1.940 ? ? 0.281 0.102 ? 16 1 0.981 ? ? 
5.300 5.830  ? ? ? ? ? ? 257 100.000 ? ? ? ? 0.153 ? ? ? ? ? ? ? ? 7.700 ? 1.971 ? ? 0.164 0.059 ? 17 1 0.993 ? ? 
5.830 6.670  ? ? ? ? ? ? 269 100.000 ? ? ? ? 0.125 ? ? ? ? ? ? ? ? 7.800 ? 2.043 ? ? 0.134 0.048 ? 18 1 0.995 ? ? 
6.670 8.400  ? ? ? ? ? ? 273 100.000 ? ? ? ? 0.071 ? ? ? ? ? ? ? ? 7.800 ? 3.099 ? ? 0.076 0.027 ? 19 1 0.998 ? ? 
8.400 50.000 ? ? ? ? ? ? 263 97.400  ? ? ? ? 0.057 ? ? ? ? ? ? ? ? 7.400 ? 5.503 ? ? 0.061 0.023 ? 20 1 0.995 ? ? 
# 
_refine.aniso_B[1][1]                            ? 
_refine.aniso_B[1][2]                            ? 
_refine.aniso_B[1][3]                            ? 
_refine.aniso_B[2][2]                            ? 
_refine.aniso_B[2][3]                            ? 
_refine.aniso_B[3][3]                            ? 
_refine.B_iso_max                                360.370 
_refine.B_iso_mean                               116.3739 
_refine.B_iso_min                                52.330 
_refine.correlation_coeff_Fo_to_Fc               ? 
_refine.correlation_coeff_Fo_to_Fc_free          ? 
_refine.details                                  ? 
_refine.diff_density_max                         ? 
_refine.diff_density_max_esd                     ? 
_refine.diff_density_min                         ? 
_refine.diff_density_min_esd                     ? 
_refine.diff_density_rms                         ? 
_refine.diff_density_rms_esd                     ? 
_refine.entry_id                                 7JOL 
_refine.pdbx_refine_id                           'X-RAY DIFFRACTION' 
_refine.ls_abs_structure_details                 ? 
_refine.ls_abs_structure_Flack                   ? 
_refine.ls_abs_structure_Flack_esd               ? 
_refine.ls_abs_structure_Rogers                  ? 
_refine.ls_abs_structure_Rogers_esd              ? 
_refine.ls_d_res_high                            3.1140 
_refine.ls_d_res_low                             34.0520 
_refine.ls_extinction_coef                       ? 
_refine.ls_extinction_coef_esd                   ? 
_refine.ls_extinction_expression                 ? 
_refine.ls_extinction_method                     ? 
_refine.ls_goodness_of_fit_all                   ? 
_refine.ls_goodness_of_fit_all_esd               ? 
_refine.ls_goodness_of_fit_obs                   ? 
_refine.ls_goodness_of_fit_obs_esd               ? 
_refine.ls_hydrogen_treatment                    ? 
_refine.ls_matrix_type                           ? 
_refine.ls_number_constraints                    ? 
_refine.ls_number_parameters                     ? 
_refine.ls_number_reflns_all                     ? 
_refine.ls_number_reflns_obs                     4327 
_refine.ls_number_reflns_R_free                  217 
_refine.ls_number_reflns_R_work                  4110 
_refine.ls_number_restraints                     ? 
_refine.ls_percent_reflns_obs                    81.4700 
_refine.ls_percent_reflns_R_free                 5.0200 
_refine.ls_R_factor_all                          ? 
_refine.ls_R_factor_obs                          0.2482 
_refine.ls_R_factor_R_free                       0.2572 
_refine.ls_R_factor_R_free_error                 ? 
_refine.ls_R_factor_R_free_error_details         ? 
_refine.ls_R_factor_R_work                       0.2476 
_refine.ls_R_Fsqd_factor_obs                     ? 
_refine.ls_R_I_factor_obs                        ? 
_refine.ls_redundancy_reflns_all                 ? 
_refine.ls_redundancy_reflns_obs                 ? 
_refine.ls_restrained_S_all                      ? 
_refine.ls_restrained_S_obs                      ? 
_refine.ls_shift_over_esd_max                    ? 
_refine.ls_shift_over_esd_mean                   ? 
_refine.ls_structure_factor_coef                 ? 
_refine.ls_weighting_details                     ? 
_refine.ls_weighting_scheme                      ? 
_refine.ls_wR_factor_all                         ? 
_refine.ls_wR_factor_obs                         ? 
_refine.ls_wR_factor_R_free                      ? 
_refine.ls_wR_factor_R_work                      ? 
_refine.occupancy_max                            ? 
_refine.occupancy_min                            ? 
_refine.solvent_model_details                    'FLAT BULK SOLVENT MODEL' 
_refine.solvent_model_param_bsol                 ? 
_refine.solvent_model_param_ksol                 ? 
_refine.pdbx_R_complete                          ? 
_refine.ls_R_factor_gt                           ? 
_refine.ls_goodness_of_fit_gt                    ? 
_refine.ls_goodness_of_fit_ref                   ? 
_refine.ls_shift_over_su_max                     ? 
_refine.ls_shift_over_su_max_lt                  ? 
_refine.ls_shift_over_su_mean                    ? 
_refine.ls_shift_over_su_mean_lt                 ? 
_refine.pdbx_ls_sigma_I                          ? 
_refine.pdbx_ls_sigma_F                          1.960 
_refine.pdbx_ls_sigma_Fsqd                       ? 
_refine.pdbx_data_cutoff_high_absF               ? 
_refine.pdbx_data_cutoff_high_rms_absF           ? 
_refine.pdbx_data_cutoff_low_absF                ? 
_refine.pdbx_isotropic_thermal_model             ? 
_refine.pdbx_ls_cross_valid_method               THROUGHOUT 
_refine.pdbx_method_to_determine_struct          'MOLECULAR REPLACEMENT' 
_refine.pdbx_starting_model                      5VY6 
_refine.pdbx_stereochemistry_target_values       ML 
_refine.pdbx_R_Free_selection_details            ? 
_refine.pdbx_stereochem_target_val_spec_case     ? 
_refine.pdbx_overall_ESU_R                       ? 
_refine.pdbx_overall_ESU_R_Free                  ? 
_refine.pdbx_solvent_vdw_probe_radii             1.1100 
_refine.pdbx_solvent_ion_probe_radii             ? 
_refine.pdbx_solvent_shrinkage_radii             0.9000 
_refine.pdbx_real_space_R                        ? 
_refine.pdbx_density_correlation                 ? 
_refine.pdbx_pd_number_of_powder_patterns        ? 
_refine.pdbx_pd_number_of_points                 ? 
_refine.pdbx_pd_meas_number_of_points            ? 
_refine.pdbx_pd_proc_ls_prof_R_factor            ? 
_refine.pdbx_pd_proc_ls_prof_wR_factor           ? 
_refine.pdbx_pd_Marquardt_correlation_coeff      ? 
_refine.pdbx_pd_Fsqrd_R_factor                   ? 
_refine.pdbx_pd_ls_matrix_band_width             ? 
_refine.pdbx_overall_phase_error                 37.3900 
_refine.pdbx_overall_SU_R_free_Cruickshank_DPI   ? 
_refine.pdbx_overall_SU_R_free_Blow_DPI          ? 
_refine.pdbx_overall_SU_R_Blow_DPI               ? 
_refine.pdbx_TLS_residual_ADP_flag               ? 
_refine.pdbx_diffrn_id                           1 
_refine.overall_SU_B                             ? 
_refine.overall_SU_ML                            0.5500 
_refine.overall_SU_R_Cruickshank_DPI             ? 
_refine.overall_SU_R_free                        ? 
_refine.overall_FOM_free_R_set                   ? 
_refine.overall_FOM_work_R_set                   ? 
_refine.pdbx_average_fsc_overall                 ? 
_refine.pdbx_average_fsc_work                    ? 
_refine.pdbx_average_fsc_free                    ? 
# 
_refine_hist.pdbx_refine_id                   'X-RAY DIFFRACTION' 
_refine_hist.cycle_id                         final 
_refine_hist.details                          ? 
_refine_hist.d_res_high                       3.1140 
_refine_hist.d_res_low                        34.0520 
_refine_hist.number_atoms_solvent             0 
_refine_hist.number_atoms_total               856 
_refine_hist.number_reflns_all                ? 
_refine_hist.number_reflns_obs                ? 
_refine_hist.number_reflns_R_free             ? 
_refine_hist.number_reflns_R_work             ? 
_refine_hist.R_factor_all                     ? 
_refine_hist.R_factor_obs                     ? 
_refine_hist.R_factor_R_free                  ? 
_refine_hist.R_factor_R_work                  ? 
_refine_hist.pdbx_number_residues_total       42 
_refine_hist.pdbx_B_iso_mean_ligand           277.21 
_refine_hist.pdbx_B_iso_mean_solvent          ? 
_refine_hist.pdbx_number_atoms_protein        0 
_refine_hist.pdbx_number_atoms_nucleic_acid   853 
_refine_hist.pdbx_number_atoms_ligand         3 
_refine_hist.pdbx_number_atoms_lipid          ? 
_refine_hist.pdbx_number_atoms_carb           ? 
_refine_hist.pdbx_pseudo_atom_details         ? 
# 
loop_
_refine_ls_restr.pdbx_refine_id 
_refine_ls_restr.criterion 
_refine_ls_restr.dev_ideal 
_refine_ls_restr.dev_ideal_target 
_refine_ls_restr.number 
_refine_ls_restr.rejects 
_refine_ls_restr.type 
_refine_ls_restr.weight 
_refine_ls_restr.pdbx_restraint_function 
'X-RAY DIFFRACTION' ? 0.007  ? 954  ? f_bond_d           ? ? 
'X-RAY DIFFRACTION' ? 0.868  ? 1464 ? f_angle_d          ? ? 
'X-RAY DIFFRACTION' ? 0.045  ? 165  ? f_chiral_restr     ? ? 
'X-RAY DIFFRACTION' ? 0.004  ? 42   ? f_plane_restr      ? ? 
'X-RAY DIFFRACTION' ? 35.093 ? 403  ? f_dihedral_angle_d ? ? 
# 
loop_
_refine_ls_shell.pdbx_refine_id 
_refine_ls_shell.d_res_high 
_refine_ls_shell.d_res_low 
_refine_ls_shell.number_reflns_all 
_refine_ls_shell.number_reflns_obs 
_refine_ls_shell.number_reflns_R_free 
_refine_ls_shell.number_reflns_R_work 
_refine_ls_shell.percent_reflns_obs 
_refine_ls_shell.percent_reflns_R_free 
_refine_ls_shell.R_factor_all 
_refine_ls_shell.R_factor_obs 
_refine_ls_shell.R_factor_R_free 
_refine_ls_shell.R_factor_R_free_error 
_refine_ls_shell.R_factor_R_work 
_refine_ls_shell.redundancy_reflns_all 
_refine_ls_shell.redundancy_reflns_obs 
_refine_ls_shell.wR_factor_all 
_refine_ls_shell.wR_factor_obs 
_refine_ls_shell.wR_factor_R_free 
_refine_ls_shell.wR_factor_R_work 
_refine_ls_shell.pdbx_R_complete 
_refine_ls_shell.pdbx_total_number_of_bins_used 
_refine_ls_shell.pdbx_phase_error 
_refine_ls_shell.pdbx_fsc_work 
_refine_ls_shell.pdbx_fsc_free 
'X-RAY DIFFRACTION' 3.1144 3.9229 . . 84  1652 65.0000 . . . 0.4621 0.0000 0.3587 . . . . . . . . . . . 
'X-RAY DIFFRACTION' 3.9229 34.052 . . 133 2458 98.0000 . . . 0.2183 0.0000 0.2150 . . . . . . . . . . . 
# 
_struct.entry_id                     7JOL 
_struct.title                        
'Self-assembly of a 3D DNA crystal lattice (4x6 duplex version) containing the J24 immobile Holliday junction' 
_struct.pdbx_model_details           ? 
_struct.pdbx_formula_weight          ? 
_struct.pdbx_formula_weight_method   ? 
_struct.pdbx_model_type_details      ? 
_struct.pdbx_CASP_flag               N 
# 
_struct_keywords.entry_id        7JOL 
_struct_keywords.text            
'Structural DNA nanotechnology, immobile Holliday junctions, 3D DNA self-assembly, designer DNA crystals, DNA' 
_struct_keywords.pdbx_keywords   DNA 
# 
loop_
_struct_asym.id 
_struct_asym.pdbx_blank_PDB_chainid_flag 
_struct_asym.pdbx_modified 
_struct_asym.entity_id 
_struct_asym.details 
A N N 1 ? 
B N N 2 ? 
C N N 3 ? 
D N N 4 ? 
E N N 5 ? 
F N N 5 ? 
G N N 5 ? 
# 
loop_
_struct_conn.id 
_struct_conn.conn_type_id 
_struct_conn.pdbx_leaving_atom_flag 
_struct_conn.pdbx_PDB_id 
_struct_conn.ptnr1_label_asym_id 
_struct_conn.ptnr1_label_comp_id 
_struct_conn.ptnr1_label_seq_id 
_struct_conn.ptnr1_label_atom_id 
_struct_conn.pdbx_ptnr1_label_alt_id 
_struct_conn.pdbx_ptnr1_PDB_ins_code 
_struct_conn.pdbx_ptnr1_standard_comp_id 
_struct_conn.ptnr1_symmetry 
_struct_conn.ptnr2_label_asym_id 
_struct_conn.ptnr2_label_comp_id 
_struct_conn.ptnr2_label_seq_id 
_struct_conn.ptnr2_label_atom_id 
_struct_conn.pdbx_ptnr2_label_alt_id 
_struct_conn.pdbx_ptnr2_PDB_ins_code 
_struct_conn.ptnr1_auth_asym_id 
_struct_conn.ptnr1_auth_comp_id 
_struct_conn.ptnr1_auth_seq_id 
_struct_conn.ptnr2_auth_asym_id 
_struct_conn.ptnr2_auth_comp_id 
_struct_conn.ptnr2_auth_seq_id 
_struct_conn.ptnr2_symmetry 
_struct_conn.pdbx_ptnr3_label_atom_id 
_struct_conn.pdbx_ptnr3_label_seq_id 
_struct_conn.pdbx_ptnr3_label_comp_id 
_struct_conn.pdbx_ptnr3_label_asym_id 
_struct_conn.pdbx_ptnr3_label_alt_id 
_struct_conn.pdbx_ptnr3_PDB_ins_code 
_struct_conn.details 
_struct_conn.pdbx_dist_value 
_struct_conn.pdbx_value_order 
_struct_conn.pdbx_role 
hydrog1  hydrog ? ? A DG 3  N1 ? ? ? 1_555 D DC 7 N3 ? ? A DG 3  D DC 16 1_555 ? ? ? ? ? ? WATSON-CRICK ? ? ? 
hydrog2  hydrog ? ? A DG 3  N2 ? ? ? 1_555 D DC 7 O2 ? ? A DG 3  D DC 16 1_555 ? ? ? ? ? ? WATSON-CRICK ? ? ? 
hydrog3  hydrog ? ? A DG 3  O6 ? ? ? 1_555 D DC 7 N4 ? ? A DG 3  D DC 16 1_555 ? ? ? ? ? ? WATSON-CRICK ? ? ? 
hydrog4  hydrog ? ? A DC 4  N3 ? ? ? 1_555 D DG 6 N1 ? ? A DC 4  D DG 15 1_555 ? ? ? ? ? ? WATSON-CRICK ? ? ? 
hydrog5  hydrog ? ? A DC 4  N4 ? ? ? 1_555 D DG 6 O6 ? ? A DC 4  D DG 15 1_555 ? ? ? ? ? ? WATSON-CRICK ? ? ? 
hydrog6  hydrog ? ? A DC 4  O2 ? ? ? 1_555 D DG 6 N2 ? ? A DC 4  D DG 15 1_555 ? ? ? ? ? ? WATSON-CRICK ? ? ? 
hydrog7  hydrog ? ? A DA 5  N1 ? ? ? 1_555 D DT 5 N3 ? ? A DA 5  D DT 14 1_555 ? ? ? ? ? ? WATSON-CRICK ? ? ? 
hydrog8  hydrog ? ? A DA 5  N6 ? ? ? 1_555 D DT 5 O4 ? ? A DA 5  D DT 14 1_555 ? ? ? ? ? ? WATSON-CRICK ? ? ? 
hydrog9  hydrog ? ? A DG 6  N1 ? ? ? 1_555 D DC 4 N3 ? ? A DG 6  D DC 13 1_555 ? ? ? ? ? ? WATSON-CRICK ? ? ? 
hydrog10 hydrog ? ? A DG 6  N2 ? ? ? 1_555 D DC 4 O2 ? ? A DG 6  D DC 13 1_555 ? ? ? ? ? ? WATSON-CRICK ? ? ? 
hydrog11 hydrog ? ? A DG 6  O6 ? ? ? 1_555 D DC 4 N4 ? ? A DG 6  D DC 13 1_555 ? ? ? ? ? ? WATSON-CRICK ? ? ? 
hydrog12 hydrog ? ? A DA 7  N1 ? ? ? 1_555 D DT 3 N3 ? ? A DA 7  D DT 12 1_555 ? ? ? ? ? ? WATSON-CRICK ? ? ? 
hydrog13 hydrog ? ? A DA 7  N6 ? ? ? 1_555 D DT 3 O4 ? ? A DA 7  D DT 12 1_555 ? ? ? ? ? ? WATSON-CRICK ? ? ? 
hydrog14 hydrog ? ? A DC 8  N3 ? ? ? 1_555 D DG 2 N1 ? ? A DC 8  D DG 11 1_555 ? ? ? ? ? ? WATSON-CRICK ? ? ? 
hydrog15 hydrog ? ? A DC 8  N4 ? ? ? 1_555 D DG 2 O6 ? ? A DC 8  D DG 11 1_555 ? ? ? ? ? ? WATSON-CRICK ? ? ? 
hydrog16 hydrog ? ? A DC 8  O2 ? ? ? 1_555 D DG 2 N2 ? ? A DC 8  D DG 11 1_555 ? ? ? ? ? ? WATSON-CRICK ? ? ? 
hydrog17 hydrog ? ? A DC 9  N3 ? ? ? 1_555 D DG 1 N1 ? ? A DC 9  D DG 10 1_555 ? ? ? ? ? ? WATSON-CRICK ? ? ? 
hydrog18 hydrog ? ? A DC 9  N4 ? ? ? 1_555 D DG 1 O6 ? ? A DC 9  D DG 10 1_555 ? ? ? ? ? ? WATSON-CRICK ? ? ? 
hydrog19 hydrog ? ? A DC 9  O2 ? ? ? 1_555 D DG 1 N2 ? ? A DC 9  D DG 10 1_555 ? ? ? ? ? ? WATSON-CRICK ? ? ? 
hydrog20 hydrog ? ? A DA 10 N1 ? ? ? 1_555 B DT 6 N3 ? ? A DA 10 B DT 5  1_555 ? ? ? ? ? ? WATSON-CRICK ? ? ? 
hydrog21 hydrog ? ? A DA 10 N6 ? ? ? 1_555 B DT 6 O4 ? ? A DA 10 B DT 5  1_555 ? ? ? ? ? ? WATSON-CRICK ? ? ? 
hydrog22 hydrog ? ? A DG 11 N1 ? ? ? 1_555 B DC 5 N3 ? ? A DG 11 B DC 4  1_555 ? ? ? ? ? ? WATSON-CRICK ? ? ? 
hydrog23 hydrog ? ? A DG 11 N2 ? ? ? 1_555 B DC 5 O2 ? ? A DG 11 B DC 4  1_555 ? ? ? ? ? ? WATSON-CRICK ? ? ? 
hydrog24 hydrog ? ? A DG 11 O6 ? ? ? 1_555 B DC 5 N4 ? ? A DG 11 B DC 4  1_555 ? ? ? ? ? ? WATSON-CRICK ? ? ? 
hydrog25 hydrog ? ? A DA 12 N1 ? ? ? 1_555 B DG 3 N1 ? ? A DA 12 B DG 2  1_555 ? ? ? ? ? ? TYPE_8_PAIR  ? ? ? 
hydrog26 hydrog ? ? A DA 12 N6 ? ? ? 1_555 B DG 3 O6 ? ? A DA 12 B DG 2  1_555 ? ? ? ? ? ? TYPE_8_PAIR  ? ? ? 
hydrog27 hydrog ? ? A DA 12 N1 ? ? ? 1_555 B DT 4 N3 ? ? A DA 12 B DT 3  1_555 ? ? ? ? ? ? WATSON-CRICK ? ? ? 
hydrog28 hydrog ? ? A DA 12 N6 ? ? ? 1_555 B DT 4 O4 ? ? A DA 12 B DT 3  1_555 ? ? ? ? ? ? WATSON-CRICK ? ? ? 
hydrog29 hydrog ? ? A DC 13 N3 ? ? ? 1_555 B DG 3 N1 ? ? A DC 13 B DG 2  1_555 ? ? ? ? ? ? WATSON-CRICK ? ? ? 
hydrog30 hydrog ? ? A DC 13 N4 ? ? ? 1_555 B DG 3 O6 ? ? A DC 13 B DG 2  1_555 ? ? ? ? ? ? WATSON-CRICK ? ? ? 
hydrog31 hydrog ? ? A DC 13 O2 ? ? ? 1_555 B DG 3 N2 ? ? A DC 13 B DG 2  1_555 ? ? ? ? ? ? WATSON-CRICK ? ? ? 
hydrog32 hydrog ? ? A DG 14 N1 ? ? ? 1_555 B DC 2 N3 ? ? A DG 14 B DC 1  1_555 ? ? ? ? ? ? WATSON-CRICK ? ? ? 
hydrog33 hydrog ? ? A DG 14 N2 ? ? ? 1_555 B DC 2 O2 ? ? A DG 14 B DC 1  1_555 ? ? ? ? ? ? WATSON-CRICK ? ? ? 
hydrog34 hydrog ? ? A DG 14 O6 ? ? ? 1_555 B DC 2 N4 ? ? A DG 14 B DC 1  1_555 ? ? ? ? ? ? WATSON-CRICK ? ? ? 
hydrog35 hydrog ? ? A DT 15 N3 ? ? ? 1_555 B DA 1 N1 ? ? A DT 15 B DA 0  1_555 ? ? ? ? ? ? WATSON-CRICK ? ? ? 
hydrog36 hydrog ? ? A DT 15 O4 ? ? ? 1_555 B DA 1 N6 ? ? A DT 15 B DA 0  1_555 ? ? ? ? ? ? WATSON-CRICK ? ? ? 
hydrog37 hydrog ? ? A DC 16 N3 ? ? ? 1_555 C DG 8 N1 ? ? A DC 16 C DG 8  1_555 ? ? ? ? ? ? WATSON-CRICK ? ? ? 
hydrog38 hydrog ? ? A DC 16 N4 ? ? ? 1_555 C DG 8 O6 ? ? A DC 16 C DG 8  1_555 ? ? ? ? ? ? WATSON-CRICK ? ? ? 
hydrog39 hydrog ? ? A DC 16 O2 ? ? ? 1_555 C DG 8 N2 ? ? A DC 16 C DG 8  1_555 ? ? ? ? ? ? WATSON-CRICK ? ? ? 
hydrog40 hydrog ? ? A DA 17 N1 ? ? ? 1_555 C DT 7 N3 ? ? A DA 17 C DT 7  1_555 ? ? ? ? ? ? WATSON-CRICK ? ? ? 
hydrog41 hydrog ? ? A DA 17 N6 ? ? ? 1_555 C DT 7 O4 ? ? A DA 17 C DT 7  1_555 ? ? ? ? ? ? WATSON-CRICK ? ? ? 
hydrog42 hydrog ? ? A DC 18 N3 ? ? ? 1_555 C DG 6 N1 ? ? A DC 18 C DG 6  1_555 ? ? ? ? ? ? WATSON-CRICK ? ? ? 
hydrog43 hydrog ? ? A DC 18 N4 ? ? ? 1_555 C DG 6 O6 ? ? A DC 18 C DG 6  1_555 ? ? ? ? ? ? WATSON-CRICK ? ? ? 
hydrog44 hydrog ? ? A DC 18 O2 ? ? ? 1_555 C DG 6 N2 ? ? A DC 18 C DG 6  1_555 ? ? ? ? ? ? WATSON-CRICK ? ? ? 
hydrog45 hydrog ? ? A DT 19 N3 ? ? ? 1_555 C DA 5 N1 ? ? A DT 19 C DA 5  1_555 ? ? ? ? ? ? WATSON-CRICK ? ? ? 
hydrog46 hydrog ? ? A DT 19 O4 ? ? ? 1_555 C DA 5 N6 ? ? A DT 19 C DA 5  1_555 ? ? ? ? ? ? WATSON-CRICK ? ? ? 
hydrog47 hydrog ? ? A DC 20 N3 ? ? ? 1_555 C DG 4 N1 ? ? A DC 20 C DG 4  1_555 ? ? ? ? ? ? WATSON-CRICK ? ? ? 
hydrog48 hydrog ? ? A DC 20 N4 ? ? ? 1_555 C DG 4 O6 ? ? A DC 20 C DG 4  1_555 ? ? ? ? ? ? WATSON-CRICK ? ? ? 
hydrog49 hydrog ? ? A DC 20 O2 ? ? ? 1_555 C DG 4 N2 ? ? A DC 20 C DG 4  1_555 ? ? ? ? ? ? WATSON-CRICK ? ? ? 
hydrog50 hydrog ? ? A DA 21 N1 ? ? ? 1_555 C DT 3 N3 ? ? A DA 21 C DT 3  1_555 ? ? ? ? ? ? WATSON-CRICK ? ? ? 
hydrog51 hydrog ? ? A DA 21 N6 ? ? ? 1_555 C DT 3 O4 ? ? A DA 21 C DT 3  1_555 ? ? ? ? ? ? WATSON-CRICK ? ? ? 
# 
_struct_conn_type.id          hydrog 
_struct_conn_type.criteria    ? 
_struct_conn_type.reference   ? 
# 
_atom_sites.entry_id                    7JOL 
_atom_sites.Cartn_transf_matrix[1][1]   ? 
_atom_sites.Cartn_transf_matrix[1][2]   ? 
_atom_sites.Cartn_transf_matrix[1][3]   ? 
_atom_sites.Cartn_transf_matrix[2][1]   ? 
_atom_sites.Cartn_transf_matrix[2][2]   ? 
_atom_sites.Cartn_transf_matrix[2][3]   ? 
_atom_sites.Cartn_transf_matrix[3][1]   ? 
_atom_sites.Cartn_transf_matrix[3][2]   ? 
_atom_sites.Cartn_transf_matrix[3][3]   ? 
_atom_sites.Cartn_transf_vector[1]      ? 
_atom_sites.Cartn_transf_vector[2]      ? 
_atom_sites.Cartn_transf_vector[3]      ? 
_atom_sites.fract_transf_matrix[1][1]   -0.00915729 
_atom_sites.fract_transf_matrix[1][2]   0.00510076 
_atom_sites.fract_transf_matrix[1][3]   0.01332577 
_atom_sites.fract_transf_matrix[2][1]   0.00497710 
_atom_sites.fract_transf_matrix[2][2]   0.01343790 
_atom_sites.fract_transf_matrix[2][3]   0.00906220 
_atom_sites.fract_transf_matrix[3][1]   -0.00931230 
_atom_sites.fract_transf_matrix[3][2]   0.01046630 
_atom_sites.fract_transf_matrix[3][3]   -0.01040552 
_atom_sites.fract_transf_vector[1]      0.136989 
_atom_sites.fract_transf_vector[2]      0.094955 
_atom_sites.fract_transf_vector[3]      -0.064992 
_atom_sites.solution_primary            ? 
_atom_sites.solution_secondary          ? 
_atom_sites.solution_hydrogens          ? 
_atom_sites.special_details             ? 
# 
loop_
_atom_type.symbol 
AS 
C  
H  
N  
O  
P  
# 
loop_
_atom_site.group_PDB 
_atom_site.id 
_atom_site.type_symbol 
_atom_site.label_atom_id 
_atom_site.label_alt_id 
_atom_site.label_comp_id 
_atom_site.label_asym_id 
_atom_site.label_entity_id 
_atom_site.label_seq_id 
_atom_site.pdbx_PDB_ins_code 
_atom_site.Cartn_x 
_atom_site.Cartn_y 
_atom_site.Cartn_z 
_atom_site.occupancy 
_atom_site.B_iso_or_equiv 
_atom_site.pdbx_formal_charge 
_atom_site.auth_seq_id 
_atom_site.auth_comp_id 
_atom_site.auth_asym_id 
_atom_site.auth_atom_id 
_atom_site.pdbx_PDB_model_num 
ATOM   1    C  "C4'"  . DG  A 1 1  ? 23.374  26.607  -1.818  1.00 125.50 ? 1   DG  A "C4'"  1 
ATOM   2    O  "O4'"  . DG  A 1 1  ? 23.963  27.703  -1.091  1.00 116.37 ? 1   DG  A "O4'"  1 
ATOM   3    C  "C3'"  . DG  A 1 1  ? 23.734  25.334  -1.048  1.00 137.01 ? 1   DG  A "C3'"  1 
ATOM   4    O  "O3'"  . DG  A 1 1  ? 24.606  24.517  -1.818  1.00 161.23 ? 1   DG  A "O3'"  1 
ATOM   5    C  "C2'"  . DG  A 1 1  ? 24.404  25.821  0.242   1.00 128.71 ? 1   DG  A "C2'"  1 
ATOM   6    C  "C1'"  . DG  A 1 1  ? 24.180  27.322  0.244   1.00 109.06 ? 1   DG  A "C1'"  1 
ATOM   7    N  N9     . DG  A 1 1  ? 23.052  27.767  1.060   1.00 102.06 ? 1   DG  A N9     1 
ATOM   8    C  C8     . DG  A 1 1  ? 21.991  28.548  0.662   1.00 96.06  ? 1   DG  A C8     1 
ATOM   9    N  N7     . DG  A 1 1  ? 21.149  28.811  1.628   1.00 94.22  ? 1   DG  A N7     1 
ATOM   10   C  C5     . DG  A 1 1  ? 21.695  28.170  2.739   1.00 95.94  ? 1   DG  A C5     1 
ATOM   11   C  C6     . DG  A 1 1  ? 21.228  28.098  4.074   1.00 87.12  ? 1   DG  A C6     1 
ATOM   12   O  O6     . DG  A 1 1  ? 20.204  28.604  4.560   1.00 80.19  ? 1   DG  A O6     1 
ATOM   13   N  N1     . DG  A 1 1  ? 22.086  27.345  4.883   1.00 86.36  ? 1   DG  A N1     1 
ATOM   14   C  C2     . DG  A 1 1  ? 23.247  26.739  4.449   1.00 98.73  ? 1   DG  A C2     1 
ATOM   15   N  N2     . DG  A 1 1  ? 23.947  26.047  5.370   1.00 96.37  ? 1   DG  A N2     1 
ATOM   16   N  N3     . DG  A 1 1  ? 23.691  26.800  3.203   1.00 97.82  ? 1   DG  A N3     1 
ATOM   17   C  C4     . DG  A 1 1  ? 22.867  27.530  2.406   1.00 95.12  ? 1   DG  A C4     1 
ATOM   18   H  "H3'"  . DG  A 1 1  ? 22.925  24.842  -0.834  1.00 163.74 ? 1   DG  A "H3'"  1 
ATOM   19   H  "H2'"  . DG  A 1 1  ? 23.982  25.415  1.017   1.00 153.78 ? 1   DG  A "H2'"  1 
ATOM   20   H  "H2''" . DG  A 1 1  ? 25.352  25.620  0.228   1.00 153.78 ? 1   DG  A "H2''" 1 
ATOM   21   H  "H1'"  . DG  A 1 1  ? 24.986  27.757  0.563   1.00 130.21 ? 1   DG  A "H1'"  1 
ATOM   22   H  H8     . DG  A 1 1  ? 21.881  28.853  -0.210  1.00 114.60 ? 1   DG  A H8     1 
ATOM   23   H  H1     . DG  A 1 1  ? 21.874  27.253  5.711   1.00 102.96 ? 1   DG  A H1     1 
ATOM   24   H  H21    . DG  A 1 1  ? 24.676  25.651  5.147   1.00 114.97 ? 1   DG  A H21    1 
ATOM   25   H  H22    . DG  A 1 1  ? 23.663  26.003  6.181   1.00 114.97 ? 1   DG  A H22    1 
ATOM   26   P  P      . DA  A 1 2  ? 24.714  22.941  -1.523  1.00 158.45 ? 2   DA  A P      1 
ATOM   27   O  OP1    . DA  A 1 2  ? 25.639  22.368  -2.523  1.00 168.60 ? 2   DA  A OP1    1 
ATOM   28   O  OP2    . DA  A 1 2  ? 23.339  22.408  -1.387  1.00 155.53 ? 2   DA  A OP2    1 
ATOM   29   O  "O5'"  . DA  A 1 2  ? 25.427  22.852  -0.096  1.00 144.91 ? 2   DA  A "O5'"  1 
ATOM   30   C  "C5'"  . DA  A 1 2  ? 26.084  21.653  0.285   1.00 141.08 ? 2   DA  A "C5'"  1 
ATOM   31   C  "C4'"  . DA  A 1 2  ? 26.096  21.499  1.792   1.00 138.84 ? 2   DA  A "C4'"  1 
ATOM   32   O  "O4'"  . DA  A 1 2  ? 25.325  22.579  2.388   1.00 125.10 ? 2   DA  A "O4'"  1 
ATOM   33   C  "C3'"  . DA  A 1 2  ? 25.489  20.198  2.305   1.00 137.78 ? 2   DA  A "C3'"  1 
ATOM   34   O  "O3'"  . DA  A 1 2  ? 26.260  19.674  3.385   1.00 150.60 ? 2   DA  A "O3'"  1 
ATOM   35   C  "C2'"  . DA  A 1 2  ? 24.076  20.601  2.725   1.00 131.67 ? 2   DA  A "C2'"  1 
ATOM   36   C  "C1'"  . DA  A 1 2  ? 24.222  22.069  3.113   1.00 117.16 ? 2   DA  A "C1'"  1 
ATOM   37   N  N9     . DA  A 1 2  ? 23.041  22.882  2.799   1.00 115.18 ? 2   DA  A N9     1 
ATOM   38   C  C8     . DA  A 1 2  ? 22.588  23.230  1.557   1.00 114.00 ? 2   DA  A C8     1 
ATOM   39   N  N7     . DA  A 1 2  ? 21.501  23.967  1.572   1.00 97.11  ? 2   DA  A N7     1 
ATOM   40   C  C5     . DA  A 1 2  ? 21.215  24.114  2.919   1.00 95.71  ? 2   DA  A C5     1 
ATOM   41   C  C6     . DA  A 1 2  ? 20.182  24.790  3.605   1.00 96.98  ? 2   DA  A C6     1 
ATOM   42   N  N6     . DA  A 1 2  ? 19.204  25.473  2.986   1.00 90.03  ? 2   DA  A N6     1 
ATOM   43   N  N1     . DA  A 1 2  ? 20.193  24.735  4.954   1.00 93.40  ? 2   DA  A N1     1 
ATOM   44   C  C2     . DA  A 1 2  ? 21.169  24.051  5.567   1.00 99.92  ? 2   DA  A C2     1 
ATOM   45   N  N3     . DA  A 1 2  ? 22.189  23.380  5.031   1.00 107.91 ? 2   DA  A N3     1 
ATOM   46   C  C4     . DA  A 1 2  ? 22.155  23.450  3.692   1.00 100.26 ? 2   DA  A C4     1 
ATOM   47   H  "H5'"  . DA  A 1 2  ? 26.998  21.673  -0.041  1.00 168.63 ? 2   DA  A "H5'"  1 
ATOM   48   H  "H5''" . DA  A 1 2  ? 25.621  20.897  -0.110  1.00 168.63 ? 2   DA  A "H5''" 1 
ATOM   49   H  "H4'"  . DA  A 1 2  ? 27.012  21.560  2.103   1.00 165.94 ? 2   DA  A "H4'"  1 
ATOM   50   H  "H3'"  . DA  A 1 2  ? 25.446  19.550  1.586   1.00 164.67 ? 2   DA  A "H3'"  1 
ATOM   51   H  "H2'"  . DA  A 1 2  ? 23.459  20.504  1.982   1.00 157.34 ? 2   DA  A "H2'"  1 
ATOM   52   H  "H2''" . DA  A 1 2  ? 23.782  20.075  3.485   1.00 157.34 ? 2   DA  A "H2''" 1 
ATOM   53   H  "H1'"  . DA  A 1 2  ? 24.408  22.131  4.063   1.00 139.92 ? 2   DA  A "H1'"  1 
ATOM   54   H  H8     . DA  A 1 2  ? 23.014  22.970  0.772   1.00 136.13 ? 2   DA  A H8     1 
ATOM   55   H  H61    . DA  A 1 2  ? 18.596  25.867  3.449   1.00 107.37 ? 2   DA  A H61    1 
ATOM   56   H  H62    . DA  A 1 2  ? 19.186  25.516  2.128   1.00 107.37 ? 2   DA  A H62    1 
ATOM   57   H  H2     . DA  A 1 2  ? 21.131  24.045  6.497   1.00 119.24 ? 2   DA  A H2     1 
ATOM   58   P  P      . DG  A 1 3  ? 25.810  18.317  4.115   1.00 163.17 ? 3   DG  A P      1 
ATOM   59   O  OP1    . DG  A 1 3  ? 27.008  17.710  4.740   1.00 155.94 ? 3   DG  A OP1    1 
ATOM   60   O  OP2    . DG  A 1 3  ? 25.012  17.531  3.147   1.00 163.40 ? 3   DG  A OP2    1 
ATOM   61   O  "O5'"  . DG  A 1 3  ? 24.819  18.826  5.260   1.00 161.84 ? 3   DG  A "O5'"  1 
ATOM   62   C  "C5'"  . DG  A 1 3  ? 23.868  17.942  5.815   1.00 144.07 ? 3   DG  A "C5'"  1 
ATOM   63   C  "C4'"  . DG  A 1 3  ? 22.923  18.679  6.741   1.00 143.59 ? 3   DG  A "C4'"  1 
ATOM   64   O  "O4'"  . DG  A 1 3  ? 22.335  19.798  6.036   1.00 125.04 ? 3   DG  A "O4'"  1 
ATOM   65   C  "C3'"  . DG  A 1 3  ? 21.769  17.830  7.254   1.00 150.90 ? 3   DG  A "C3'"  1 
ATOM   66   O  "O3'"  . DG  A 1 3  ? 21.930  17.594  8.649   1.00 157.28 ? 3   DG  A "O3'"  1 
ATOM   67   C  "C2'"  . DG  A 1 3  ? 20.499  18.629  6.933   1.00 141.19 ? 3   DG  A "C2'"  1 
ATOM   68   C  "C1'"  . DG  A 1 3  ? 21.001  19.980  6.445   1.00 118.68 ? 3   DG  A "C1'"  1 
ATOM   69   N  N9     . DG  A 1 3  ? 20.246  20.513  5.311   1.00 115.32 ? 3   DG  A N9     1 
ATOM   70   C  C8     . DG  A 1 3  ? 20.553  20.369  3.979   1.00 104.76 ? 3   DG  A C8     1 
ATOM   71   N  N7     . DG  A 1 3  ? 19.703  20.956  3.182   1.00 98.22  ? 3   DG  A N7     1 
ATOM   72   C  C5     . DG  A 1 3  ? 18.770  21.526  4.037   1.00 95.52  ? 3   DG  A C5     1 
ATOM   73   C  C6     . DG  A 1 3  ? 17.613  22.291  3.747   1.00 92.08  ? 3   DG  A C6     1 
ATOM   74   O  O6     . DG  A 1 3  ? 17.174  22.624  2.635   1.00 85.97  ? 3   DG  A O6     1 
ATOM   75   N  N1     . DG  A 1 3  ? 16.942  22.677  4.905   1.00 97.55  ? 3   DG  A N1     1 
ATOM   76   C  C2     . DG  A 1 3  ? 17.339  22.363  6.186   1.00 99.32  ? 3   DG  A C2     1 
ATOM   77   N  N2     . DG  A 1 3  ? 16.560  22.826  7.178   1.00 97.86  ? 3   DG  A N2     1 
ATOM   78   N  N3     . DG  A 1 3  ? 18.422  21.646  6.473   1.00 94.62  ? 3   DG  A N3     1 
ATOM   79   C  C4     . DG  A 1 3  ? 19.087  21.263  5.355   1.00 98.67  ? 3   DG  A C4     1 
ATOM   80   H  "H5'"  . DG  A 1 3  ? 24.329  17.250  6.315   1.00 172.22 ? 3   DG  A "H5'"  1 
ATOM   81   H  "H5''" . DG  A 1 3  ? 23.358  17.532  5.099   1.00 172.22 ? 3   DG  A "H5''" 1 
ATOM   82   H  "H4'"  . DG  A 1 3  ? 23.427  19.015  7.498   1.00 171.64 ? 3   DG  A "H4'"  1 
ATOM   83   H  "H3'"  . DG  A 1 3  ? 21.751  16.983  6.780   1.00 180.41 ? 3   DG  A "H3'"  1 
ATOM   84   H  "H2'"  . DG  A 1 3  ? 19.989  18.187  6.237   1.00 168.76 ? 3   DG  A "H2'"  1 
ATOM   85   H  "H2''" . DG  A 1 3  ? 19.958  18.739  7.731   1.00 168.76 ? 3   DG  A "H2''" 1 
ATOM   86   H  "H1'"  . DG  A 1 3  ? 20.973  20.616  7.177   1.00 141.75 ? 3   DG  A "H1'"  1 
ATOM   87   H  H8     . DG  A 1 3  ? 21.295  19.898  3.675   1.00 125.04 ? 3   DG  A H8     1 
ATOM   88   H  H1     . DG  A 1 3  ? 16.229  23.148  4.813   1.00 116.39 ? 3   DG  A H1     1 
ATOM   89   H  H21    . DG  A 1 3  ? 16.763  22.659  7.997   1.00 116.77 ? 3   DG  A H21    1 
ATOM   90   H  H22    . DG  A 1 3  ? 15.859  23.289  6.994   1.00 116.77 ? 3   DG  A H22    1 
ATOM   91   P  P      . DC  A 1 4  ? 21.569  16.164  9.285   1.00 174.35 ? 4   DC  A P      1 
ATOM   92   O  OP1    . DC  A 1 4  ? 22.400  15.982  10.497  1.00 163.60 ? 4   DC  A OP1    1 
ATOM   93   O  OP2    . DC  A 1 4  ? 21.609  15.149  8.210   1.00 165.65 ? 4   DC  A OP2    1 
ATOM   94   O  "O5'"  . DC  A 1 4  ? 20.049  16.335  9.728   1.00 150.51 ? 4   DC  A "O5'"  1 
ATOM   95   C  "C5'"  . DC  A 1 4  ? 19.627  17.542  10.346  1.00 161.55 ? 4   DC  A "C5'"  1 
ATOM   96   C  "C4'"  . DC  A 1 4  ? 18.141  17.765  10.146  1.00 155.22 ? 4   DC  A "C4'"  1 
ATOM   97   O  "O4'"  . DC  A 1 4  ? 17.915  18.509  8.933   1.00 140.36 ? 4   DC  A "O4'"  1 
ATOM   98   C  "C3'"  . DC  A 1 4  ? 17.320  16.496  9.988   1.00 160.01 ? 4   DC  A "C3'"  1 
ATOM   99   O  "O3'"  . DC  A 1 4  ? 16.837  16.076  11.257  1.00 173.43 ? 4   DC  A "O3'"  1 
ATOM   100  C  "C2'"  . DC  A 1 4  ? 16.193  16.893  9.020   1.00 144.18 ? 4   DC  A "C2'"  1 
ATOM   101  C  "C1'"  . DC  A 1 4  ? 16.593  18.277  8.498   1.00 135.51 ? 4   DC  A "C1'"  1 
ATOM   102  N  N1     . DC  A 1 4  ? 16.557  18.406  6.996   1.00 127.12 ? 4   DC  A N1     1 
ATOM   103  C  C2     . DC  A 1 4  ? 15.648  19.287  6.386   1.00 110.92 ? 4   DC  A C2     1 
ATOM   104  O  O2     . DC  A 1 4  ? 14.873  19.944  7.091   1.00 107.42 ? 4   DC  A O2     1 
ATOM   105  N  N3     . DC  A 1 4  ? 15.646  19.391  5.029   1.00 109.28 ? 4   DC  A N3     1 
ATOM   106  C  C4     . DC  A 1 4  ? 16.498  18.668  4.299   1.00 112.19 ? 4   DC  A C4     1 
ATOM   107  N  N4     . DC  A 1 4  ? 16.453  18.803  2.964   1.00 108.94 ? 4   DC  A N4     1 
ATOM   108  C  C5     . DC  A 1 4  ? 17.428  17.768  4.904   1.00 109.52 ? 4   DC  A C5     1 
ATOM   109  C  C6     . DC  A 1 4  ? 17.421  17.670  6.240   1.00 115.95 ? 4   DC  A C6     1 
ATOM   110  H  "H5'"  . DC  A 1 4  ? 20.115  18.286  9.960   1.00 193.20 ? 4   DC  A "H5'"  1 
ATOM   111  H  "H5''" . DC  A 1 4  ? 19.816  17.496  11.296  1.00 193.20 ? 4   DC  A "H5''" 1 
ATOM   112  H  "H4'"  . DC  A 1 4  ? 17.795  18.273  10.896  1.00 185.59 ? 4   DC  A "H4'"  1 
ATOM   113  H  "H3'"  . DC  A 1 4  ? 17.864  15.797  9.593   1.00 191.35 ? 4   DC  A "H3'"  1 
ATOM   114  H  "H2'"  . DC  A 1 4  ? 16.138  16.259  8.288   1.00 172.35 ? 4   DC  A "H2'"  1 
ATOM   115  H  "H2''" . DC  A 1 4  ? 15.346  16.943  9.491   1.00 172.35 ? 4   DC  A "H2''" 1 
ATOM   116  H  "H1'"  . DC  A 1 4  ? 16.009  18.946  8.888   1.00 161.95 ? 4   DC  A "H1'"  1 
ATOM   117  H  H41    . DC  A 1 4  ? 16.986  18.347  2.467   1.00 130.05 ? 4   DC  A H41    1 
ATOM   118  H  H42    . DC  A 1 4  ? 15.890  19.346  2.607   1.00 130.05 ? 4   DC  A H42    1 
ATOM   119  H  H5     . DC  A 1 4  ? 18.020  17.270  4.388   1.00 130.76 ? 4   DC  A H5     1 
ATOM   120  H  H6     . DC  A 1 4  ? 18.021  17.096  6.658   1.00 138.47 ? 4   DC  A H6     1 
ATOM   121  P  P      . DA  A 1 5  ? 16.100  14.660  11.425  1.00 165.23 ? 5   DA  A P      1 
ATOM   122  O  OP1    . DA  A 1 5  ? 16.515  14.089  12.727  1.00 155.20 ? 5   DA  A OP1    1 
ATOM   123  O  OP2    . DA  A 1 5  ? 16.317  13.891  10.181  1.00 167.99 ? 5   DA  A OP2    1 
ATOM   124  O  "O5'"  . DA  A 1 5  ? 14.552  15.053  11.486  1.00 160.25 ? 5   DA  A "O5'"  1 
ATOM   125  C  "C5'"  . DA  A 1 5  ? 14.154  16.271  12.107  1.00 143.59 ? 5   DA  A "C5'"  1 
ATOM   126  C  "C4'"  . DA  A 1 5  ? 12.906  16.830  11.450  1.00 149.88 ? 5   DA  A "C4'"  1 
ATOM   127  O  "O4'"  . DA  A 1 5  ? 13.198  17.163  10.072  1.00 145.92 ? 5   DA  A "O4'"  1 
ATOM   128  C  "C3'"  . DA  A 1 5  ? 11.717  15.869  11.422  1.00 155.64 ? 5   DA  A "C3'"  1 
ATOM   129  O  "O3'"  . DA  A 1 5  ? 10.625  16.411  12.159  1.00 159.16 ? 5   DA  A "O3'"  1 
ATOM   130  C  "C2'"  . DA  A 1 5  ? 11.391  15.687  9.933   1.00 149.10 ? 5   DA  A "C2'"  1 
ATOM   131  C  "C1'"  . DA  A 1 5  ? 12.097  16.852  9.260   1.00 141.22 ? 5   DA  A "C1'"  1 
ATOM   132  N  N9     . DA  A 1 5  ? 12.589  16.560  7.915   1.00 130.40 ? 5   DA  A N9     1 
ATOM   133  C  C8     . DA  A 1 5  ? 13.610  15.716  7.578   1.00 127.95 ? 5   DA  A C8     1 
ATOM   134  N  N7     . DA  A 1 5  ? 13.851  15.660  6.289   1.00 114.32 ? 5   DA  A N7     1 
ATOM   135  C  C5     . DA  A 1 5  ? 12.922  16.528  5.739   1.00 122.41 ? 5   DA  A C5     1 
ATOM   136  C  C6     . DA  A 1 5  ? 12.656  16.920  4.411   1.00 117.91 ? 5   DA  A C6     1 
ATOM   137  N  N6     . DA  A 1 5  ? 13.322  16.446  3.352   1.00 112.73 ? 5   DA  A N6     1 
ATOM   138  N  N1     . DA  A 1 5  ? 11.653  17.800  4.210   1.00 126.60 ? 5   DA  A N1     1 
ATOM   139  C  C2     . DA  A 1 5  ? 10.979  18.264  5.270   1.00 124.98 ? 5   DA  A C2     1 
ATOM   140  N  N3     . DA  A 1 5  ? 11.140  17.976  6.560   1.00 124.82 ? 5   DA  A N3     1 
ATOM   141  C  C4     . DA  A 1 5  ? 12.137  17.094  6.729   1.00 127.51 ? 5   DA  A C4     1 
ATOM   142  H  "H5'"  . DA  A 1 5  ? 14.873  16.918  12.030  1.00 171.63 ? 5   DA  A "H5'"  1 
ATOM   143  H  "H5''" . DA  A 1 5  ? 13.973  16.106  13.046  1.00 171.63 ? 5   DA  A "H5''" 1 
ATOM   144  H  "H4'"  . DA  A 1 5  ? 12.643  17.639  11.917  1.00 179.18 ? 5   DA  A "H4'"  1 
ATOM   145  H  "H3'"  . DA  A 1 5  ? 11.977  15.017  11.805  1.00 186.10 ? 5   DA  A "H3'"  1 
ATOM   146  H  "H2'"  . DA  A 1 5  ? 11.742  14.843  9.608   1.00 178.25 ? 5   DA  A "H2'"  1 
ATOM   147  H  "H2''" . DA  A 1 5  ? 10.433  15.738  9.784   1.00 178.25 ? 5   DA  A "H2''" 1 
ATOM   148  H  "H1'"  . DA  A 1 5  ? 11.498  17.615  9.225   1.00 168.79 ? 5   DA  A "H1'"  1 
ATOM   149  H  H8     . DA  A 1 5  ? 14.095  15.231  8.206   1.00 152.88 ? 5   DA  A H8     1 
ATOM   150  H  H61    . DA  A 1 5  ? 13.107  16.702  2.559   1.00 134.61 ? 5   DA  A H61    1 
ATOM   151  H  H62    . DA  A 1 5  ? 13.964  15.886  3.463   1.00 134.61 ? 5   DA  A H62    1 
ATOM   152  H  H2     . DA  A 1 5  ? 10.300  18.871  5.077   1.00 149.31 ? 5   DA  A H2     1 
ATOM   153  P  P      . DG  A 1 6  ? 9.425   15.464  12.651  1.00 177.43 ? 6   DG  A P      1 
ATOM   154  O  OP1    . DG  A 1 6  ? 8.495   16.309  13.432  1.00 177.67 ? 6   DG  A OP1    1 
ATOM   155  O  OP2    . DG  A 1 6  ? 10.003  14.252  13.274  1.00 162.73 ? 6   DG  A OP2    1 
ATOM   156  O  "O5'"  . DG  A 1 6  ? 8.728   15.011  11.287  1.00 170.69 ? 6   DG  A "O5'"  1 
ATOM   157  C  "C5'"  . DG  A 1 6  ? 7.317   15.043  11.158  1.00 169.96 ? 6   DG  A "C5'"  1 
ATOM   158  C  "C4'"  . DG  A 1 6  ? 6.914   15.840  9.934   1.00 162.78 ? 6   DG  A "C4'"  1 
ATOM   159  O  "O4'"  . DG  A 1 6  ? 8.055   15.977  9.064   1.00 148.28 ? 6   DG  A "O4'"  1 
ATOM   160  C  "C3'"  . DG  A 1 6  ? 5.817   15.202  9.087   1.00 161.99 ? 6   DG  A "C3'"  1 
ATOM   161  O  "O3'"  . DG  A 1 6  ? 4.569   15.841  9.312   1.00 161.21 ? 6   DG  A "O3'"  1 
ATOM   162  C  "C2'"  . DG  A 1 6  ? 6.288   15.366  7.639   1.00 154.73 ? 6   DG  A "C2'"  1 
ATOM   163  C  "C1'"  . DG  A 1 6  ? 7.616   16.101  7.735   1.00 142.48 ? 6   DG  A "C1'"  1 
ATOM   164  N  N9     . DG  A 1 6  ? 8.646   15.554  6.860   1.00 135.46 ? 6   DG  A N9     1 
ATOM   165  C  C8     . DG  A 1 6  ? 9.683   14.733  7.232   1.00 138.52 ? 6   DG  A C8     1 
ATOM   166  N  N7     . DG  A 1 6  ? 10.461  14.400  6.245   1.00 124.23 ? 6   DG  A N7     1 
ATOM   167  C  C5     . DG  A 1 6  ? 9.908   15.040  5.144   1.00 127.02 ? 6   DG  A C5     1 
ATOM   168  C  C6     . DG  A 1 6  ? 10.325  15.038  3.798   1.00 127.91 ? 6   DG  A C6     1 
ATOM   169  O  O6     . DG  A 1 6  ? 11.299  14.456  3.309   1.00 130.44 ? 6   DG  A O6     1 
ATOM   170  N  N1     . DG  A 1 6  ? 9.493   15.815  2.991   1.00 122.69 ? 6   DG  A N1     1 
ATOM   171  C  C2     . DG  A 1 6  ? 8.388   16.506  3.434   1.00 124.15 ? 6   DG  A C2     1 
ATOM   172  N  N2     . DG  A 1 6  ? 7.705   17.201  2.503   1.00 125.09 ? 6   DG  A N2     1 
ATOM   173  N  N3     . DG  A 1 6  ? 7.977   16.513  4.705   1.00 129.04 ? 6   DG  A N3     1 
ATOM   174  C  C4     . DG  A 1 6  ? 8.788   15.758  5.501   1.00 129.35 ? 6   DG  A C4     1 
ATOM   175  H  "H5'"  . DG  A 1 6  ? 6.934   15.454  11.948  1.00 203.29 ? 6   DG  A "H5'"  1 
ATOM   176  H  "H5''" . DG  A 1 6  ? 6.983   14.137  11.073  1.00 203.29 ? 6   DG  A "H5''" 1 
ATOM   177  H  "H4'"  . DG  A 1 6  ? 6.623   16.722  10.214  1.00 194.67 ? 6   DG  A "H4'"  1 
ATOM   178  H  "H3'"  . DG  A 1 6  ? 5.744   14.259  9.302   1.00 193.72 ? 6   DG  A "H3'"  1 
ATOM   179  H  "H2'"  . DG  A 1 6  ? 6.413   14.497  7.226   1.00 185.01 ? 6   DG  A "H2'"  1 
ATOM   180  H  "H2''" . DG  A 1 6  ? 5.648   15.892  7.134   1.00 185.01 ? 6   DG  A "H2''" 1 
ATOM   181  H  "H1'"  . DG  A 1 6  ? 7.481   17.038  7.527   1.00 170.31 ? 6   DG  A "H1'"  1 
ATOM   182  H  H8     . DG  A 1 6  ? 9.817   14.445  8.106   1.00 165.55 ? 6   DG  A H8     1 
ATOM   183  H  H1     . DG  A 1 6  ? 9.685   15.866  2.154   1.00 146.56 ? 6   DG  A H1     1 
ATOM   184  H  H21    . DG  A 1 6  ? 7.003   17.647  2.727   1.00 149.44 ? 6   DG  A H21    1 
ATOM   185  H  H22    . DG  A 1 6  ? 7.969   17.200  1.685   1.00 149.44 ? 6   DG  A H22    1 
ATOM   186  P  P      . DA  A 1 7  ? 3.232   15.243  8.651   1.00 169.50 ? 7   DA  A P      1 
ATOM   187  O  OP1    . DA  A 1 7  ? 2.080   15.941  9.262   1.00 170.23 ? 7   DA  A OP1    1 
ATOM   188  O  OP2    . DA  A 1 7  ? 3.326   13.768  8.718   1.00 171.97 ? 7   DA  A OP2    1 
ATOM   189  O  "O5'"  . DA  A 1 7  ? 3.344   15.649  7.107   1.00 153.06 ? 7   DA  A "O5'"  1 
ATOM   190  C  "C5'"  . DA  A 1 7  ? 2.833   16.893  6.646   1.00 159.76 ? 7   DA  A "C5'"  1 
ATOM   191  C  "C4'"  . DA  A 1 7  ? 2.588   16.842  5.152   1.00 156.26 ? 7   DA  A "C4'"  1 
ATOM   192  O  "O4'"  . DA  A 1 7  ? 3.838   16.537  4.467   1.00 150.57 ? 7   DA  A "O4'"  1 
ATOM   193  C  "C3'"  . DA  A 1 7  ? 1.603   15.768  4.706   1.00 161.38 ? 7   DA  A "C3'"  1 
ATOM   194  O  "O3'"  . DA  A 1 7  ? 0.826   16.223  3.597   1.00 168.83 ? 7   DA  A "O3'"  1 
ATOM   195  C  "C2'"  . DA  A 1 7  ? 2.519   14.607  4.347   1.00 150.91 ? 7   DA  A "C2'"  1 
ATOM   196  C  "C1'"  . DA  A 1 7  ? 3.703   15.332  3.733   1.00 147.86 ? 7   DA  A "C1'"  1 
ATOM   197  N  N9     . DA  A 1 7  ? 4.958   14.592  3.808   1.00 139.41 ? 7   DA  A N9     1 
ATOM   198  C  C8     . DA  A 1 7  ? 5.511   14.031  4.917   1.00 136.93 ? 7   DA  A C8     1 
ATOM   199  N  N7     . DA  A 1 7  ? 6.653   13.428  4.699   1.00 141.06 ? 7   DA  A N7     1 
ATOM   200  C  C5     . DA  A 1 7  ? 6.865   13.603  3.344   1.00 131.45 ? 7   DA  A C5     1 
ATOM   201  C  C6     . DA  A 1 7  ? 7.902   13.191  2.485   1.00 122.65 ? 7   DA  A C6     1 
ATOM   202  N  N6     . DA  A 1 7  ? 8.963   12.490  2.901   1.00 121.84 ? 7   DA  A N6     1 
ATOM   203  N  N1     . DA  A 1 7  ? 7.803   13.528  1.183   1.00 122.28 ? 7   DA  A N1     1 
ATOM   204  C  C2     . DA  A 1 7  ? 6.734   14.229  0.775   1.00 125.64 ? 7   DA  A C2     1 
ATOM   205  N  N3     . DA  A 1 7  ? 5.699   14.669  1.489   1.00 133.73 ? 7   DA  A N3     1 
ATOM   206  C  C4     . DA  A 1 7  ? 5.827   14.321  2.776   1.00 134.55 ? 7   DA  A C4     1 
ATOM   207  H  "H5'"  . DA  A 1 7  ? 3.472   17.595  6.842   1.00 191.04 ? 7   DA  A "H5'"  1 
ATOM   208  H  "H5''" . DA  A 1 7  ? 1.997   17.085  7.101   1.00 191.04 ? 7   DA  A "H5''" 1 
ATOM   209  H  "H4'"  . DA  A 1 7  ? 2.269   17.708  4.853   1.00 186.85 ? 7   DA  A "H4'"  1 
ATOM   210  H  "H3'"  . DA  A 1 7  ? 1.022   15.521  5.443   1.00 192.99 ? 7   DA  A "H3'"  1 
ATOM   211  H  "H2'"  . DA  A 1 7  ? 2.786   14.118  5.141   1.00 180.42 ? 7   DA  A "H2'"  1 
ATOM   212  H  "H2''" . DA  A 1 7  ? 2.098   14.020  3.699   1.00 180.42 ? 7   DA  A "H2''" 1 
ATOM   213  H  "H1'"  . DA  A 1 7  ? 3.506   15.541  2.806   1.00 176.76 ? 7   DA  A "H1'"  1 
ATOM   214  H  H8     . DA  A 1 7  ? 5.118   14.082  5.759   1.00 163.65 ? 7   DA  A H8     1 
ATOM   215  H  H61    . DA  A 1 7  ? 9.572   12.257  2.339   1.00 145.54 ? 7   DA  A H61    1 
ATOM   216  H  H62    . DA  A 1 7  ? 9.038   12.272  3.730   1.00 145.54 ? 7   DA  A H62    1 
ATOM   217  H  H2     . DA  A 1 7  ? 6.712   14.434  -0.131  1.00 150.10 ? 7   DA  A H2     1 
ATOM   218  P  P      . DC  A 1 8  ? -0.086  15.192  2.769   1.00 171.18 ? 8   DC  A P      1 
ATOM   219  O  OP1    . DC  A 1 8  ? -1.106  15.963  2.022   1.00 162.22 ? 8   DC  A OP1    1 
ATOM   220  O  OP2    . DC  A 1 8  ? -0.491  14.131  3.716   1.00 168.74 ? 8   DC  A OP2    1 
ATOM   221  O  "O5'"  . DC  A 1 8  ? 0.929   14.535  1.721   1.00 162.79 ? 8   DC  A "O5'"  1 
ATOM   222  C  "C5'"  . DC  A 1 8  ? 1.490   15.325  0.681   1.00 158.20 ? 8   DC  A "C5'"  1 
ATOM   223  C  "C4'"  . DC  A 1 8  ? 1.905   14.462  -0.497  1.00 158.79 ? 8   DC  A "C4'"  1 
ATOM   224  O  "O4'"  . DC  A 1 8  ? 3.226   13.909  -0.244  1.00 146.80 ? 8   DC  A "O4'"  1 
ATOM   225  C  "C3'"  . DC  A 1 8  ? 0.975   13.281  -0.788  1.00 159.77 ? 8   DC  A "C3'"  1 
ATOM   226  O  "O3'"  . DC  A 1 8  ? 0.597   13.283  -2.179  1.00 166.10 ? 8   DC  A "O3'"  1 
ATOM   227  C  "C2'"  . DC  A 1 8  ? 1.793   12.050  -0.369  1.00 137.08 ? 8   DC  A "C2'"  1 
ATOM   228  C  "C1'"  . DC  A 1 8  ? 3.237   12.520  -0.482  1.00 133.73 ? 8   DC  A "C1'"  1 
ATOM   229  N  N1     . DC  A 1 8  ? 4.166   11.871  0.509   1.00 126.17 ? 8   DC  A N1     1 
ATOM   230  C  C2     . DC  A 1 8  ? 5.340   11.251  0.062   1.00 113.42 ? 8   DC  A C2     1 
ATOM   231  O  O2     . DC  A 1 8  ? 5.589   11.238  -1.150  1.00 103.67 ? 8   DC  A O2     1 
ATOM   232  N  N3     . DC  A 1 8  ? 6.158   10.662  0.975   1.00 105.74 ? 8   DC  A N3     1 
ATOM   233  C  C4     . DC  A 1 8  ? 5.847   10.691  2.272   1.00 111.70 ? 8   DC  A C4     1 
ATOM   234  N  N4     . DC  A 1 8  ? 6.681   10.107  3.141   1.00 120.80 ? 8   DC  A N4     1 
ATOM   235  C  C5     . DC  A 1 8  ? 4.659   11.324  2.745   1.00 117.17 ? 8   DC  A C5     1 
ATOM   236  C  C6     . DC  A 1 8  ? 3.860   11.896  1.838   1.00 123.25 ? 8   DC  A C6     1 
ATOM   237  H  "H5'"  . DC  A 1 8  ? 2.269   15.794  1.022   1.00 189.17 ? 8   DC  A "H5'"  1 
ATOM   238  H  "H5''" . DC  A 1 8  ? 0.833   15.974  0.384   1.00 189.17 ? 8   DC  A "H5''" 1 
ATOM   239  H  "H4'"  . DC  A 1 8  ? 1.950   15.021  -1.287  1.00 189.88 ? 8   DC  A "H4'"  1 
ATOM   240  H  "H3'"  . DC  A 1 8  ? 0.182   13.348  -0.235  1.00 191.05 ? 8   DC  A "H3'"  1 
ATOM   241  H  "H2'"  . DC  A 1 8  ? 1.586   11.799  0.545   1.00 163.83 ? 8   DC  A "H2'"  1 
ATOM   242  H  "H2''" . DC  A 1 8  ? 1.627   11.309  -0.973  1.00 163.83 ? 8   DC  A "H2''" 1 
ATOM   243  H  "H1'"  . DC  A 1 8  ? 3.559   12.351  -1.382  1.00 159.81 ? 8   DC  A "H1'"  1 
ATOM   244  H  H41    . DC  A 1 8  ? 6.503   10.119  3.982   1.00 144.30 ? 8   DC  A H41    1 
ATOM   245  H  H42    . DC  A 1 8  ? 7.395   9.720   2.858   1.00 144.30 ? 8   DC  A H42    1 
ATOM   246  H  H5     . DC  A 1 8  ? 4.450   11.344  3.651   1.00 139.94 ? 8   DC  A H5     1 
ATOM   247  H  H6     . DC  A 1 8  ? 3.080   12.317  2.118   1.00 147.23 ? 8   DC  A H6     1 
ATOM   248  P  P      . DC  A 1 9  ? 0.043   11.955  -2.893  1.00 169.67 ? 9   DC  A P      1 
ATOM   249  O  OP1    . DC  A 1 9  ? -0.588  12.341  -4.177  1.00 162.96 ? 9   DC  A OP1    1 
ATOM   250  O  OP2    . DC  A 1 9  ? -0.737  11.197  -1.891  1.00 155.56 ? 9   DC  A OP2    1 
ATOM   251  O  "O5'"  . DC  A 1 9  ? 1.376   11.134  -3.199  1.00 141.41 ? 9   DC  A "O5'"  1 
ATOM   252  C  "C5'"  . DC  A 1 9  ? 1.306   9.871   -3.804  1.00 139.28 ? 9   DC  A "C5'"  1 
ATOM   253  C  "C4'"  . DC  A 1 9  ? 2.348   9.754   -4.896  1.00 124.33 ? 9   DC  A "C4'"  1 
ATOM   254  O  "O4'"  . DC  A 1 9  ? 3.676   9.887   -4.331  1.00 113.10 ? 9   DC  A "O4'"  1 
ATOM   255  C  "C3'"  . DC  A 1 9  ? 2.325   8.433   -5.633  1.00 126.61 ? 9   DC  A "C3'"  1 
ATOM   256  O  "O3'"  . DC  A 1 9  ? 2.513   8.644   -7.022  1.00 138.15 ? 9   DC  A "O3'"  1 
ATOM   257  C  "C2'"  . DC  A 1 9  ? 3.448   7.613   -4.988  1.00 117.88 ? 9   DC  A "C2'"  1 
ATOM   258  C  "C1'"  . DC  A 1 9  ? 4.346   8.641   -4.300  1.00 109.90 ? 9   DC  A "C1'"  1 
ATOM   259  N  N1     . DC  A 1 9  ? 4.649   8.317   -2.874  1.00 99.07  ? 9   DC  A N1     1 
ATOM   260  C  C2     . DC  A 1 9  ? 5.745   7.502   -2.540  1.00 93.49  ? 9   DC  A C2     1 
ATOM   261  O  O2     . DC  A 1 9  ? 6.464   7.044   -3.438  1.00 98.48  ? 9   DC  A O2     1 
ATOM   262  N  N3     . DC  A 1 9  ? 5.986   7.240   -1.229  1.00 87.75  ? 9   DC  A N3     1 
ATOM   263  C  C4     . DC  A 1 9  ? 5.188   7.754   -0.288  1.00 90.79  ? 9   DC  A C4     1 
ATOM   264  N  N4     . DC  A 1 9  ? 5.459   7.471   0.987   1.00 93.27  ? 9   DC  A N4     1 
ATOM   265  C  C5     . DC  A 1 9  ? 4.074   8.571   -0.615  1.00 97.85  ? 9   DC  A C5     1 
ATOM   266  C  C6     . DC  A 1 9  ? 3.848   8.832   -1.899  1.00 97.58  ? 9   DC  A C6     1 
ATOM   267  H  "H5'"  . DC  A 1 9  ? 0.424   9.747   -4.187  1.00 166.46 ? 9   DC  A "H5'"  1 
ATOM   268  H  "H5''" . DC  A 1 9  ? 1.465   9.186   -3.136  1.00 166.46 ? 9   DC  A "H5''" 1 
ATOM   269  H  "H4'"  . DC  A 1 9  ? 2.208   10.469  -5.536  1.00 148.53 ? 9   DC  A "H4'"  1 
ATOM   270  H  "H3'"  . DC  A 1 9  ? 1.473   7.993   -5.483  1.00 151.26 ? 9   DC  A "H3'"  1 
ATOM   271  H  "H2'"  . DC  A 1 9  ? 3.083   6.995   -4.335  1.00 140.79 ? 9   DC  A "H2'"  1 
ATOM   272  H  "H2''" . DC  A 1 9  ? 3.947   7.131   -5.667  1.00 140.79 ? 9   DC  A "H2''" 1 
ATOM   273  H  "H1'"  . DC  A 1 9  ? 5.179   8.715   -4.793  1.00 131.21 ? 9   DC  A "H1'"  1 
ATOM   274  H  H41    . DC  A 1 9  ? 4.961   7.787   1.613   1.00 111.26 ? 9   DC  A H41    1 
ATOM   275  H  H42    . DC  A 1 9  ? 6.130   6.970   1.182   1.00 111.26 ? 9   DC  A H42    1 
ATOM   276  H  H5     . DC  A 1 9  ? 3.528   8.926   0.049   1.00 116.76 ? 9   DC  A H5     1 
ATOM   277  H  H6     . DC  A 1 9  ? 3.125   9.367   -2.136  1.00 116.43 ? 9   DC  A H6     1 
ATOM   278  P  P      . DA  A 1 10 ? 1.801   7.665   -8.074  1.00 160.26 ? 10  DA  A P      1 
ATOM   279  O  OP1    . DA  A 1 10 ? 1.925   8.255   -9.426  1.00 164.07 ? 10  DA  A OP1    1 
ATOM   280  O  OP2    . DA  A 1 10 ? 0.462   7.327   -7.542  1.00 162.14 ? 10  DA  A OP2    1 
ATOM   281  O  "O5'"  . DA  A 1 10 ? 2.703   6.356   -7.999  1.00 141.88 ? 10  DA  A "O5'"  1 
ATOM   282  C  "C5'"  . DA  A 1 10 ? 4.110   6.468   -8.147  1.00 134.52 ? 10  DA  A "C5'"  1 
ATOM   283  C  "C4'"  . DA  A 1 10 ? 4.804   5.203   -7.692  1.00 129.04 ? 10  DA  A "C4'"  1 
ATOM   284  O  "O4'"  . DA  A 1 10 ? 4.970   5.189   -6.258  1.00 127.02 ? 10  DA  A "O4'"  1 
ATOM   285  C  "C3'"  . DA  A 1 10 ? 4.058   3.915   -8.025  1.00 130.15 ? 10  DA  A "C3'"  1 
ATOM   286  O  "O3'"  . DA  A 1 10 ? 4.725   3.271   -9.091  1.00 140.98 ? 10  DA  A "O3'"  1 
ATOM   287  C  "C2'"  . DA  A 1 10 ? 4.074   3.111   -6.701  1.00 119.64 ? 10  DA  A "C2'"  1 
ATOM   288  C  "C1'"  . DA  A 1 10 ? 5.118   3.849   -5.878  1.00 104.37 ? 10  DA  A "C1'"  1 
ATOM   289  N  N9     . DA  A 1 10 ? 4.983   3.749   -4.419  1.00 87.61  ? 10  DA  A N9     1 
ATOM   290  C  C8     . DA  A 1 10 ? 4.032   4.340   -3.633  1.00 88.12  ? 10  DA  A C8     1 
ATOM   291  N  N7     . DA  A 1 10 ? 4.182   4.095   -2.345  1.00 91.46  ? 10  DA  A N7     1 
ATOM   292  C  C5     . DA  A 1 10 ? 5.317   3.298   -2.284  1.00 88.90  ? 10  DA  A C5     1 
ATOM   293  C  C6     . DA  A 1 10 ? 6.012   2.693   -1.204  1.00 82.29  ? 10  DA  A C6     1 
ATOM   294  N  N6     . DA  A 1 10 ? 5.648   2.806   0.080   1.00 80.01  ? 10  DA  A N6     1 
ATOM   295  N  N1     . DA  A 1 10 ? 7.106   1.964   -1.500  1.00 77.21  ? 10  DA  A N1     1 
ATOM   296  C  C2     . DA  A 1 10 ? 7.477   1.845   -2.781  1.00 84.35  ? 10  DA  A C2     1 
ATOM   297  N  N3     . DA  A 1 10 ? 6.910   2.359   -3.872  1.00 88.06  ? 10  DA  A N3     1 
ATOM   298  C  C4     . DA  A 1 10 ? 5.826   3.082   -3.555  1.00 84.88  ? 10  DA  A C4     1 
ATOM   299  H  "H5'"  . DA  A 1 10 ? 4.428   7.214   -7.615  1.00 160.75 ? 10  DA  A "H5'"  1 
ATOM   300  H  "H5''" . DA  A 1 10 ? 4.321   6.628   -9.080  1.00 160.75 ? 10  DA  A "H5''" 1 
ATOM   301  H  "H4'"  . DA  A 1 10 ? 5.681   5.166   -8.104  1.00 154.18 ? 10  DA  A "H4'"  1 
ATOM   302  H  "H3'"  . DA  A 1 10 ? 3.144   4.118   -8.279  1.00 155.51 ? 10  DA  A "H3'"  1 
ATOM   303  H  "H2'"  . DA  A 1 10 ? 3.206   3.145   -6.267  1.00 142.90 ? 10  DA  A "H2'"  1 
ATOM   304  H  "H2''" . DA  A 1 10 ? 4.347   2.192   -6.859  1.00 142.90 ? 10  DA  A "H2''" 1 
ATOM   305  H  "H1'"  . DA  A 1 10 ? 6.001   3.542   -6.137  1.00 124.57 ? 10  DA  A "H1'"  1 
ATOM   306  H  H8     . DA  A 1 10 ? 3.344   4.863   -3.974  1.00 105.07 ? 10  DA  A H8     1 
ATOM   307  H  H61    . DA  A 1 10 ? 6.106   2.416   0.693   1.00 95.35  ? 10  DA  A H61    1 
ATOM   308  H  H62    . DA  A 1 10 ? 4.953   3.268   0.291   1.00 95.35  ? 10  DA  A H62    1 
ATOM   309  H  H2     . DA  A 1 10 ? 8.236   1.328   -2.929  1.00 100.55 ? 10  DA  A H2     1 
ATOM   310  P  P      . DG  A 1 11 ? 4.234   1.850   -9.629  1.00 145.31 ? 11  DG  A P      1 
ATOM   311  O  OP1    . DG  A 1 11 ? 4.752   1.693   -11.007 1.00 139.83 ? 11  DG  A OP1    1 
ATOM   312  O  OP2    . DG  A 1 11 ? 2.785   1.730   -9.354  1.00 139.87 ? 11  DG  A OP2    1 
ATOM   313  O  "O5'"  . DG  A 1 11 ? 4.994   0.844   -8.669  1.00 114.81 ? 11  DG  A "O5'"  1 
ATOM   314  C  "C5'"  . DG  A 1 11 ? 6.361   1.057   -8.346  1.00 116.75 ? 11  DG  A "C5'"  1 
ATOM   315  C  "C4'"  . DG  A 1 11 ? 7.000   -0.256  -8.010  1.00 107.83 ? 11  DG  A "C4'"  1 
ATOM   316  O  "O4'"  . DG  A 1 11 ? 7.051   -0.410  -6.569  1.00 100.75 ? 11  DG  A "O4'"  1 
ATOM   317  C  "C3'"  . DG  A 1 11 ? 6.216   -1.447  -8.522  1.00 100.07 ? 11  DG  A "C3'"  1 
ATOM   318  O  "O3'"  . DG  A 1 11 ? 7.079   -2.536  -8.800  1.00 105.92 ? 11  DG  A "O3'"  1 
ATOM   319  C  "C2'"  . DG  A 1 11 ? 5.247   -1.715  -7.369  1.00 103.81 ? 11  DG  A "C2'"  1 
ATOM   320  C  "C1'"  . DG  A 1 11 ? 6.087   -1.356  -6.143  1.00 87.32  ? 11  DG  A "C1'"  1 
ATOM   321  N  N9     . DG  A 1 11 ? 5.341   -0.788  -5.010  1.00 85.93  ? 11  DG  A N9     1 
ATOM   322  C  C8     . DG  A 1 11 ? 4.270   0.083   -5.031  1.00 88.08  ? 11  DG  A C8     1 
ATOM   323  N  N7     . DG  A 1 11 ? 3.841   0.405   -3.835  1.00 83.07  ? 11  DG  A N7     1 
ATOM   324  C  C5     . DG  A 1 11 ? 4.682   -0.292  -2.973  1.00 79.57  ? 11  DG  A C5     1 
ATOM   325  C  C6     . DG  A 1 11 ? 4.714   -0.349  -1.556  1.00 82.02  ? 11  DG  A C6     1 
ATOM   326  O  O6     . DG  A 1 11 ? 3.979   0.228   -0.741  1.00 91.88  ? 11  DG  A O6     1 
ATOM   327  N  N1     . DG  A 1 11 ? 5.734   -1.180  -1.097  1.00 80.41  ? 11  DG  A N1     1 
ATOM   328  C  C2     . DG  A 1 11 ? 6.610   -1.866  -1.903  1.00 79.78  ? 11  DG  A C2     1 
ATOM   329  N  N2     . DG  A 1 11 ? 7.531   -2.619  -1.291  1.00 70.47  ? 11  DG  A N2     1 
ATOM   330  N  N3     . DG  A 1 11 ? 6.589   -1.824  -3.220  1.00 83.44  ? 11  DG  A N3     1 
ATOM   331  C  C4     . DG  A 1 11 ? 5.608   -1.022  -3.685  1.00 84.61  ? 11  DG  A C4     1 
ATOM   332  H  "H5'"  . DG  A 1 11 ? 6.425   1.654   -7.583  1.00 139.43 ? 11  DG  A "H5'"  1 
ATOM   333  H  "H5''" . DG  A 1 11 ? 6.816   1.455   -9.106  1.00 139.43 ? 11  DG  A "H5''" 1 
ATOM   334  H  "H4'"  . DG  A 1 11 ? 7.900   -0.281  -8.370  1.00 128.72 ? 11  DG  A "H4'"  1 
ATOM   335  H  "H3'"  . DG  A 1 11 ? 5.723   -1.200  -9.320  1.00 119.41 ? 11  DG  A "H3'"  1 
ATOM   336  H  "H2'"  . DG  A 1 11 ? 4.469   -1.140  -7.433  1.00 123.91 ? 11  DG  A "H2'"  1 
ATOM   337  H  "H2''" . DG  A 1 11 ? 4.988   -2.649  -7.347  1.00 123.91 ? 11  DG  A "H2''" 1 
ATOM   338  H  "H1'"  . DG  A 1 11 ? 6.549   -2.154  -5.841  1.00 104.12 ? 11  DG  A "H1'"  1 
ATOM   339  H  H8     . DG  A 1 11 ? 3.891   0.408   -5.815  1.00 105.03 ? 11  DG  A H8     1 
ATOM   340  H  H1     . DG  A 1 11 ? 5.822   -1.270  -0.245  1.00 95.82  ? 11  DG  A H1     1 
ATOM   341  H  H21    . DG  A 1 11 ? 8.097   -3.069  -1.757  1.00 83.90  ? 11  DG  A H21    1 
ATOM   342  H  H22    . DG  A 1 11 ? 7.556   -2.655  -0.432  1.00 83.90  ? 11  DG  A H22    1 
ATOM   343  P  P      . DA  A 1 12 ? 6.469   -3.951  -9.244  1.00 132.09 ? 12  DA  A P      1 
ATOM   344  O  OP1    . DA  A 1 12 ? 7.342   -4.541  -10.283 1.00 137.13 ? 12  DA  A OP1    1 
ATOM   345  O  OP2    . DA  A 1 12 ? 5.027   -3.752  -9.521  1.00 124.66 ? 12  DA  A OP2    1 
ATOM   346  O  "O5'"  . DA  A 1 12 ? 6.600   -4.825  -7.921  1.00 107.48 ? 12  DA  A "O5'"  1 
ATOM   347  C  "C5'"  . DA  A 1 12 ? 7.032   -6.161  -8.003  1.00 112.35 ? 12  DA  A "C5'"  1 
ATOM   348  C  "C4'"  . DA  A 1 12 ? 7.670   -6.590  -6.702  1.00 101.16 ? 12  DA  A "C4'"  1 
ATOM   349  O  "O4'"  . DA  A 1 12 ? 7.383   -5.591  -5.674  1.00 97.93  ? 12  DA  A "O4'"  1 
ATOM   350  C  "C3'"  . DA  A 1 12 ? 7.154   -7.908  -6.151  1.00 104.96 ? 12  DA  A "C3'"  1 
ATOM   351  O  "O3'"  . DA  A 1 12 ? 8.188   -8.610  -5.470  1.00 128.56 ? 12  DA  A "O3'"  1 
ATOM   352  C  "C2'"  . DA  A 1 12 ? 6.030   -7.458  -5.225  1.00 103.02 ? 12  DA  A "C2'"  1 
ATOM   353  C  "C1'"  . DA  A 1 12 ? 6.587   -6.161  -4.648  1.00 89.43  ? 12  DA  A "C1'"  1 
ATOM   354  N  N9     . DA  A 1 12 ? 5.556   -5.195  -4.246  1.00 76.49  ? 12  DA  A N9     1 
ATOM   355  C  C8     . DA  A 1 12 ? 4.801   -4.408  -5.070  1.00 79.26  ? 12  DA  A C8     1 
ATOM   356  N  N7     . DA  A 1 12 ? 3.947   -3.640  -4.436  1.00 68.70  ? 12  DA  A N7     1 
ATOM   357  C  C5     . DA  A 1 12 ? 4.147   -3.944  -3.100  1.00 74.15  ? 12  DA  A C5     1 
ATOM   358  C  C6     . DA  A 1 12 ? 3.543   -3.466  -1.918  1.00 86.89  ? 12  DA  A C6     1 
ATOM   359  N  N6     . DA  A 1 12 ? 2.572   -2.538  -1.917  1.00 90.52  ? 12  DA  A N6     1 
ATOM   360  N  N1     . DA  A 1 12 ? 3.975   -3.979  -0.740  1.00 85.84  ? 12  DA  A N1     1 
ATOM   361  C  C2     . DA  A 1 12 ? 4.942   -4.906  -0.760  1.00 81.73  ? 12  DA  A C2     1 
ATOM   362  N  N3     . DA  A 1 12 ? 5.586   -5.430  -1.809  1.00 74.12  ? 12  DA  A N3     1 
ATOM   363  C  C4     . DA  A 1 12 ? 5.136   -4.901  -2.959  1.00 74.51  ? 12  DA  A C4     1 
ATOM   364  H  "H5'"  . DA  A 1 12 ? 7.680   -6.246  -8.720  1.00 134.15 ? 12  DA  A "H5'"  1 
ATOM   365  H  "H5''" . DA  A 1 12 ? 6.271   -6.733  -8.190  1.00 134.15 ? 12  DA  A "H5''" 1 
ATOM   366  H  "H4'"  . DA  A 1 12 ? 8.629   -6.652  -6.825  1.00 120.72 ? 12  DA  A "H4'"  1 
ATOM   367  H  "H3'"  . DA  A 1 12 ? 6.796   -8.453  -6.870  1.00 125.29 ? 12  DA  A "H3'"  1 
ATOM   368  H  "H2'"  . DA  A 1 12 ? 5.216   -7.292  -5.726  1.00 122.96 ? 12  DA  A "H2'"  1 
ATOM   369  H  "H2''" . DA  A 1 12 ? 5.880   -8.111  -4.524  1.00 122.96 ? 12  DA  A "H2''" 1 
ATOM   370  H  "H1'"  . DA  A 1 12 ? 7.148   -6.366  -3.884  1.00 106.65 ? 12  DA  A "H1'"  1 
ATOM   371  H  H8     . DA  A 1 12 ? 4.891   -4.412  -5.996  1.00 94.44  ? 12  DA  A H8     1 
ATOM   372  H  H61    . DA  A 1 12 ? 2.230   -2.275  -1.173  1.00 107.96 ? 12  DA  A H61    1 
ATOM   373  H  H62    . DA  A 1 12 ? 2.292   -2.207  -2.660  1.00 107.96 ? 12  DA  A H62    1 
ATOM   374  H  H2     . DA  A 1 12 ? 5.205   -5.227  0.073   1.00 97.40  ? 12  DA  A H2     1 
ATOM   375  P  P      . DC  A 1 13 ? 7.935   -10.109 -4.958  1.00 118.51 ? 13  DC  A P      1 
ATOM   376  O  OP1    . DC  A 1 13 ? 9.202   -10.627 -4.393  1.00 126.91 ? 13  DC  A OP1    1 
ATOM   377  O  OP2    . DC  A 1 13 ? 7.267   -10.841 -6.057  1.00 118.16 ? 13  DC  A OP2    1 
ATOM   378  O  "O5'"  . DC  A 1 13 ? 6.874   -9.913  -3.784  1.00 111.31 ? 13  DC  A "O5'"  1 
ATOM   379  C  "C5'"  . DC  A 1 13 ? 6.618   -10.947 -2.870  1.00 109.82 ? 13  DC  A "C5'"  1 
ATOM   380  C  "C4'"  . DC  A 1 13 ? 5.945   -10.402 -1.622  1.00 108.40 ? 13  DC  A "C4'"  1 
ATOM   381  O  "O4'"  . DC  A 1 13 ? 5.385   -9.090  -1.882  1.00 93.66  ? 13  DC  A "O4'"  1 
ATOM   382  C  "C3'"  . DC  A 1 13 ? 4.776   -11.230 -1.112  1.00 123.91 ? 13  DC  A "C3'"  1 
ATOM   383  O  "O3'"  . DC  A 1 13 ? 5.216   -12.151 -0.116  1.00 135.91 ? 13  DC  A "O3'"  1 
ATOM   384  C  "C2'"  . DC  A 1 13 ? 3.787   -10.194 -0.559  1.00 102.94 ? 13  DC  A "C2'"  1 
ATOM   385  C  "C1'"  . DC  A 1 13 ? 4.397   -8.840  -0.908  1.00 82.72  ? 13  DC  A "C1'"  1 
ATOM   386  N  N1     . DC  A 1 13 ? 3.383   -7.849  -1.435  1.00 75.14  ? 13  DC  A N1     1 
ATOM   387  C  C2     . DC  A 1 13 ? 2.512   -7.226  -0.535  1.00 82.00  ? 13  DC  A C2     1 
ATOM   388  O  O2     . DC  A 1 13 ? 2.601   -7.498  0.671   1.00 84.60  ? 13  DC  A O2     1 
ATOM   389  N  N3     . DC  A 1 13 ? 1.596   -6.341  -1.006  1.00 87.58  ? 13  DC  A N3     1 
ATOM   390  C  C4     . DC  A 1 13 ? 1.527   -6.076  -2.312  1.00 81.34  ? 13  DC  A C4     1 
ATOM   391  N  N4     . DC  A 1 13 ? 0.608   -5.192  -2.723  1.00 81.63  ? 13  DC  A N4     1 
ATOM   392  C  C5     . DC  A 1 13 ? 2.403   -6.701  -3.250  1.00 70.65  ? 13  DC  A C5     1 
ATOM   393  C  C6     . DC  A 1 13 ? 3.303   -7.576  -2.772  1.00 74.28  ? 13  DC  A C6     1 
ATOM   394  H  "H5'"  . DC  A 1 13 ? 7.455   -11.370 -2.624  1.00 131.12 ? 13  DC  A "H5'"  1 
ATOM   395  H  "H5''" . DC  A 1 13 ? 6.038   -11.604 -3.285  1.00 131.12 ? 13  DC  A "H5''" 1 
ATOM   396  H  "H4'"  . DC  A 1 13 ? 6.606   -10.327 -0.917  1.00 129.41 ? 13  DC  A "H4'"  1 
ATOM   397  H  "H3'"  . DC  A 1 13 ? 4.369   -11.712 -1.849  1.00 148.02 ? 13  DC  A "H3'"  1 
ATOM   398  H  "H2'"  . DC  A 1 13 ? 2.922   -10.293 -0.984  1.00 122.86 ? 13  DC  A "H2'"  1 
ATOM   399  H  "H2''" . DC  A 1 13 ? 3.705   -10.288 0.403   1.00 122.86 ? 13  DC  A "H2''" 1 
ATOM   400  H  "H1'"  . DC  A 1 13 ? 4.820   -8.470  -0.117  1.00 98.59  ? 13  DC  A "H1'"  1 
ATOM   401  H  H41    . DC  A 1 13 ? 0.543   -4.996  -3.558  1.00 97.29  ? 13  DC  A H41    1 
ATOM   402  H  H42    . DC  A 1 13 ? 0.083   -4.820  -2.153  1.00 97.29  ? 13  DC  A H42    1 
ATOM   403  H  H5     . DC  A 1 13 ? 2.354   -6.508  -4.158  1.00 84.11  ? 13  DC  A H5     1 
ATOM   404  H  H6     . DC  A 1 13 ? 3.889   -7.996  -3.359  1.00 88.47  ? 13  DC  A H6     1 
ATOM   405  P  P      . DG  A 1 14 ? 4.402   -13.509 0.157   1.00 144.05 ? 14  DG  A P      1 
ATOM   406  O  OP1    . DG  A 1 14 ? 5.325   -14.477 0.787   1.00 142.72 ? 14  DG  A OP1    1 
ATOM   407  O  OP2    . DG  A 1 14 ? 3.665   -13.874 -1.073  1.00 130.97 ? 14  DG  A OP2    1 
ATOM   408  O  "O5'"  . DG  A 1 14 ? 3.330   -13.087 1.254   1.00 131.02 ? 14  DG  A "O5'"  1 
ATOM   409  C  "C5'"  . DG  A 1 14 ? 3.758   -12.501 2.469   1.00 125.97 ? 14  DG  A "C5'"  1 
ATOM   410  C  "C4'"  . DG  A 1 14 ? 2.582   -11.879 3.189   1.00 138.73 ? 14  DG  A "C4'"  1 
ATOM   411  O  "O4'"  . DG  A 1 14 ? 2.203   -10.664 2.495   1.00 117.68 ? 14  DG  A "O4'"  1 
ATOM   412  C  "C3'"  . DG  A 1 14 ? 1.325   -12.762 3.236   1.00 127.99 ? 14  DG  A "C3'"  1 
ATOM   413  O  "O3'"  . DG  A 1 14 ? 1.020   -13.182 4.571   1.00 146.07 ? 14  DG  A "O3'"  1 
ATOM   414  C  "C2'"  . DG  A 1 14 ? 0.218   -11.892 2.654   1.00 113.54 ? 14  DG  A "C2'"  1 
ATOM   415  C  "C1'"  . DG  A 1 14 ? 0.817   -10.497 2.594   1.00 100.53 ? 14  DG  A "C1'"  1 
ATOM   416  N  N9     . DG  A 1 14 ? 0.334   -9.740  1.451   1.00 84.51  ? 14  DG  A N9     1 
ATOM   417  C  C8     . DG  A 1 14 ? 0.635   -9.947  0.129   1.00 84.17  ? 14  DG  A C8     1 
ATOM   418  N  N7     . DG  A 1 14 ? 0.017   -9.134  -0.676  1.00 78.41  ? 14  DG  A N7     1 
ATOM   419  C  C5     . DG  A 1 14 ? -0.744  -8.341  0.164   1.00 77.33  ? 14  DG  A C5     1 
ATOM   420  C  C6     . DG  A 1 14 ? -1.615  -7.286  -0.141  1.00 76.03  ? 14  DG  A C6     1 
ATOM   421  O  O6     . DG  A 1 14 ? -1.891  -6.827  -1.257  1.00 70.56  ? 14  DG  A O6     1 
ATOM   422  N  N1     . DG  A 1 14 ? -2.193  -6.752  1.007   1.00 74.03  ? 14  DG  A N1     1 
ATOM   423  C  C2     . DG  A 1 14 ? -1.953  -7.191  2.288   1.00 82.44  ? 14  DG  A C2     1 
ATOM   424  N  N2     . DG  A 1 14 ? -2.599  -6.551  3.273   1.00 81.50  ? 14  DG  A N2     1 
ATOM   425  N  N3     . DG  A 1 14 ? -1.137  -8.184  2.583   1.00 80.09  ? 14  DG  A N3     1 
ATOM   426  C  C4     . DG  A 1 14 ? -0.568  -8.709  1.476   1.00 78.25  ? 14  DG  A C4     1 
ATOM   427  H  "H5'"  . DG  A 1 14 ? 4.417   -11.815 2.278   1.00 150.50 ? 14  DG  A "H5'"  1 
ATOM   428  H  "H5''" . DG  A 1 14 ? 4.156   -13.183 3.031   1.00 150.50 ? 14  DG  A "H5''" 1 
ATOM   429  H  "H4'"  . DG  A 1 14 ? 2.847   -11.656 4.095   1.00 165.81 ? 14  DG  A "H4'"  1 
ATOM   430  H  "H3'"  . DG  A 1 14 ? 1.455   -13.541 2.673   1.00 152.92 ? 14  DG  A "H3'"  1 
ATOM   431  H  "H2'"  . DG  A 1 14 ? -0.017  -12.197 1.763   1.00 135.58 ? 14  DG  A "H2'"  1 
ATOM   432  H  "H2''" . DG  A 1 14 ? -0.560  -11.901 3.233   1.00 135.58 ? 14  DG  A "H2''" 1 
ATOM   433  H  "H1'"  . DG  A 1 14 ? 0.606   -10.021 3.412   1.00 119.96 ? 14  DG  A "H1'"  1 
ATOM   434  H  H8     . DG  A 1 14 ? 1.226   -10.604 -0.163  1.00 100.33 ? 14  DG  A H8     1 
ATOM   435  H  H1     . DG  A 1 14 ? -2.742  -6.097  0.908   1.00 88.17  ? 14  DG  A H1     1 
ATOM   436  H  H21    . DG  A 1 14 ? -2.479  -6.788  4.091   1.00 97.14  ? 14  DG  A H21    1 
ATOM   437  H  H22    . DG  A 1 14 ? -3.132  -5.902  3.087   1.00 97.14  ? 14  DG  A H22    1 
ATOM   438  P  P      . DT  A 1 15 ? -0.251  -14.135 4.847   1.00 155.33 ? 15  DT  A P      1 
ATOM   439  O  OP1    . DT  A 1 15 ? -0.009  -14.869 6.106   1.00 154.97 ? 15  DT  A OP1    1 
ATOM   440  O  OP2    . DT  A 1 15 ? -0.533  -14.888 3.605   1.00 127.65 ? 15  DT  A OP2    1 
ATOM   441  O  "O5'"  . DT  A 1 15 ? -1.467  -13.117 5.083   1.00 114.22 ? 15  DT  A "O5'"  1 
ATOM   442  C  "C5'"  . DT  A 1 15 ? -1.380  -12.110 6.090   1.00 120.75 ? 15  DT  A "C5'"  1 
ATOM   443  C  "C4'"  . DT  A 1 15 ? -2.675  -11.321 6.187   1.00 125.89 ? 15  DT  A "C4'"  1 
ATOM   444  O  "O4'"  . DT  A 1 15 ? -2.700  -10.360 5.110   1.00 110.76 ? 15  DT  A "O4'"  1 
ATOM   445  C  "C3'"  . DT  A 1 15 ? -3.952  -12.149 6.058   1.00 119.57 ? 15  DT  A "C3'"  1 
ATOM   446  O  "O3'"  . DT  A 1 15 ? -4.570  -12.352 7.329   1.00 115.63 ? 15  DT  A "O3'"  1 
ATOM   447  C  "C2'"  . DT  A 1 15 ? -4.847  -11.349 5.121   1.00 109.39 ? 15  DT  A "C2'"  1 
ATOM   448  C  "C1'"  . DT  A 1 15 ? -4.012  -10.190 4.633   1.00 108.54 ? 15  DT  A "C1'"  1 
ATOM   449  N  N1     . DT  A 1 15 ? -3.982  -10.125 3.163   1.00 92.94  ? 15  DT  A N1     1 
ATOM   450  C  C2     . DT  A 1 15 ? -4.826  -9.264  2.524   1.00 90.85  ? 15  DT  A C2     1 
ATOM   451  O  O2     . DT  A 1 15 ? -5.588  -8.511  3.111   1.00 82.06  ? 15  DT  A O2     1 
ATOM   452  N  N3     . DT  A 1 15 ? -4.747  -9.294  1.166   1.00 86.89  ? 15  DT  A N3     1 
ATOM   453  C  C4     . DT  A 1 15 ? -3.933  -10.094 0.391   1.00 89.54  ? 15  DT  A C4     1 
ATOM   454  O  O4     . DT  A 1 15 ? -3.935  -10.040 -0.832  1.00 92.66  ? 15  DT  A O4     1 
ATOM   455  C  C5     . DT  A 1 15 ? -3.081  -10.990 1.117   1.00 93.17  ? 15  DT  A C5     1 
ATOM   456  C  C7     . DT  A 1 15 ? -2.168  -11.919 0.373   1.00 103.78 ? 15  DT  A C7     1 
ATOM   457  C  C6     . DT  A 1 15 ? -3.150  -10.975 2.458   1.00 91.76  ? 15  DT  A C6     1 
ATOM   458  H  "H5'"  . DT  A 1 15 ? -0.654  -11.504 5.872   1.00 144.23 ? 15  DT  A "H5'"  1 
ATOM   459  H  "H5''" . DT  A 1 15 ? -1.199  -12.529 6.945   1.00 144.23 ? 15  DT  A "H5''" 1 
ATOM   460  H  "H4'"  . DT  A 1 15 ? -2.691  -10.846 7.033   1.00 150.40 ? 15  DT  A "H4'"  1 
ATOM   461  H  "H3'"  . DT  A 1 15 ? -3.744  -13.008 5.656   1.00 142.82 ? 15  DT  A "H3'"  1 
ATOM   462  H  "H2'"  . DT  A 1 15 ? -5.125  -11.901 4.372   1.00 130.60 ? 15  DT  A "H2'"  1 
ATOM   463  H  "H2''" . DT  A 1 15 ? -5.625  -11.021 5.601   1.00 130.60 ? 15  DT  A "H2''" 1 
ATOM   464  H  "H1'"  . DT  A 1 15 ? -4.375  -9.362  4.984   1.00 129.57 ? 15  DT  A "H1'"  1 
ATOM   465  H  H3     . DT  A 1 15 ? -5.261  -8.748  0.742   1.00 103.60 ? 15  DT  A H3     1 
ATOM   466  H  H71    . DT  A 1 15 ? -2.273  -11.780 -0.581  1.00 123.87 ? 15  DT  A H71    1 
ATOM   467  H  H72    . DT  A 1 15 ? -1.249  -11.741 0.626   1.00 123.87 ? 15  DT  A H72    1 
ATOM   468  H  H73    . DT  A 1 15 ? -2.392  -12.837 0.593   1.00 123.87 ? 15  DT  A H73    1 
ATOM   469  H  H6     . DT  A 1 15 ? -2.602  -11.557 2.935   1.00 109.44 ? 15  DT  A H6     1 
ATOM   470  P  P      . DC  A 1 16 ? -6.034  -13.020 7.417   1.00 147.75 ? 16  DC  A P      1 
ATOM   471  O  OP1    . DC  A 1 16 ? -5.916  -14.246 8.234   1.00 156.85 ? 16  DC  A OP1    1 
ATOM   472  O  OP2    . DC  A 1 16 ? -6.612  -13.122 6.056   1.00 117.50 ? 16  DC  A OP2    1 
ATOM   473  O  "O5'"  . DC  A 1 16 ? -6.890  -11.967 8.264   1.00 138.28 ? 16  DC  A "O5'"  1 
ATOM   474  C  "C5'"  . DC  A 1 16 ? -6.956  -10.599 7.877   1.00 117.54 ? 16  DC  A "C5'"  1 
ATOM   475  C  "C4'"  . DC  A 1 16 ? -8.190  -10.309 7.024   1.00 117.30 ? 16  DC  A "C4'"  1 
ATOM   476  O  "O4'"  . DC  A 1 16 ? -7.807  -10.045 5.651   1.00 120.22 ? 16  DC  A "O4'"  1 
ATOM   477  C  "C3'"  . DC  A 1 16 ? -9.229  -11.436 6.959   1.00 123.92 ? 16  DC  A "C3'"  1 
ATOM   478  O  "O3'"  . DC  A 1 16 ? -10.378 -11.060 7.757   1.00 129.87 ? 16  DC  A "O3'"  1 
ATOM   479  C  "C2'"  . DC  A 1 16 ? -9.519  -11.606 5.445   1.00 116.25 ? 16  DC  A "C2'"  1 
ATOM   480  C  "C1'"  . DC  A 1 16 ? -8.889  -10.379 4.810   1.00 104.88 ? 16  DC  A "C1'"  1 
ATOM   481  N  N1     . DC  A 1 16 ? -8.365  -10.589 3.396   1.00 90.54  ? 16  DC  A N1     1 
ATOM   482  C  C2     . DC  A 1 16 ? -8.919  -9.875  2.315   1.00 77.55  ? 16  DC  A C2     1 
ATOM   483  O  O2     . DC  A 1 16 ? -9.849  -9.089  2.525   1.00 69.17  ? 16  DC  A O2     1 
ATOM   484  N  N3     . DC  A 1 16 ? -8.411  -10.074 1.067   1.00 75.19  ? 16  DC  A N3     1 
ATOM   485  C  C4     . DC  A 1 16 ? -7.410  -10.935 0.878   1.00 90.90  ? 16  DC  A C4     1 
ATOM   486  N  N4     . DC  A 1 16 ? -6.933  -11.106 -0.367  1.00 95.05  ? 16  DC  A N4     1 
ATOM   487  C  C5     . DC  A 1 16 ? -6.832  -11.664 1.959   1.00 100.36 ? 16  DC  A C5     1 
ATOM   488  C  C6     . DC  A 1 16 ? -7.339  -11.461 3.183   1.00 92.21  ? 16  DC  A C6     1 
ATOM   489  H  "H5'"  . DC  A 1 16 ? -6.161  -10.377 7.367   1.00 140.37 ? 16  DC  A "H5'"  1 
ATOM   490  H  "H5''" . DC  A 1 16 ? -6.985  -10.047 8.673   1.00 140.37 ? 16  DC  A "H5''" 1 
ATOM   491  H  "H4'"  . DC  A 1 16 ? -8.622  -9.517  7.378   1.00 140.09 ? 16  DC  A "H4'"  1 
ATOM   492  H  "H3'"  . DC  A 1 16 ? -8.843  -12.253 7.310   1.00 148.04 ? 16  DC  A "H3'"  1 
ATOM   493  H  "H2'"  . DC  A 1 16 ? -9.104  -12.415 5.108   1.00 138.83 ? 16  DC  A "H2'"  1 
ATOM   494  H  "H2''" . DC  A 1 16 ? -10.476 -11.619 5.281   1.00 138.83 ? 16  DC  A "H2''" 1 
ATOM   495  H  "H1'"  . DC  A 1 16 ? -9.531  -9.652  4.809   1.00 125.19 ? 16  DC  A "H1'"  1 
ATOM   496  H  H41    . DC  A 1 16 ? -6.286  -11.655 -0.508  1.00 113.40 ? 16  DC  A H41    1 
ATOM   497  H  H42    . DC  A 1 16 ? -7.275  -10.667 -1.023  1.00 113.40 ? 16  DC  A H42    1 
ATOM   498  H  H5     . DC  A 1 16 ? -6.130  -12.257 1.819   1.00 119.76 ? 16  DC  A H5     1 
ATOM   499  H  H6     . DC  A 1 16 ? -6.976  -11.919 3.907   1.00 109.99 ? 16  DC  A H6     1 
ATOM   500  P  P      . DA  A 1 17 ? -11.882 -11.437 7.339   1.00 126.70 ? 17  DA  A P      1 
ATOM   501  O  OP1    . DA  A 1 17 ? -12.757 -11.086 8.479   1.00 114.96 ? 17  DA  A OP1    1 
ATOM   502  O  OP2    . DA  A 1 17 ? -11.883 -12.820 6.813   1.00 118.47 ? 17  DA  A OP2    1 
ATOM   503  O  "O5'"  . DA  A 1 17 ? -12.196 -10.437 6.131   1.00 117.55 ? 17  DA  A "O5'"  1 
ATOM   504  C  "C5'"  . DA  A 1 17 ? -12.467 -9.064  6.373   1.00 107.59 ? 17  DA  A "C5'"  1 
ATOM   505  C  "C4'"  . DA  A 1 17 ? -13.817 -8.674  5.792   1.00 104.72 ? 17  DA  A "C4'"  1 
ATOM   506  O  "O4'"  . DA  A 1 17 ? -13.769 -8.814  4.348   1.00 107.00 ? 17  DA  A "O4'"  1 
ATOM   507  C  "C3'"  . DA  A 1 17 ? -14.989 -9.542  6.205   1.00 101.59 ? 17  DA  A "C3'"  1 
ATOM   508  O  "O3'"  . DA  A 1 17 ? -16.226 -8.812  6.043   1.00 107.70 ? 17  DA  A "O3'"  1 
ATOM   509  C  "C2'"  . DA  A 1 17 ? -14.848 -10.724 5.248   1.00 86.89  ? 17  DA  A "C2'"  1 
ATOM   510  C  "C1'"  . DA  A 1 17 ? -14.365 -10.048 3.961   1.00 84.78  ? 17  DA  A "C1'"  1 
ATOM   511  N  N9     . DA  A 1 17 ? -13.380 -10.814 3.192   1.00 84.55  ? 17  DA  A N9     1 
ATOM   512  C  C8     . DA  A 1 17 ? -12.465 -11.714 3.664   1.00 86.43  ? 17  DA  A C8     1 
ATOM   513  N  N7     . DA  A 1 17 ? -11.695 -12.231 2.735   1.00 77.87  ? 17  DA  A N7     1 
ATOM   514  C  C5     . DA  A 1 17 ? -12.134 -11.627 1.570   1.00 81.25  ? 17  DA  A C5     1 
ATOM   515  C  C6     . DA  A 1 17 ? -11.734 -11.750 0.224   1.00 80.40  ? 17  DA  A C6     1 
ATOM   516  N  N6     . DA  A 1 17 ? -10.743 -12.559 -0.181  1.00 79.60  ? 17  DA  A N6     1 
ATOM   517  N  N1     . DA  A 1 17 ? -12.385 -10.997 -0.690  1.00 76.31  ? 17  DA  A N1     1 
ATOM   518  C  C2     . DA  A 1 17 ? -13.368 -10.185 -0.274  1.00 71.33  ? 17  DA  A C2     1 
ATOM   519  N  N3     . DA  A 1 17 ? -13.835 -9.992  0.955   1.00 68.10  ? 17  DA  A N3     1 
ATOM   520  C  C4     . DA  A 1 17 ? -13.167 -10.745 1.838   1.00 78.37  ? 17  DA  A C4     1 
ATOM   521  H  "H5'"  . DA  A 1 17 ? -11.774 -8.524  5.964   1.00 128.43 ? 17  DA  A "H5'"  1 
ATOM   522  H  "H5''" . DA  A 1 17 ? -12.473 -8.904  7.330   1.00 128.43 ? 17  DA  A "H5''" 1 
ATOM   523  H  "H4'"  . DA  A 1 17 ? -14.007 -7.750  6.017   1.00 124.99 ? 17  DA  A "H4'"  1 
ATOM   524  H  "H3'"  . DA  A 1 17 ? -14.884 -9.836  7.123   1.00 121.24 ? 17  DA  A "H3'"  1 
ATOM   525  H  "H2'"  . DA  A 1 17 ? -14.188 -11.355 5.574   1.00 103.60 ? 17  DA  A "H2'"  1 
ATOM   526  H  "H2''" . DA  A 1 17 ? -15.704 -11.158 5.108   1.00 103.60 ? 17  DA  A "H2''" 1 
ATOM   527  H  "H1'"  . DA  A 1 17 ? -15.131 -9.864  3.396   1.00 101.06 ? 17  DA  A "H1'"  1 
ATOM   528  H  H8     . DA  A 1 17 ? -12.390 -11.934 4.565   1.00 103.05 ? 17  DA  A H8     1 
ATOM   529  H  H61    . DA  A 1 17 ? -10.530 -12.595 -1.013  1.00 94.85  ? 17  DA  A H61    1 
ATOM   530  H  H62    . DA  A 1 17 ? -10.320 -13.042 0.392   1.00 94.85  ? 17  DA  A H62    1 
ATOM   531  H  H2     . DA  A 1 17 ? -13.790 -9.695  -0.942  1.00 84.92  ? 17  DA  A H2     1 
ATOM   532  P  P      . DC  A 1 18 ? -17.634 -9.568  5.860   1.00 116.72 ? 18  DC  A P      1 
ATOM   533  O  OP1    . DC  A 1 18 ? -18.681 -8.630  6.327   1.00 104.24 ? 18  DC  A OP1    1 
ATOM   534  O  OP2    . DC  A 1 18 ? -17.524 -10.907 6.483   1.00 126.67 ? 18  DC  A OP2    1 
ATOM   535  O  "O5'"  . DC  A 1 18 ? -17.787 -9.736  4.269   1.00 98.44  ? 18  DC  A "O5'"  1 
ATOM   536  C  "C5'"  . DC  A 1 18 ? -18.473 -8.729  3.522   1.00 92.05  ? 18  DC  A "C5'"  1 
ATOM   537  C  "C4'"  . DC  A 1 18 ? -18.398 -8.973  2.017   1.00 97.34  ? 18  DC  A "C4'"  1 
ATOM   538  O  "O4'"  . DC  A 1 18 ? -17.170 -9.688  1.684   1.00 100.95 ? 18  DC  A "O4'"  1 
ATOM   539  C  "C3'"  . DC  A 1 18 ? -19.545 -9.797  1.412   1.00 89.62  ? 18  DC  A "C3'"  1 
ATOM   540  O  "O3'"  . DC  A 1 18 ? -20.136 -9.059  0.334   1.00 96.04  ? 18  DC  A "O3'"  1 
ATOM   541  C  "C2'"  . DC  A 1 18 ? -18.864 -11.096 0.961   1.00 86.90  ? 18  DC  A "C2'"  1 
ATOM   542  C  "C1'"  . DC  A 1 18 ? -17.448 -10.637 0.677   1.00 75.26  ? 18  DC  A "C1'"  1 
ATOM   543  N  N1     . DC  A 1 18 ? -16.394 -11.728 0.722   1.00 71.55  ? 18  DC  A N1     1 
ATOM   544  C  C2     . DC  A 1 18 ? -15.787 -12.159 -0.468  1.00 72.75  ? 18  DC  A C2     1 
ATOM   545  O  O2     . DC  A 1 18 ? -16.133 -11.643 -1.537  1.00 67.95  ? 18  DC  A O2     1 
ATOM   546  N  N3     . DC  A 1 18 ? -14.832 -13.131 -0.409  1.00 72.83  ? 18  DC  A N3     1 
ATOM   547  C  C4     . DC  A 1 18 ? -14.488 -13.658 0.766   1.00 78.69  ? 18  DC  A C4     1 
ATOM   548  N  N4     . DC  A 1 18 ? -13.542 -14.614 0.784   1.00 82.35  ? 18  DC  A N4     1 
ATOM   549  C  C5     . DC  A 1 18 ? -15.094 -13.234 1.988   1.00 78.37  ? 18  DC  A C5     1 
ATOM   550  C  C6     . DC  A 1 18 ? -16.031 -12.275 1.916   1.00 79.17  ? 18  DC  A C6     1 
ATOM   551  H  "H5'"  . DC  A 1 18 ? -18.076 -7.866  3.721   1.00 109.79 ? 18  DC  A "H5'"  1 
ATOM   552  H  "H5''" . DC  A 1 18 ? -19.404 -8.716  3.793   1.00 109.79 ? 18  DC  A "H5''" 1 
ATOM   553  H  "H4'"  . DC  A 1 18 ? -18.377 -8.112  1.572   1.00 116.13 ? 18  DC  A "H4'"  1 
ATOM   554  H  "H3'"  . DC  A 1 18 ? -20.211 -9.988  2.092   1.00 106.87 ? 18  DC  A "H3'"  1 
ATOM   555  H  "H2'"  . DC  A 1 18 ? -18.876 -11.756 1.671   1.00 103.61 ? 18  DC  A "H2'"  1 
ATOM   556  H  "H2''" . DC  A 1 18 ? -19.281 -11.443 0.157   1.00 103.61 ? 18  DC  A "H2''" 1 
ATOM   557  H  "H1'"  . DC  A 1 18 ? -17.421 -10.201 -0.190  1.00 89.65  ? 18  DC  A "H1'"  1 
ATOM   558  H  H41    . DC  A 1 18 ? -13.304 -14.971 1.529   1.00 98.15  ? 18  DC  A H41    1 
ATOM   559  H  H42    . DC  A 1 18 ? -13.176 -14.871 0.049   1.00 98.15  ? 18  DC  A H42    1 
ATOM   560  H  H5     . DC  A 1 18 ? -14.846 -13.605 2.804   1.00 93.38  ? 18  DC  A H5     1 
ATOM   561  H  H6     . DC  A 1 18 ? -16.440 -11.978 2.695   1.00 94.34  ? 18  DC  A H6     1 
ATOM   562  P  P      . DT  A 1 19 ? -21.316 -9.671  -0.565  1.00 126.75 ? 19  DT  A P      1 
ATOM   563  O  OP1    . DT  A 1 19 ? -22.454 -8.725  -0.524  1.00 111.36 ? 19  DT  A OP1    1 
ATOM   564  O  OP2    . DT  A 1 19 ? -21.523 -11.089 -0.199  1.00 120.64 ? 19  DT  A OP2    1 
ATOM   565  O  "O5'"  . DT  A 1 19 ? -20.713 -9.608  -2.037  1.00 110.68 ? 19  DT  A "O5'"  1 
ATOM   566  C  "C5'"  . DT  A 1 19 ? -19.503 -10.277 -2.344  1.00 108.10 ? 19  DT  A "C5'"  1 
ATOM   567  C  "C4'"  . DT  A 1 19 ? -19.404 -10.503 -3.831  1.00 107.75 ? 19  DT  A "C4'"  1 
ATOM   568  O  "O4'"  . DT  A 1 19 ? -18.363 -11.474 -4.117  1.00 103.16 ? 19  DT  A "O4'"  1 
ATOM   569  C  "C3'"  . DT  A 1 19 ? -20.650 -11.090 -4.446  1.00 101.76 ? 19  DT  A "C3'"  1 
ATOM   570  O  "O3'"  . DT  A 1 19 ? -20.704 -10.774 -5.833  1.00 103.94 ? 19  DT  A "O3'"  1 
ATOM   571  C  "C2'"  . DT  A 1 19 ? -20.457 -12.579 -4.157  1.00 94.81  ? 19  DT  A "C2'"  1 
ATOM   572  C  "C1'"  . DT  A 1 19 ? -18.942 -12.757 -4.325  1.00 85.39  ? 19  DT  A "C1'"  1 
ATOM   573  N  N1     . DT  A 1 19 ? -18.272 -13.721 -3.368  1.00 73.07  ? 19  DT  A N1     1 
ATOM   574  C  C2     . DT  A 1 19 ? -17.244 -14.513 -3.838  1.00 76.05  ? 19  DT  A C2     1 
ATOM   575  O  O2     . DT  A 1 19 ? -16.873 -14.507 -4.997  1.00 79.16  ? 19  DT  A O2     1 
ATOM   576  N  N3     . DT  A 1 19 ? -16.671 -15.332 -2.902  1.00 68.42  ? 19  DT  A N3     1 
ATOM   577  C  C4     . DT  A 1 19 ? -17.001 -15.431 -1.566  1.00 67.21  ? 19  DT  A C4     1 
ATOM   578  O  O4     . DT  A 1 19 ? -16.422 -16.201 -0.804  1.00 62.96  ? 19  DT  A O4     1 
ATOM   579  C  C5     . DT  A 1 19 ? -18.071 -14.569 -1.126  1.00 69.53  ? 19  DT  A C5     1 
ATOM   580  C  C7     . DT  A 1 19 ? -18.507 -14.602 0.311   1.00 77.48  ? 19  DT  A C7     1 
ATOM   581  C  C6     . DT  A 1 19 ? -18.646 -13.755 -2.033  1.00 77.84  ? 19  DT  A C6     1 
ATOM   582  H  "H5'"  . DT  A 1 19 ? -19.483 -11.133 -1.888  1.00 129.05 ? 19  DT  A "H5'"  1 
ATOM   583  H  "H5''" . DT  A 1 19 ? -18.752 -9.738  -2.050  1.00 129.05 ? 19  DT  A "H5''" 1 
ATOM   584  H  "H4'"  . DT  A 1 19 ? -19.191 -9.664  -4.271  1.00 128.63 ? 19  DT  A "H4'"  1 
ATOM   585  H  "H3'"  . DT  A 1 19 ? -21.439 -10.757 -3.991  1.00 121.45 ? 19  DT  A "H3'"  1 
ATOM   586  H  "H2'"  . DT  A 1 19 ? -20.730 -12.791 -3.251  1.00 113.10 ? 19  DT  A "H2'"  1 
ATOM   587  H  "H2''" . DT  A 1 19 ? -20.940 -13.120 -4.801  1.00 113.10 ? 19  DT  A "H2''" 1 
ATOM   588  H  "H1'"  . DT  A 1 19 ? -18.758 -13.040 -5.234  1.00 101.80 ? 19  DT  A "H1'"  1 
ATOM   589  H  H3     . DT  A 1 19 ? -16.034 -15.840 -3.178  1.00 81.43  ? 19  DT  A H3     1 
ATOM   590  H  H71    . DT  A 1 19 ? -17.959 -15.233 0.802   1.00 92.31  ? 19  DT  A H71    1 
ATOM   591  H  H72    . DT  A 1 19 ? -18.408 -13.718 0.698   1.00 92.31  ? 19  DT  A H72    1 
ATOM   592  H  H73    . DT  A 1 19 ? -19.437 -14.873 0.360   1.00 92.31  ? 19  DT  A H73    1 
ATOM   593  H  H6     . DT  A 1 19 ? -19.337 -13.199 -1.753  1.00 92.74  ? 19  DT  A H6     1 
ATOM   594  P  P      . DC  A 1 20 ? -22.013 -11.087 -6.708  1.00 148.52 ? 20  DC  A P      1 
ATOM   595  O  OP1    . DC  A 1 20 ? -22.280 -9.897  -7.549  1.00 121.50 ? 20  DC  A OP1    1 
ATOM   596  O  OP2    . DC  A 1 20 ? -23.067 -11.635 -5.828  1.00 147.53 ? 20  DC  A OP2    1 
ATOM   597  O  "O5'"  . DC  A 1 20 ? -21.509 -12.246 -7.671  1.00 123.05 ? 20  DC  A "O5'"  1 
ATOM   598  C  "C5'"  . DC  A 1 20 ? -20.130 -12.317 -7.977  1.00 110.05 ? 20  DC  A "C5'"  1 
ATOM   599  C  "C4'"  . DC  A 1 20 ? -19.827 -13.496 -8.872  1.00 115.20 ? 20  DC  A "C4'"  1 
ATOM   600  O  "O4'"  . DC  A 1 20 ? -19.186 -14.534 -8.082  1.00 114.41 ? 20  DC  A "O4'"  1 
ATOM   601  C  "C3'"  . DC  A 1 20 ? -21.041 -14.156 -9.511  1.00 105.46 ? 20  DC  A "C3'"  1 
ATOM   602  O  "O3'"  . DC  A 1 20 ? -20.708 -14.679 -10.788 1.00 116.68 ? 20  DC  A "O3'"  1 
ATOM   603  C  "C2'"  . DC  A 1 20 ? -21.401 -15.245 -8.510  1.00 107.75 ? 20  DC  A "C2'"  1 
ATOM   604  C  "C1'"  . DC  A 1 20 ? -20.038 -15.658 -7.951  1.00 107.82 ? 20  DC  A "C1'"  1 
ATOM   605  N  N1     . DC  A 1 20 ? -20.038 -16.091 -6.494  1.00 94.58  ? 20  DC  A N1     1 
ATOM   606  C  C2     . DC  A 1 20 ? -19.061 -16.990 -6.050  1.00 84.10  ? 20  DC  A C2     1 
ATOM   607  O  O2     . DC  A 1 20 ? -18.229 -17.413 -6.858  1.00 80.36  ? 20  DC  A O2     1 
ATOM   608  N  N3     . DC  A 1 20 ? -19.057 -17.370 -4.745  1.00 69.64  ? 20  DC  A N3     1 
ATOM   609  C  C4     . DC  A 1 20 ? -19.974 -16.885 -3.904  1.00 83.86  ? 20  DC  A C4     1 
ATOM   610  N  N4     . DC  A 1 20 ? -19.931 -17.297 -2.624  1.00 73.90  ? 20  DC  A N4     1 
ATOM   611  C  C5     . DC  A 1 20 ? -20.973 -15.967 -4.335  1.00 91.98  ? 20  DC  A C5     1 
ATOM   612  C  C6     . DC  A 1 20 ? -20.970 -15.598 -5.622  1.00 96.33  ? 20  DC  A C6     1 
ATOM   613  H  "H5'"  . DC  A 1 20 ? -19.626 -12.406 -7.153  1.00 131.39 ? 20  DC  A "H5'"  1 
ATOM   614  H  "H5''" . DC  A 1 20 ? -19.861 -11.500 -8.426  1.00 131.39 ? 20  DC  A "H5''" 1 
ATOM   615  H  "H4'"  . DC  A 1 20 ? -19.219 -13.212 -9.572  1.00 137.57 ? 20  DC  A "H4'"  1 
ATOM   616  H  "H3'"  . DC  A 1 20 ? -21.768 -13.517 -9.587  1.00 125.89 ? 20  DC  A "H3'"  1 
ATOM   617  H  "H2'"  . DC  A 1 20 ? -21.967 -14.891 -7.807  1.00 128.63 ? 20  DC  A "H2'"  1 
ATOM   618  H  "H2''" . DC  A 1 20 ? -21.829 -15.992 -8.956  1.00 128.63 ? 20  DC  A "H2''" 1 
ATOM   619  H  "H1'"  . DC  A 1 20 ? -19.685 -16.382 -8.491  1.00 128.72 ? 20  DC  A "H1'"  1 
ATOM   620  H  H41    . DC  A 1 20 ? -20.506 -17.001 -2.058  1.00 88.01  ? 20  DC  A H41    1 
ATOM   621  H  H42    . DC  A 1 20 ? -19.327 -17.856 -2.374  1.00 88.01  ? 20  DC  A H42    1 
ATOM   622  H  H5     . DC  A 1 20 ? -21.609 -15.635 -3.743  1.00 109.70 ? 20  DC  A H5     1 
ATOM   623  H  H6     . DC  A 1 20 ? -21.613 -14.999 -5.928  1.00 114.92 ? 20  DC  A H6     1 
ATOM   624  P  P      . DA  A 1 21 ? -21.855 -15.106 -11.830 1.00 141.50 ? 21  DA  A P      1 
ATOM   625  O  OP1    . DA  A 1 21 ? -21.923 -14.048 -12.860 1.00 141.99 ? 21  DA  A OP1    1 
ATOM   626  O  OP2    . DA  A 1 21 ? -23.073 -15.473 -11.075 1.00 138.77 ? 21  DA  A OP2    1 
ATOM   627  O  "O5'"  . DA  A 1 21 ? -21.257 -16.423 -12.506 1.00 128.54 ? 21  DA  A "O5'"  1 
ATOM   628  C  "C5'"  . DA  A 1 21 ? -19.960 -16.382 -13.092 1.00 137.50 ? 21  DA  A "C5'"  1 
ATOM   629  C  "C4'"  . DA  A 1 21 ? -19.246 -17.714 -12.942 1.00 140.84 ? 21  DA  A "C4'"  1 
ATOM   630  O  "O4'"  . DA  A 1 21 ? -19.129 -18.043 -11.532 1.00 137.18 ? 21  DA  A "O4'"  1 
ATOM   631  C  "C3'"  . DA  A 1 21 ? -19.956 -18.892 -13.603 1.00 139.66 ? 21  DA  A "C3'"  1 
ATOM   632  O  "O3'"  . DA  A 1 21 ? -19.026 -19.721 -14.294 1.00 143.74 ? 21  DA  A "O3'"  1 
ATOM   633  C  "C2'"  . DA  A 1 21 ? -20.627 -19.617 -12.441 1.00 127.18 ? 21  DA  A "C2'"  1 
ATOM   634  C  "C1'"  . DA  A 1 21 ? -19.732 -19.294 -11.258 1.00 110.36 ? 21  DA  A "C1'"  1 
ATOM   635  N  N9     . DA  A 1 21 ? -20.447 -19.191 -9.993  1.00 101.04 ? 21  DA  A N9     1 
ATOM   636  C  C8     . DA  A 1 21 ? -21.563 -18.447 -9.736  1.00 105.81 ? 21  DA  A C8     1 
ATOM   637  N  N7     . DA  A 1 21 ? -21.986 -18.531 -8.498  1.00 97.85  ? 21  DA  A N7     1 
ATOM   638  C  C5     . DA  A 1 21 ? -21.084 -19.394 -7.901  1.00 95.51  ? 21  DA  A C5     1 
ATOM   639  C  C6     . DA  A 1 21 ? -20.982 -19.899 -6.593  1.00 81.90  ? 21  DA  A C6     1 
ATOM   640  N  N6     . DA  A 1 21 ? -21.839 -19.582 -5.618  1.00 74.78  ? 21  DA  A N6     1 
ATOM   641  N  N1     . DA  A 1 21 ? -19.960 -20.743 -6.327  1.00 77.10  ? 21  DA  A N1     1 
ATOM   642  C  C2     . DA  A 1 21 ? -19.108 -21.052 -7.313  1.00 85.29  ? 21  DA  A C2     1 
ATOM   643  N  N3     . DA  A 1 21 ? -19.105 -20.643 -8.579  1.00 95.11  ? 21  DA  A N3     1 
ATOM   644  C  C4     . DA  A 1 21 ? -20.129 -19.809 -8.810  1.00 95.38  ? 21  DA  A C4     1 
ATOM   645  H  "H5'"  . DA  A 1 21 ? -19.437 -15.689 -12.657 1.00 164.33 ? 21  DA  A "H5'"  1 
ATOM   646  H  "H5''" . DA  A 1 21 ? -20.044 -16.170 -14.035 1.00 164.33 ? 21  DA  A "H5''" 1 
ATOM   647  H  "H4'"  . DA  A 1 21 ? -18.356 -17.634 -13.320 1.00 168.34 ? 21  DA  A "H4'"  1 
ATOM   648  H  "H3'"  . DA  A 1 21 ? -20.630 -18.566 -14.219 1.00 166.92 ? 21  DA  A "H3'"  1 
ATOM   649  H  "HO3'" . DA  A 1 21 ? -19.106 -19.840 -15.122 1.00 171.82 ? 21  DA  A "HO3'" 1 
ATOM   650  H  "H2'"  . DA  A 1 21 ? -21.522 -19.273 -12.296 1.00 151.95 ? 21  DA  A "H2'"  1 
ATOM   651  H  "H2''" . DA  A 1 21 ? -20.649 -20.573 -12.602 1.00 151.95 ? 21  DA  A "H2''" 1 
ATOM   652  H  "H1'"  . DA  A 1 21 ? -19.042 -19.973 -11.182 1.00 131.76 ? 21  DA  A "H1'"  1 
ATOM   653  H  H8     . DA  A 1 21 ? -21.982 -17.921 -10.379 1.00 126.30 ? 21  DA  A H8     1 
ATOM   654  H  H61    . DA  A 1 21 ? -21.739 -19.915 -4.831  1.00 89.07  ? 21  DA  A H61    1 
ATOM   655  H  H62    . DA  A 1 21 ? -22.492 -19.044 -5.776  1.00 89.07  ? 21  DA  A H62    1 
ATOM   656  H  H2     . DA  A 1 21 ? -18.424 -21.638 -7.081  1.00 101.68 ? 21  DA  A H2     1 
ATOM   657  P  P      . DA  B 2 1  ? -9.705  0.499   -3.817  1.00 139.60 ? 0   DA  B P      1 
ATOM   658  O  OP1    . DA  B 2 1  ? -9.239  1.560   -4.733  1.00 102.27 ? 0   DA  B OP1    1 
ATOM   659  O  OP2    . DA  B 2 1  ? -11.141 0.415   -3.476  1.00 110.41 ? 0   DA  B OP2    1 
ATOM   660  O  "O5'"  . DA  B 2 1  ? -9.251  -0.928  -4.386  1.00 105.14 ? 0   DA  B "O5'"  1 
ATOM   661  C  "C5'"  . DA  B 2 1  ? -8.765  -1.940  -3.511  1.00 99.85  ? 0   DA  B "C5'"  1 
ATOM   662  C  "C4'"  . DA  B 2 1  ? -9.729  -2.171  -2.352  1.00 84.86  ? 0   DA  B "C4'"  1 
ATOM   663  O  "O4'"  . DA  B 2 1  ? -10.179 -3.540  -2.362  1.00 67.11  ? 0   DA  B "O4'"  1 
ATOM   664  C  "C3'"  . DA  B 2 1  ? -9.155  -1.909  -0.962  1.00 89.98  ? 0   DA  B "C3'"  1 
ATOM   665  O  "O3'"  . DA  B 2 1  ? -9.811  -0.798  -0.382  1.00 86.19  ? 0   DA  B "O3'"  1 
ATOM   666  C  "C2'"  . DA  B 2 1  ? -9.402  -3.200  -0.176  1.00 71.03  ? 0   DA  B "C2'"  1 
ATOM   667  C  "C1'"  . DA  B 2 1  ? -9.695  -4.230  -1.251  1.00 66.76  ? 0   DA  B "C1'"  1 
ATOM   668  N  N9     . DA  B 2 1  ? -8.548  -4.995  -1.688  1.00 61.80  ? 0   DA  B N9     1 
ATOM   669  C  C8     . DA  B 2 1  ? -8.088  -5.105  -2.968  1.00 66.30  ? 0   DA  B C8     1 
ATOM   670  N  N7     . DA  B 2 1  ? -7.043  -5.882  -3.089  1.00 65.43  ? 0   DA  B N7     1 
ATOM   671  C  C5     . DA  B 2 1  ? -6.806  -6.309  -1.796  1.00 69.68  ? 0   DA  B C5     1 
ATOM   672  C  C6     . DA  B 2 1  ? -5.839  -7.155  -1.259  1.00 69.94  ? 0   DA  B C6     1 
ATOM   673  N  N6     . DA  B 2 1  ? -4.887  -7.734  -1.978  1.00 69.90  ? 0   DA  B N6     1 
ATOM   674  N  N1     . DA  B 2 1  ? -5.878  -7.373  0.065   1.00 77.85  ? 0   DA  B N1     1 
ATOM   675  C  C2     . DA  B 2 1  ? -6.833  -6.793  0.794   1.00 74.12  ? 0   DA  B C2     1 
ATOM   676  N  N3     . DA  B 2 1  ? -7.803  -5.978  0.399   1.00 63.22  ? 0   DA  B N3     1 
ATOM   677  C  C4     . DA  B 2 1  ? -7.733  -5.777  -0.925  1.00 65.42  ? 0   DA  B C4     1 
ATOM   678  H  "H5'"  . DA  B 2 1  ? -7.903  -1.670  -3.160  1.00 119.16 ? 0   DA  B "H5'"  1 
ATOM   679  H  "H5''" . DA  B 2 1  ? -8.661  -2.767  -4.009  1.00 119.16 ? 0   DA  B "H5''" 1 
ATOM   680  H  "H4'"  . DA  B 2 1  ? -10.500 -1.595  -2.477  1.00 101.16 ? 0   DA  B "H4'"  1 
ATOM   681  H  "H3'"  . DA  B 2 1  ? -8.203  -1.736  -1.025  1.00 107.31 ? 0   DA  B "H3'"  1 
ATOM   682  H  "H2'"  . DA  B 2 1  ? -8.612  -3.449  0.327   1.00 84.57  ? 0   DA  B "H2'"  1 
ATOM   683  H  "H2''" . DA  B 2 1  ? -10.166 -3.099  0.414   1.00 84.57  ? 0   DA  B "H2''" 1 
ATOM   684  H  "H1'"  . DA  B 2 1  ? -10.380 -4.838  -0.931  1.00 79.44  ? 0   DA  B "H1'"  1 
ATOM   685  H  H8     . DA  B 2 1  ? -8.483  -4.668  -3.688  1.00 78.89  ? 0   DA  B H8     1 
ATOM   686  H  H61    . DA  B 2 1  ? -4.307  -8.242  -1.596  1.00 83.21  ? 0   DA  B H61    1 
ATOM   687  H  H62    . DA  B 2 1  ? -4.849  -7.602  -2.826  1.00 83.21  ? 0   DA  B H62    1 
ATOM   688  H  H2     . DA  B 2 1  ? -6.814  -6.984  1.704   1.00 88.28  ? 0   DA  B H2     1 
ATOM   689  P  P      . DC  B 2 2  ? -9.025  0.575   -0.122  1.00 89.77  ? 1   DC  B P      1 
ATOM   690  O  OP1    . DC  B 2 2  ? -10.064 1.606   0.093   1.00 72.03  ? 1   DC  B OP1    1 
ATOM   691  O  OP2    . DC  B 2 2  ? -7.999  0.754   -1.175  1.00 100.15 ? 1   DC  B OP2    1 
ATOM   692  O  "O5'"  . DC  B 2 2  ? -8.275  0.304   1.256   1.00 62.45  ? 1   DC  B "O5'"  1 
ATOM   693  C  "C5'"  . DC  B 2 2  ? -9.001  -0.257  2.327   1.00 78.54  ? 1   DC  B "C5'"  1 
ATOM   694  C  "C4'"  . DC  B 2 2  ? -8.152  -1.232  3.107   1.00 80.85  ? 1   DC  B "C4'"  1 
ATOM   695  O  "O4'"  . DC  B 2 2  ? -7.834  -2.356  2.263   1.00 68.15  ? 1   DC  B "O4'"  1 
ATOM   696  C  "C3'"  . DC  B 2 2  ? -6.817  -0.685  3.570   1.00 85.62  ? 1   DC  B "C3'"  1 
ATOM   697  O  "O3'"  . DC  B 2 2  ? -6.924  -0.132  4.874   1.00 80.56  ? 1   DC  B "O3'"  1 
ATOM   698  C  "C2'"  . DC  B 2 2  ? -5.886  -1.896  3.528   1.00 82.43  ? 1   DC  B "C2'"  1 
ATOM   699  C  "C1'"  . DC  B 2 2  ? -6.633  -2.950  2.701   1.00 63.08  ? 1   DC  B "C1'"  1 
ATOM   700  N  N1     . DC  B 2 2  ? -5.856  -3.439  1.488   1.00 74.74  ? 1   DC  B N1     1 
ATOM   701  C  C2     . DC  B 2 2  ? -4.839  -4.380  1.655   1.00 75.22  ? 1   DC  B C2     1 
ATOM   702  O  O2     . DC  B 2 2  ? -4.595  -4.797  2.794   1.00 65.00  ? 1   DC  B O2     1 
ATOM   703  N  N3     . DC  B 2 2  ? -4.151  -4.808  0.559   1.00 70.54  ? 1   DC  B N3     1 
ATOM   704  C  C4     . DC  B 2 2  ? -4.445  -4.329  -0.655  1.00 73.03  ? 1   DC  B C4     1 
ATOM   705  N  N4     . DC  B 2 2  ? -3.739  -4.776  -1.710  1.00 74.20  ? 1   DC  B N4     1 
ATOM   706  C  C5     . DC  B 2 2  ? -5.480  -3.368  -0.845  1.00 76.75  ? 1   DC  B C5     1 
ATOM   707  C  C6     . DC  B 2 2  ? -6.149  -2.955  0.245   1.00 78.54  ? 1   DC  B C6     1 
ATOM   708  H  "H5'"  . DC  B 2 2  ? -9.778  -0.722  1.976   1.00 93.58  ? 1   DC  B "H5'"  1 
ATOM   709  H  "H5''" . DC  B 2 2  ? -9.296  0.452   2.919   1.00 93.58  ? 1   DC  B "H5''" 1 
ATOM   710  H  "H4'"  . DC  B 2 2  ? -8.651  -1.545  3.877   1.00 96.35  ? 1   DC  B "H4'"  1 
ATOM   711  H  "H3'"  . DC  B 2 2  ? -6.505  -0.008  2.948   1.00 102.08 ? 1   DC  B "H3'"  1 
ATOM   712  H  "H2'"  . DC  B 2 2  ? -5.048  -1.662  3.098   1.00 98.24  ? 1   DC  B "H2'"  1 
ATOM   713  H  "H2''" . DC  B 2 2  ? -5.724  -2.226  4.425   1.00 98.24  ? 1   DC  B "H2''" 1 
ATOM   714  H  "H1'"  . DC  B 2 2  ? -6.842  -3.708  3.269   1.00 75.02  ? 1   DC  B "H1'"  1 
ATOM   715  H  H41    . DC  B 2 2  ? -3.908  -4.478  -2.498  1.00 88.37  ? 1   DC  B H41    1 
ATOM   716  H  H42    . DC  B 2 2  ? -3.117  -5.359  -1.595  1.00 88.37  ? 1   DC  B H42    1 
ATOM   717  H  H5     . DC  B 2 2  ? -5.681  -3.036  -1.690  1.00 91.43  ? 1   DC  B H5     1 
ATOM   718  H  H6     . DC  B 2 2  ? -6.829  -2.328  0.150   1.00 93.57  ? 1   DC  B H6     1 
ATOM   719  P  P      . DG  B 2 3  ? -5.969  1.081   5.316   1.00 106.50 ? 2   DG  B P      1 
ATOM   720  O  OP1    . DG  B 2 3  ? -6.509  1.584   6.597   1.00 111.55 ? 2   DG  B OP1    1 
ATOM   721  O  OP2    . DG  B 2 3  ? -5.811  2.003   4.164   1.00 96.53  ? 2   DG  B OP2    1 
ATOM   722  O  "O5'"  . DG  B 2 3  ? -4.578  0.364   5.639   1.00 87.15  ? 2   DG  B "O5'"  1 
ATOM   723  C  "C5'"  . DG  B 2 3  ? -4.526  -0.582  6.693   1.00 78.97  ? 2   DG  B "C5'"  1 
ATOM   724  C  "C4'"  . DG  B 2 3  ? -3.564  -1.715  6.391   1.00 88.58  ? 2   DG  B "C4'"  1 
ATOM   725  O  "O4'"  . DG  B 2 3  ? -3.520  -2.003  4.989   1.00 86.33  ? 2   DG  B "O4'"  1 
ATOM   726  C  "C3'"  . DG  B 2 3  ? -2.124  -1.444  6.755   1.00 106.69 ? 2   DG  B "C3'"  1 
ATOM   727  O  "O3'"  . DG  B 2 3  ? -1.920  -1.790  8.113   1.00 117.07 ? 2   DG  B "O3'"  1 
ATOM   728  C  "C2'"  . DG  B 2 3  ? -1.329  -2.333  5.774   1.00 93.45  ? 2   DG  B "C2'"  1 
ATOM   729  C  "C1'"  . DG  B 2 3  ? -2.381  -2.804  4.759   1.00 80.37  ? 2   DG  B "C1'"  1 
ATOM   730  N  N9     . DG  B 2 3  ? -1.993  -2.686  3.345   1.00 84.89  ? 2   DG  B N9     1 
ATOM   731  C  C8     . DG  B 2 3  ? -2.554  -1.850  2.411   1.00 82.27  ? 2   DG  B C8     1 
ATOM   732  N  N7     . DG  B 2 3  ? -2.040  -1.970  1.219   1.00 71.04  ? 2   DG  B N7     1 
ATOM   733  C  C5     . DG  B 2 3  ? -1.079  -2.956  1.360   1.00 74.11  ? 2   DG  B C5     1 
ATOM   734  C  C6     . DG  B 2 3  ? -0.202  -3.500  0.397   1.00 82.06  ? 2   DG  B C6     1 
ATOM   735  O  O6     . DG  B 2 3  ? -0.108  -3.209  -0.804  1.00 83.32  ? 2   DG  B O6     1 
ATOM   736  N  N1     . DG  B 2 3  ? 0.620   -4.481  0.941   1.00 87.59  ? 2   DG  B N1     1 
ATOM   737  C  C2     . DG  B 2 3  ? 0.601   -4.887  2.255   1.00 86.81  ? 2   DG  B C2     1 
ATOM   738  N  N2     . DG  B 2 3  ? 1.471   -5.859  2.585   1.00 86.77  ? 2   DG  B N2     1 
ATOM   739  N  N3     . DG  B 2 3  ? -0.224  -4.384  3.183   1.00 80.30  ? 2   DG  B N3     1 
ATOM   740  C  C4     . DG  B 2 3  ? -1.034  -3.422  2.659   1.00 82.17  ? 2   DG  B C4     1 
ATOM   741  H  "H5'"  . DG  B 2 3  ? -5.414  -0.951  6.830   1.00 94.10  ? 2   DG  B "H5'"  1 
ATOM   742  H  "H5''" . DG  B 2 3  ? -4.243  -0.134  7.505   1.00 94.10  ? 2   DG  B "H5''" 1 
ATOM   743  H  "H4'"  . DG  B 2 3  ? -3.859  -2.508  6.864   1.00 105.62 ? 2   DG  B "H4'"  1 
ATOM   744  H  "H3'"  . DG  B 2 3  ? -1.911  -0.509  6.608   1.00 127.36 ? 2   DG  B "H3'"  1 
ATOM   745  H  "H2'"  . DG  B 2 3  ? -0.638  -1.816  5.330   1.00 111.47 ? 2   DG  B "H2'"  1 
ATOM   746  H  "H2''" . DG  B 2 3  ? -0.943  -3.091  6.239   1.00 111.47 ? 2   DG  B "H2''" 1 
ATOM   747  H  "H1'"  . DG  B 2 3  ? -2.604  -3.729  4.947   1.00 95.77  ? 2   DG  B "H1'"  1 
ATOM   748  H  H8     . DG  B 2 3  ? -3.235  -1.249  2.611   1.00 98.05  ? 2   DG  B H8     1 
ATOM   749  H  H1     . DG  B 2 3  ? 1.181   -4.865  0.415   1.00 104.44 ? 2   DG  B H1     1 
ATOM   750  H  H21    . DG  B 2 3  ? 1.496   -6.158  3.391   1.00 103.46 ? 2   DG  B H21    1 
ATOM   751  H  H22    . DG  B 2 3  ? 2.002   -6.181  1.990   1.00 103.46 ? 2   DG  B H22    1 
ATOM   752  P  P      . DT  B 2 4  ? -0.524  -1.491  8.838   1.00 141.91 ? 3   DT  B P      1 
ATOM   753  O  OP1    . DT  B 2 4  ? -0.754  -1.689  10.285  1.00 138.50 ? 3   DT  B OP1    1 
ATOM   754  O  OP2    . DT  B 2 4  ? 0.004   -0.202  8.330   1.00 122.23 ? 3   DT  B OP2    1 
ATOM   755  O  "O5'"  . DT  B 2 4  ? 0.435   -2.655  8.314   1.00 125.69 ? 3   DT  B "O5'"  1 
ATOM   756  C  "C5'"  . DT  B 2 4  ? 1.624   -2.310  7.676   1.00 101.83 ? 3   DT  B "C5'"  1 
ATOM   757  C  "C4'"  . DT  B 2 4  ? 2.566   -3.488  7.580   1.00 94.11  ? 3   DT  B "C4'"  1 
ATOM   758  O  "O4'"  . DT  B 2 4  ? 2.528   -4.038  6.228   1.00 101.79 ? 3   DT  B "O4'"  1 
ATOM   759  C  "C3'"  . DT  B 2 4  ? 4.009   -3.125  7.794   1.00 101.45 ? 3   DT  B "C3'"  1 
ATOM   760  O  "O3'"  . DT  B 2 4  ? 4.777   -4.282  8.150   1.00 117.35 ? 3   DT  B "O3'"  1 
ATOM   761  C  "C2'"  . DT  B 2 4  ? 4.352   -2.578  6.425   1.00 98.07  ? 3   DT  B "C2'"  1 
ATOM   762  C  "C1'"  . DT  B 2 4  ? 3.672   -3.589  5.506   1.00 86.83  ? 3   DT  B "C1'"  1 
ATOM   763  N  N1     . DT  B 2 4  ? 3.228   -3.027  4.169   1.00 85.11  ? 3   DT  B N1     1 
ATOM   764  C  C2     . DT  B 2 4  ? 3.837   -3.459  2.998   1.00 92.40  ? 3   DT  B C2     1 
ATOM   765  O  O2     . DT  B 2 4  ? 4.736   -4.279  2.971   1.00 91.50  ? 3   DT  B O2     1 
ATOM   766  N  N3     . DT  B 2 4  ? 3.351   -2.869  1.856   1.00 93.00  ? 3   DT  B N3     1 
ATOM   767  C  C4     . DT  B 2 4  ? 2.347   -1.931  1.760   1.00 93.57  ? 3   DT  B C4     1 
ATOM   768  O  O4     . DT  B 2 4  ? 1.976   -1.459  0.691   1.00 90.40  ? 3   DT  B O4     1 
ATOM   769  C  C5     . DT  B 2 4  ? 1.758   -1.531  3.009   1.00 86.81  ? 3   DT  B C5     1 
ATOM   770  C  C7     . DT  B 2 4  ? 0.662   -0.514  3.015   1.00 88.75  ? 3   DT  B C7     1 
ATOM   771  C  C6     . DT  B 2 4  ? 2.218   -2.087  4.140   1.00 84.76  ? 3   DT  B C6     1 
ATOM   772  H  "H5'"  . DT  B 2 4  ? 2.057   -1.600  8.175   1.00 121.53 ? 3   DT  B "H5'"  1 
ATOM   773  H  "H5''" . DT  B 2 4  ? 1.423   -1.991  6.783   1.00 121.53 ? 3   DT  B "H5''" 1 
ATOM   774  H  "H4'"  . DT  B 2 4  ? 2.302   -4.171  8.216   1.00 112.26 ? 3   DT  B "H4'"  1 
ATOM   775  H  "H3'"  . DT  B 2 4  ? 4.090   -2.434  8.470   1.00 121.07 ? 3   DT  B "H3'"  1 
ATOM   776  H  "H2'"  . DT  B 2 4  ? 3.978   -1.692  6.303   1.00 117.02 ? 3   DT  B "H2'"  1 
ATOM   777  H  "H2''" . DT  B 2 4  ? 5.312   -2.575  6.285   1.00 117.02 ? 3   DT  B "H2''" 1 
ATOM   778  H  "H1'"  . DT  B 2 4  ? 4.269   -4.338  5.356   1.00 103.53 ? 3   DT  B "H1'"  1 
ATOM   779  H  H3     . DT  B 2 4  ? 3.713   -3.117  1.115   1.00 110.93 ? 3   DT  B H3     1 
ATOM   780  H  H71    . DT  B 2 4  ? -0.138  -0.903  3.401   1.00 105.83 ? 3   DT  B H71    1 
ATOM   781  H  H72    . DT  B 2 4  ? 0.935   0.253   3.543   1.00 105.83 ? 3   DT  B H72    1 
ATOM   782  H  H73    . DT  B 2 4  ? 0.478   -0.231  2.105   1.00 105.83 ? 3   DT  B H73    1 
ATOM   783  H  H6     . DT  B 2 4  ? 1.834   -1.828  4.947   1.00 101.05 ? 3   DT  B H6     1 
ATOM   784  P  P      . DC  B 2 5  ? 6.137   -4.143  8.998   1.00 124.67 ? 4   DC  B P      1 
ATOM   785  O  OP1    . DC  B 2 5  ? 6.050   -5.068  10.149  1.00 113.18 ? 4   DC  B OP1    1 
ATOM   786  O  OP2    . DC  B 2 5  ? 6.373   -2.701  9.239   1.00 90.91  ? 4   DC  B OP2    1 
ATOM   787  O  "O5'"  . DC  B 2 5  ? 7.258   -4.648  7.973   1.00 112.05 ? 4   DC  B "O5'"  1 
ATOM   788  C  "C5'"  . DC  B 2 5  ? 7.238   -4.131  6.666   1.00 97.11  ? 4   DC  B "C5'"  1 
ATOM   789  C  "C4'"  . DC  B 2 5  ? 8.324   -4.709  5.783   1.00 83.79  ? 4   DC  B "C4'"  1 
ATOM   790  O  "O4'"  . DC  B 2 5  ? 7.944   -4.515  4.400   1.00 97.08  ? 4   DC  B "O4'"  1 
ATOM   791  C  "C3'"  . DC  B 2 5  ? 9.672   -4.035  5.882   1.00 90.04  ? 4   DC  B "C3'"  1 
ATOM   792  O  "O3'"  . DC  B 2 5  ? 10.705  -4.884  5.359   1.00 76.01  ? 4   DC  B "O3'"  1 
ATOM   793  C  "C2'"  . DC  B 2 5  ? 9.451   -2.800  5.022   1.00 86.95  ? 4   DC  B "C2'"  1 
ATOM   794  C  "C1'"  . DC  B 2 5  ? 8.550   -3.332  3.902   1.00 72.78  ? 4   DC  B "C1'"  1 
ATOM   795  N  N1     . DC  B 2 5  ? 7.464   -2.372  3.452   1.00 66.63  ? 4   DC  B N1     1 
ATOM   796  C  C2     . DC  B 2 5  ? 7.316   -2.074  2.095   1.00 76.29  ? 4   DC  B C2     1 
ATOM   797  O  O2     . DC  B 2 5  ? 8.080   -2.597  1.284   1.00 80.21  ? 4   DC  B O2     1 
ATOM   798  N  N3     . DC  B 2 5  ? 6.341   -1.210  1.706   1.00 77.46  ? 4   DC  B N3     1 
ATOM   799  C  C4     . DC  B 2 5  ? 5.536   -0.657  2.615   1.00 74.75  ? 4   DC  B C4     1 
ATOM   800  N  N4     . DC  B 2 5  ? 4.587   0.185   2.184   1.00 74.18  ? 4   DC  B N4     1 
ATOM   801  C  C5     . DC  B 2 5  ? 5.672   -0.949  4.000   1.00 69.96  ? 4   DC  B C5     1 
ATOM   802  C  C6     . DC  B 2 5  ? 6.638   -1.799  4.370   1.00 62.56  ? 4   DC  B C6     1 
ATOM   803  H  "H5'"  . DC  B 2 5  ? 7.351   -3.168  6.709   1.00 115.87 ? 4   DC  B "H5'"  1 
ATOM   804  H  "H5''" . DC  B 2 5  ? 6.376   -4.327  6.266   1.00 115.87 ? 4   DC  B "H5''" 1 
ATOM   805  H  "H4'"  . DC  B 2 5  ? 8.420   -5.657  5.963   1.00 99.88  ? 4   DC  B "H4'"  1 
ATOM   806  H  "H3'"  . DC  B 2 5  ? 9.864   -3.785  6.799   1.00 107.38 ? 4   DC  B "H3'"  1 
ATOM   807  H  "H2'"  . DC  B 2 5  ? 8.999   -2.106  5.528   1.00 103.67 ? 4   DC  B "H2'"  1 
ATOM   808  H  "H2''" . DC  B 2 5  ? 10.292  -2.476  4.664   1.00 103.67 ? 4   DC  B "H2''" 1 
ATOM   809  H  "H1'"  . DC  B 2 5  ? 9.102   -3.560  3.139   1.00 86.66  ? 4   DC  B "H1'"  1 
ATOM   810  H  H41    . DC  B 2 5  ? 4.054   0.557   2.747   1.00 88.35  ? 4   DC  B H41    1 
ATOM   811  H  H42    . DC  B 2 5  ? 4.512   0.355   1.345   1.00 88.35  ? 4   DC  B H42    1 
ATOM   812  H  H5     . DC  B 2 5  ? 5.106   -0.562  4.629   1.00 83.29  ? 4   DC  B H5     1 
ATOM   813  H  H6     . DC  B 2 5  ? 6.741   -2.008  5.270   1.00 74.40  ? 4   DC  B H6     1 
ATOM   814  P  P      . DT  B 2 6  ? 12.148  -4.973  6.062   1.00 109.06 ? 5   DT  B P      1 
ATOM   815  O  OP1    . DT  B 2 6  ? 12.381  -6.397  6.393   1.00 86.72  ? 5   DT  B OP1    1 
ATOM   816  O  OP2    . DT  B 2 6  ? 12.215  -3.972  7.152   1.00 107.65 ? 5   DT  B OP2    1 
ATOM   817  O  "O5'"  . DT  B 2 6  ? 13.166  -4.549  4.896   1.00 86.15  ? 5   DT  B "O5'"  1 
ATOM   818  C  "C5'"  . DT  B 2 6  ? 13.223  -3.190  4.446   1.00 79.29  ? 5   DT  B "C5'"  1 
ATOM   819  C  "C4'"  . DT  B 2 6  ? 12.957  -3.086  2.949   1.00 80.68  ? 5   DT  B "C4'"  1 
ATOM   820  O  "O4'"  . DT  B 2 6  ? 11.630  -2.512  2.723   1.00 81.68  ? 5   DT  B "O4'"  1 
ATOM   821  C  "C3'"  . DT  B 2 6  ? 13.938  -2.188  2.192   1.00 72.64  ? 5   DT  B "C3'"  1 
ATOM   822  O  "O3'"  . DT  B 2 6  ? 14.477  -2.873  1.069   1.00 76.49  ? 5   DT  B "O3'"  1 
ATOM   823  C  "C2'"  . DT  B 2 6  ? 13.110  -0.980  1.789   1.00 73.58  ? 5   DT  B "C2'"  1 
ATOM   824  C  "C1'"  . DT  B 2 6  ? 11.712  -1.532  1.703   1.00 74.86  ? 5   DT  B "C1'"  1 
ATOM   825  N  N1     . DT  B 2 6  ? 10.637  -0.483  1.902   1.00 64.15  ? 5   DT  B N1     1 
ATOM   826  C  C2     . DT  B 2 6  ? 10.194  0.238   0.815   1.00 71.40  ? 5   DT  B C2     1 
ATOM   827  O  O2     . DT  B 2 6  ? 10.616  0.068   -0.313  1.00 69.86  ? 5   DT  B O2     1 
ATOM   828  N  N3     . DT  B 2 6  ? 9.228   1.170   1.095   1.00 65.76  ? 5   DT  B N3     1 
ATOM   829  C  C4     . DT  B 2 6  ? 8.673   1.449   2.329   1.00 71.10  ? 5   DT  B C4     1 
ATOM   830  O  O4     . DT  B 2 6  ? 7.813   2.310   2.484   1.00 74.17  ? 5   DT  B O4     1 
ATOM   831  C  C5     . DT  B 2 6  ? 9.187   0.670   3.426   1.00 68.25  ? 5   DT  B C5     1 
ATOM   832  C  C7     . DT  B 2 6  ? 8.666   0.892   4.808   1.00 63.12  ? 5   DT  B C7     1 
ATOM   833  C  C6     . DT  B 2 6  ? 10.136  -0.247  3.164   1.00 57.32  ? 5   DT  B C6     1 
ATOM   834  H  "H5'"  . DT  B 2 6  ? 14.104  -2.830  4.638   1.00 94.47  ? 5   DT  B "H5'"  1 
ATOM   835  H  "H5''" . DT  B 2 6  ? 12.559  -2.670  4.923   1.00 94.47  ? 5   DT  B "H5''" 1 
ATOM   836  H  "H4'"  . DT  B 2 6  ? 12.984  -3.976  2.564   1.00 96.15  ? 5   DT  B "H4'"  1 
ATOM   837  H  "H3'"  . DT  B 2 6  ? 14.654  -1.912  2.784   1.00 86.50  ? 5   DT  B "H3'"  1 
ATOM   838  H  "HO3'" . DT  B 2 6  ? 14.358  -2.571  0.294   1.00 91.11  ? 5   DT  B "HO3'" 1 
ATOM   839  H  "H2'"  . DT  B 2 6  ? 13.163  -0.287  2.466   1.00 87.62  ? 5   DT  B "H2'"  1 
ATOM   840  H  "H2''" . DT  B 2 6  ? 13.397  -0.640  0.927   1.00 87.62  ? 5   DT  B "H2''" 1 
ATOM   841  H  "H1'"  . DT  B 2 6  ? 11.588  -1.957  0.839   1.00 89.17  ? 5   DT  B "H1'"  1 
ATOM   842  H  H3     . DT  B 2 6  ? 8.934   1.627   0.430   1.00 78.24  ? 5   DT  B H3     1 
ATOM   843  H  H71    . DT  B 2 6  ? 8.258   0.075   5.136   1.00 75.07  ? 5   DT  B H71    1 
ATOM   844  H  H72    . DT  B 2 6  ? 9.397   1.145   5.394   1.00 75.07  ? 5   DT  B H72    1 
ATOM   845  H  H73    . DT  B 2 6  ? 8.004   1.601   4.794   1.00 75.07  ? 5   DT  B H73    1 
ATOM   846  H  H6     . DT  B 2 6  ? 10.467  -0.754  3.870   1.00 68.12  ? 5   DT  B H6     1 
ATOM   847  O  "O5'"  . DT  C 3 1  ? -30.248 -22.670 0.262   1.00 115.16 ? 1   DT  C "O5'"  1 
ATOM   848  C  "C5'"  . DT  C 3 1  ? -29.821 -23.191 1.518   1.00 106.51 ? 1   DT  C "C5'"  1 
ATOM   849  C  "C4'"  . DT  C 3 1  ? -28.672 -24.162 1.327   1.00 120.13 ? 1   DT  C "C4'"  1 
ATOM   850  O  "O4'"  . DT  C 3 1  ? -28.623 -24.560 -0.052  1.00 104.71 ? 1   DT  C "O4'"  1 
ATOM   851  C  "C3'"  . DT  C 3 1  ? -27.289 -23.585 1.608   1.00 121.50 ? 1   DT  C "C3'"  1 
ATOM   852  O  "O3'"  . DT  C 3 1  ? -26.871 -23.890 2.947   1.00 125.60 ? 1   DT  C "O3'"  1 
ATOM   853  C  "C2'"  . DT  C 3 1  ? -26.378 -24.247 0.563   1.00 120.48 ? 1   DT  C "C2'"  1 
ATOM   854  C  "C1'"  . DT  C 3 1  ? -27.334 -25.039 -0.324  1.00 99.90  ? 1   DT  C "C1'"  1 
ATOM   855  N  N1     . DT  C 3 1  ? -27.065 -24.876 -1.771  1.00 95.55  ? 1   DT  C N1     1 
ATOM   856  C  C2     . DT  C 3 1  ? -26.077 -25.628 -2.355  1.00 99.74  ? 1   DT  C C2     1 
ATOM   857  O  O2     . DT  C 3 1  ? -25.399 -26.432 -1.739  1.00 102.39 ? 1   DT  C O2     1 
ATOM   858  N  N3     . DT  C 3 1  ? -25.906 -25.408 -3.694  1.00 100.41 ? 1   DT  C N3     1 
ATOM   859  C  C4     . DT  C 3 1  ? -26.612 -24.527 -4.491  1.00 95.70  ? 1   DT  C C4     1 
ATOM   860  O  O4     . DT  C 3 1  ? -26.383 -24.399 -5.690  1.00 88.46  ? 1   DT  C O4     1 
ATOM   861  C  C5     . DT  C 3 1  ? -27.637 -23.767 -3.814  1.00 97.78  ? 1   DT  C C5     1 
ATOM   862  C  C7     . DT  C 3 1  ? -28.470 -22.780 -4.574  1.00 100.44 ? 1   DT  C C7     1 
ATOM   863  C  C6     . DT  C 3 1  ? -27.812 -23.976 -2.501  1.00 98.43  ? 1   DT  C C6     1 
ATOM   864  P  P      . DC  C 3 2  ? -26.411 -25.379 3.362   1.00 146.77 ? 2   DC  C P      1 
ATOM   865  O  OP1    . DC  C 3 2  ? -27.550 -26.289 3.107   1.00 150.52 ? 2   DC  C OP1    1 
ATOM   866  O  OP2    . DC  C 3 2  ? -25.825 -25.273 4.716   1.00 143.05 ? 2   DC  C OP2    1 
ATOM   867  O  "O5'"  . DC  C 3 2  ? -25.226 -25.762 2.348   1.00 126.51 ? 2   DC  C "O5'"  1 
ATOM   868  C  "C5'"  . DC  C 3 2  ? -23.898 -25.300 2.587   1.00 110.54 ? 2   DC  C "C5'"  1 
ATOM   869  C  "C4'"  . DC  C 3 2  ? -22.871 -26.191 1.904   1.00 119.91 ? 2   DC  C "C4'"  1 
ATOM   870  O  "O4'"  . DC  C 3 2  ? -23.097 -26.193 0.464   1.00 112.26 ? 2   DC  C "O4'"  1 
ATOM   871  C  "C3'"  . DC  C 3 2  ? -21.436 -25.732 2.056   1.00 127.82 ? 2   DC  C "C3'"  1 
ATOM   872  O  "O3'"  . DC  C 3 2  ? -20.536 -26.823 1.860   1.00 131.63 ? 2   DC  C "O3'"  1 
ATOM   873  C  "C2'"  . DC  C 3 2  ? -21.354 -24.708 0.948   1.00 123.30 ? 2   DC  C "C2'"  1 
ATOM   874  C  "C1'"  . DC  C 3 2  ? -22.072 -25.439 -0.173  1.00 106.68 ? 2   DC  C "C1'"  1 
ATOM   875  N  N1     . DC  C 3 2  ? -22.696 -24.554 -1.187  1.00 104.09 ? 2   DC  C N1     1 
ATOM   876  C  C2     . DC  C 3 2  ? -22.274 -24.607 -2.521  1.00 101.01 ? 2   DC  C C2     1 
ATOM   877  O  O2     . DC  C 3 2  ? -21.373 -25.392 -2.842  1.00 102.46 ? 2   DC  C O2     1 
ATOM   878  N  N3     . DC  C 3 2  ? -22.865 -23.791 -3.426  1.00 92.70  ? 2   DC  C N3     1 
ATOM   879  C  C4     . DC  C 3 2  ? -23.833 -22.960 -3.043  1.00 91.16  ? 2   DC  C C4     1 
ATOM   880  N  N4     . DC  C 3 2  ? -24.386 -22.172 -3.970  1.00 85.00  ? 2   DC  C N4     1 
ATOM   881  C  C5     . DC  C 3 2  ? -24.275 -22.892 -1.689  1.00 92.57  ? 2   DC  C C5     1 
ATOM   882  C  C6     . DC  C 3 2  ? -23.684 -23.699 -0.806  1.00 99.80  ? 2   DC  C C6     1 
ATOM   883  H  "H5'"  . DC  C 3 2  ? -23.730 -25.296 3.543   1.00 131.97 ? 2   DC  C "H5'"  1 
ATOM   884  H  "H5''" . DC  C 3 2  ? -23.811 -24.396 2.246   1.00 131.97 ? 2   DC  C "H5''" 1 
ATOM   885  H  "H4'"  . DC  C 3 2  ? -22.957 -27.096 2.243   1.00 143.22 ? 2   DC  C "H4'"  1 
ATOM   886  H  "H3'"  . DC  C 3 2  ? -21.297 -25.317 2.921   1.00 152.71 ? 2   DC  C "H3'"  1 
ATOM   887  H  "H2'"  . DC  C 3 2  ? -21.823 -23.894 1.190   1.00 147.30 ? 2   DC  C "H2'"  1 
ATOM   888  H  "H2''" . DC  C 3 2  ? -20.431 -24.525 0.710   1.00 147.30 ? 2   DC  C "H2''" 1 
ATOM   889  H  "H1'"  . DC  C 3 2  ? -21.454 -26.044 -0.611  1.00 127.34 ? 2   DC  C "H1'"  1 
ATOM   890  H  H41    . DC  C 3 2  ? -25.008 -21.621 -3.751  1.00 101.33 ? 2   DC  C H41    1 
ATOM   891  H  H42    . DC  C 3 2  ? -24.120 -22.218 -4.786  1.00 101.33 ? 2   DC  C H42    1 
ATOM   892  H  H5     . DC  C 3 2  ? -24.951 -22.307 -1.430  1.00 110.41 ? 2   DC  C H5     1 
ATOM   893  H  H6     . DC  C 3 2  ? -23.953 -23.678 0.083   1.00 119.09 ? 2   DC  C H6     1 
ATOM   894  P  P      . DT  C 3 3  ? -18.981 -26.694 2.242   1.00 149.52 ? 3   DT  C P      1 
ATOM   895  O  OP1    . DT  C 3 3  ? -18.407 -28.056 2.161   1.00 145.75 ? 3   DT  C OP1    1 
ATOM   896  O  OP2    . DT  C 3 3  ? -18.873 -25.919 3.498   1.00 145.98 ? 3   DT  C OP2    1 
ATOM   897  O  "O5'"  . DT  C 3 3  ? -18.361 -25.819 1.054   1.00 133.29 ? 3   DT  C "O5'"  1 
ATOM   898  C  "C5'"  . DT  C 3 3  ? -18.661 -26.132 -0.302  1.00 126.81 ? 3   DT  C "C5'"  1 
ATOM   899  C  "C4'"  . DT  C 3 3  ? -17.398 -26.295 -1.128  1.00 127.81 ? 3   DT  C "C4'"  1 
ATOM   900  O  "O4'"  . DT  C 3 3  ? -17.601 -25.693 -2.427  1.00 129.09 ? 3   DT  C "O4'"  1 
ATOM   901  C  "C3'"  . DT  C 3 3  ? -16.147 -25.636 -0.562  1.00 143.50 ? 3   DT  C "C3'"  1 
ATOM   902  O  "O3'"  . DT  C 3 3  ? -15.004 -26.441 -0.833  1.00 145.93 ? 3   DT  C "O3'"  1 
ATOM   903  C  "C2'"  . DT  C 3 3  ? -16.082 -24.275 -1.259  1.00 131.42 ? 3   DT  C "C2'"  1 
ATOM   904  C  "C1'"  . DT  C 3 3  ? -16.985 -24.419 -2.488  1.00 118.44 ? 3   DT  C "C1'"  1 
ATOM   905  N  N1     . DT  C 3 3  ? -18.075 -23.369 -2.608  1.00 106.54 ? 3   DT  C N1     1 
ATOM   906  C  C2     . DT  C 3 3  ? -18.372 -22.864 -3.852  1.00 99.64  ? 3   DT  C C2     1 
ATOM   907  O  O2     . DT  C 3 3  ? -17.794 -23.210 -4.867  1.00 96.76  ? 3   DT  C O2     1 
ATOM   908  N  N3     . DT  C 3 3  ? -19.379 -21.934 -3.871  1.00 88.50  ? 3   DT  C N3     1 
ATOM   909  C  C4     . DT  C 3 3  ? -20.107 -21.464 -2.794  1.00 83.20  ? 3   DT  C C4     1 
ATOM   910  O  O4     . DT  C 3 3  ? -20.990 -20.622 -2.919  1.00 74.43  ? 3   DT  C O4     1 
ATOM   911  C  C5     . DT  C 3 3  ? -19.752 -22.030 -1.516  1.00 88.02  ? 3   DT  C C5     1 
ATOM   912  C  C7     . DT  C 3 3  ? -20.477 -21.590 -0.275  1.00 87.41  ? 3   DT  C C7     1 
ATOM   913  C  C6     . DT  C 3 3  ? -18.767 -22.949 -1.480  1.00 94.33  ? 3   DT  C C6     1 
ATOM   914  H  "H5'"  . DT  C 3 3  ? -19.198 -25.418 -0.680  1.00 151.50 ? 3   DT  C "H5'"  1 
ATOM   915  H  "H5''" . DT  C 3 3  ? -19.167 -26.959 -0.330  1.00 151.50 ? 3   DT  C "H5''" 1 
ATOM   916  H  "H4'"  . DT  C 3 3  ? -17.225 -27.242 -1.246  1.00 152.70 ? 3   DT  C "H4'"  1 
ATOM   917  H  "H3'"  . DT  C 3 3  ? -16.244 -25.512 0.396   1.00 171.54 ? 3   DT  C "H3'"  1 
ATOM   918  H  "H2'"  . DT  C 3 3  ? -16.417 -23.579 -0.674  1.00 157.03 ? 3   DT  C "H2'"  1 
ATOM   919  H  "H2''" . DT  C 3 3  ? -15.171 -24.079 -1.531  1.00 157.03 ? 3   DT  C "H2''" 1 
ATOM   920  H  "H1'"  . DT  C 3 3  ? -16.432 -24.381 -3.285  1.00 141.46 ? 3   DT  C "H1'"  1 
ATOM   921  H  H3     . DT  C 3 3  ? -19.580 -21.605 -4.640  1.00 105.54 ? 3   DT  C H3     1 
ATOM   922  H  H71    . DT  C 3 3  ? -21.150 -20.931 -0.510  1.00 104.22 ? 3   DT  C H71    1 
ATOM   923  H  H72    . DT  C 3 3  ? -20.905 -22.357 0.138   1.00 104.22 ? 3   DT  C H72    1 
ATOM   924  H  H73    . DT  C 3 3  ? -19.844 -21.198 0.347   1.00 104.22 ? 3   DT  C H73    1 
ATOM   925  H  H6     . DT  C 3 3  ? -18.536 -23.316 -0.657  1.00 112.52 ? 3   DT  C H6     1 
ATOM   926  P  P      . DG  C 3 4  ? -13.552 -26.015 -0.297  1.00 158.96 ? 4   DG  C P      1 
ATOM   927  O  OP1    . DG  C 3 4  ? -12.758 -27.254 -0.159  1.00 156.72 ? 4   DG  C OP1    1 
ATOM   928  O  OP2    . DG  C 3 4  ? -13.726 -25.107 0.859   1.00 146.59 ? 4   DG  C OP2    1 
ATOM   929  O  "O5'"  . DG  C 3 4  ? -12.935 -25.174 -1.507  1.00 134.57 ? 4   DG  C "O5'"  1 
ATOM   930  C  "C5'"  . DG  C 3 4  ? -13.047 -25.663 -2.838  1.00 129.86 ? 4   DG  C "C5'"  1 
ATOM   931  C  "C4'"  . DG  C 3 4  ? -12.592 -24.618 -3.837  1.00 128.03 ? 4   DG  C "C4'"  1 
ATOM   932  O  "O4'"  . DG  C 3 4  ? -13.607 -23.579 -3.948  1.00 119.18 ? 4   DG  C "O4'"  1 
ATOM   933  C  "C3'"  . DG  C 3 4  ? -11.314 -23.884 -3.457  1.00 129.13 ? 4   DG  C "C3'"  1 
ATOM   934  O  "O3'"  . DG  C 3 4  ? -10.610 -23.478 -4.625  1.00 137.81 ? 4   DG  C "O3'"  1 
ATOM   935  C  "C2'"  . DG  C 3 4  ? -11.851 -22.704 -2.667  1.00 122.60 ? 4   DG  C "C2'"  1 
ATOM   936  C  "C1'"  . DG  C 3 4  ? -13.074 -22.345 -3.493  1.00 110.44 ? 4   DG  C "C1'"  1 
ATOM   937  N  N9     . DG  C 3 4  ? -14.111 -21.616 -2.770  1.00 93.15  ? 4   DG  C N9     1 
ATOM   938  C  C8     . DG  C 3 4  ? -14.358 -21.616 -1.417  1.00 97.21  ? 4   DG  C C8     1 
ATOM   939  N  N7     . DG  C 3 4  ? -15.367 -20.860 -1.075  1.00 89.74  ? 4   DG  C N7     1 
ATOM   940  C  C5     . DG  C 3 4  ? -15.809 -20.324 -2.280  1.00 85.19  ? 4   DG  C C5     1 
ATOM   941  C  C6     . DG  C 3 4  ? -16.869 -19.427 -2.552  1.00 72.06  ? 4   DG  C C6     1 
ATOM   942  O  O6     . DG  C 3 4  ? -17.661 -18.908 -1.753  1.00 64.11  ? 4   DG  C O6     1 
ATOM   943  N  N1     . DG  C 3 4  ? -16.969 -19.144 -3.916  1.00 65.46  ? 4   DG  C N1     1 
ATOM   944  C  C2     . DG  C 3 4  ? -16.143 -19.663 -4.890  1.00 81.27  ? 4   DG  C C2     1 
ATOM   945  N  N2     . DG  C 3 4  ? -16.373 -19.284 -6.158  1.00 72.83  ? 4   DG  C N2     1 
ATOM   946  N  N3     . DG  C 3 4  ? -15.150 -20.497 -4.642  1.00 85.71  ? 4   DG  C N3     1 
ATOM   947  C  C4     . DG  C 3 4  ? -15.043 -20.783 -3.326  1.00 88.42  ? 4   DG  C C4     1 
ATOM   948  H  "H5'"  . DG  C 3 4  ? -13.972 -25.893 -3.017  1.00 155.16 ? 4   DG  C "H5'"  1 
ATOM   949  H  "H5''" . DG  C 3 4  ? -12.496 -26.456 -2.934  1.00 155.16 ? 4   DG  C "H5''" 1 
ATOM   950  H  "H4'"  . DG  C 3 4  ? -12.471 -25.038 -4.702  1.00 152.96 ? 4   DG  C "H4'"  1 
ATOM   951  H  "H3'"  . DG  C 3 4  ? -10.754 -24.443 -2.895  1.00 154.28 ? 4   DG  C "H3'"  1 
ATOM   952  H  "H2'"  . DG  C 3 4  ? -12.101 -22.969 -1.769  1.00 146.45 ? 4   DG  C "H2'"  1 
ATOM   953  H  "H2''" . DG  C 3 4  ? -11.212 -21.973 -2.653  1.00 146.45 ? 4   DG  C "H2''" 1 
ATOM   954  H  "H1'"  . DG  C 3 4  ? -12.795 -21.819 -4.259  1.00 131.86 ? 4   DG  C "H1'"  1 
ATOM   955  H  H8     . DG  C 3 4  ? -13.861 -22.112 -0.807  1.00 115.98 ? 4   DG  C H8     1 
ATOM   956  H  H1     . DG  C 3 4  ? -17.590 -18.604 -4.167  1.00 77.88  ? 4   DG  C H1     1 
ATOM   957  H  H21    . DG  C 3 4  ? -15.879 -19.586 -6.794  1.00 86.72  ? 4   DG  C H21    1 
ATOM   958  H  H22    . DG  C 3 4  ? -17.016 -18.741 -6.334  1.00 86.72  ? 4   DG  C H22    1 
ATOM   959  P  P      . DA  C 3 5  ? -9.065  -23.048 -4.538  1.00 149.67 ? 5   DA  C P      1 
ATOM   960  O  OP1    . DA  C 3 5  ? -8.268  -24.227 -4.945  1.00 150.32 ? 5   DA  C OP1    1 
ATOM   961  O  OP2    . DA  C 3 5  ? -8.842  -22.416 -3.217  1.00 128.83 ? 5   DA  C OP2    1 
ATOM   962  O  "O5'"  . DA  C 3 5  ? -8.922  -21.908 -5.652  1.00 133.39 ? 5   DA  C "O5'"  1 
ATOM   963  C  "C5'"  . DA  C 3 5  ? -9.104  -22.232 -7.023  1.00 121.28 ? 5   DA  C "C5'"  1 
ATOM   964  C  "C4'"  . DA  C 3 5  ? -9.894  -21.152 -7.739  1.00 122.97 ? 5   DA  C "C4'"  1 
ATOM   965  O  "O4'"  . DA  C 3 5  ? -11.035 -20.752 -6.916  1.00 118.64 ? 5   DA  C "O4'"  1 
ATOM   966  C  "C3'"  . DA  C 3 5  ? -9.130  -19.865 -8.025  1.00 120.69 ? 5   DA  C "C3'"  1 
ATOM   967  O  "O3'"  . DA  C 3 5  ? -9.559  -19.319 -9.270  1.00 141.43 ? 5   DA  C "O3'"  1 
ATOM   968  C  "C2'"  . DA  C 3 5  ? -9.508  -18.991 -6.835  1.00 122.26 ? 5   DA  C "C2'"  1 
ATOM   969  C  "C1'"  . DA  C 3 5  ? -10.967 -19.361 -6.648  1.00 109.79 ? 5   DA  C "C1'"  1 
ATOM   970  N  N9     . DA  C 3 5  ? -11.488 -19.102 -5.307  1.00 98.04  ? 5   DA  C N9     1 
ATOM   971  C  C8     . DA  C 3 5  ? -11.042 -19.639 -4.132  1.00 102.10 ? 5   DA  C C8     1 
ATOM   972  N  N7     . DA  C 3 5  ? -11.701 -19.228 -3.074  1.00 93.70  ? 5   DA  C N7     1 
ATOM   973  C  C5     . DA  C 3 5  ? -12.648 -18.358 -3.588  1.00 87.30  ? 5   DA  C C5     1 
ATOM   974  C  C6     . DA  C 3 5  ? -13.658 -17.586 -2.977  1.00 80.93  ? 5   DA  C C6     1 
ATOM   975  N  N6     . DA  C 3 5  ? -13.882 -17.579 -1.652  1.00 68.95  ? 5   DA  C N6     1 
ATOM   976  N  N1     . DA  C 3 5  ? -14.432 -16.824 -3.781  1.00 75.54  ? 5   DA  C N1     1 
ATOM   977  C  C2     . DA  C 3 5  ? -14.201 -16.840 -5.106  1.00 74.46  ? 5   DA  C C2     1 
ATOM   978  N  N3     . DA  C 3 5  ? -13.282 -17.522 -5.792  1.00 81.52  ? 5   DA  C N3     1 
ATOM   979  C  C4     . DA  C 3 5  ? -12.531 -18.268 -4.966  1.00 89.21  ? 5   DA  C C4     1 
ATOM   980  H  "H5'"  . DA  C 3 5  ? -9.582  -23.073 -7.091  1.00 144.86 ? 5   DA  C "H5'"  1 
ATOM   981  H  "H5''" . DA  C 3 5  ? -8.236  -22.324 -7.446  1.00 144.86 ? 5   DA  C "H5''" 1 
ATOM   982  H  "H4'"  . DA  C 3 5  ? -10.225 -21.512 -8.577  1.00 146.90 ? 5   DA  C "H4'"  1 
ATOM   983  H  "H3'"  . DA  C 3 5  ? -8.175  -20.032 -8.034  1.00 144.16 ? 5   DA  C "H3'"  1 
ATOM   984  H  "H2'"  . DA  C 3 5  ? -8.987  -19.226 -6.052  1.00 146.05 ? 5   DA  C "H2'"  1 
ATOM   985  H  "H2''" . DA  C 3 5  ? -9.412  -18.050 -7.051  1.00 146.05 ? 5   DA  C "H2''" 1 
ATOM   986  H  "H1'"  . DA  C 3 5  ? -11.505 -18.882 -7.300  1.00 131.08 ? 5   DA  C "H1'"  1 
ATOM   987  H  H8     . DA  C 3 5  ? -10.334 -20.241 -4.086  1.00 121.85 ? 5   DA  C H8     1 
ATOM   988  H  H61    . DA  C 3 5  ? -14.512 -17.095 -1.324  1.00 82.07  ? 5   DA  C H61    1 
ATOM   989  H  H62    . DA  C 3 5  ? -13.394 -18.060 -1.131  1.00 82.07  ? 5   DA  C H62    1 
ATOM   990  H  H2     . DA  C 3 5  ? -14.760 -16.301 -5.615  1.00 88.68  ? 5   DA  C H2     1 
ATOM   991  P  P      . DG  C 3 6  ? -8.576  -18.431 -10.179 1.00 144.90 ? 6   DG  C P      1 
ATOM   992  O  OP1    . DG  C 3 6  ? -8.610  -19.003 -11.543 1.00 148.41 ? 6   DG  C OP1    1 
ATOM   993  O  OP2    . DG  C 3 6  ? -7.287  -18.286 -9.463  1.00 134.05 ? 6   DG  C OP2    1 
ATOM   994  O  "O5'"  . DG  C 3 6  ? -9.305  -17.009 -10.235 1.00 119.88 ? 6   DG  C "O5'"  1 
ATOM   995  C  "C5'"  . DG  C 3 6  ? -10.026 -16.556 -9.105  1.00 109.98 ? 6   DG  C "C5'"  1 
ATOM   996  C  "C4'"  . DG  C 3 6  ? -11.094 -15.559 -9.485  1.00 104.52 ? 6   DG  C "C4'"  1 
ATOM   997  O  "O4'"  . DG  C 3 6  ? -12.033 -15.447 -8.385  1.00 99.81  ? 6   DG  C "O4'"  1 
ATOM   998  C  "C3'"  . DG  C 3 6  ? -10.611 -14.143 -9.711  1.00 108.82 ? 6   DG  C "C3'"  1 
ATOM   999  O  "O3'"  . DG  C 3 6  ? -11.540 -13.426 -10.517 1.00 111.94 ? 6   DG  C "O3'"  1 
ATOM   1000 C  "C2'"  . DG  C 3 6  ? -10.541 -13.613 -8.292  1.00 105.28 ? 6   DG  C "C2'"  1 
ATOM   1001 C  "C1'"  . DG  C 3 6  ? -11.756 -14.269 -7.639  1.00 87.88  ? 6   DG  C "C1'"  1 
ATOM   1002 N  N9     . DG  C 3 6  ? -11.536 -14.616 -6.238  1.00 80.67  ? 6   DG  C N9     1 
ATOM   1003 C  C8     . DG  C 3 6  ? -10.536 -15.407 -5.728  1.00 74.85  ? 6   DG  C C8     1 
ATOM   1004 N  N7     . DG  C 3 6  ? -10.571 -15.516 -4.425  1.00 65.15  ? 6   DG  C N7     1 
ATOM   1005 C  C5     . DG  C 3 6  ? -11.663 -14.735 -4.048  1.00 68.08  ? 6   DG  C C5     1 
ATOM   1006 C  C6     . DG  C 3 6  ? -12.202 -14.465 -2.763  1.00 67.41  ? 6   DG  C C6     1 
ATOM   1007 O  O6     . DG  C 3 6  ? -11.812 -14.879 -1.658  1.00 61.52  ? 6   DG  C O6     1 
ATOM   1008 N  N1     . DG  C 3 6  ? -13.320 -13.620 -2.831  1.00 70.91  ? 6   DG  C N1     1 
ATOM   1009 C  C2     . DG  C 3 6  ? -13.842 -13.103 -4.002  1.00 71.78  ? 6   DG  C C2     1 
ATOM   1010 N  N2     . DG  C 3 6  ? -14.926 -12.304 -3.886  1.00 65.38  ? 6   DG  C N2     1 
ATOM   1011 N  N3     . DG  C 3 6  ? -13.347 -13.353 -5.208  1.00 63.68  ? 6   DG  C N3     1 
ATOM   1012 C  C4     . DG  C 3 6  ? -12.261 -14.169 -5.155  1.00 70.46  ? 6   DG  C C4     1 
ATOM   1013 H  "H5'"  . DG  C 3 6  ? -9.411  -16.138 -8.484  1.00 131.30 ? 6   DG  C "H5'"  1 
ATOM   1014 H  "H5''" . DG  C 3 6  ? -10.445 -17.316 -8.672  1.00 131.30 ? 6   DG  C "H5''" 1 
ATOM   1015 H  "H4'"  . DG  C 3 6  ? -11.560 -15.870 -10.277 1.00 124.76 ? 6   DG  C "H4'"  1 
ATOM   1016 H  "H3'"  . DG  C 3 6  ? -9.731  -14.144 -10.118 1.00 129.91 ? 6   DG  C "H3'"  1 
ATOM   1017 H  "H2'"  . DG  C 3 6  ? -9.721  -13.897 -7.858  1.00 125.67 ? 6   DG  C "H2'"  1 
ATOM   1018 H  "H2''" . DG  C 3 6  ? -10.623 -12.647 -8.280  1.00 125.67 ? 6   DG  C "H2''" 1 
ATOM   1019 H  "H1'"  . DG  C 3 6  ? -12.514 -13.667 -7.702  1.00 104.79 ? 6   DG  C "H1'"  1 
ATOM   1020 H  H8     . DG  C 3 6  ? -9.896  -15.825 -6.259  1.00 89.15  ? 6   DG  C H8     1 
ATOM   1021 H  H1     . DG  C 3 6  ? -13.708 -13.409 -2.094  1.00 84.43  ? 6   DG  C H1     1 
ATOM   1022 H  H21    . DG  C 3 6  ? -15.289 -11.968 -4.589  1.00 77.78  ? 6   DG  C H21    1 
ATOM   1023 H  H22    . DG  C 3 6  ? -15.253 -12.135 -3.109  1.00 77.78  ? 6   DG  C H22    1 
ATOM   1024 P  P      . DT  C 3 7  ? -11.162 -11.985 -11.113 1.00 117.34 ? 7   DT  C P      1 
ATOM   1025 O  OP1    . DT  C 3 7  ? -12.003 -11.780 -12.314 1.00 102.67 ? 7   DT  C OP1    1 
ATOM   1026 O  OP2    . DT  C 3 7  ? -9.687  -11.917 -11.222 1.00 107.60 ? 7   DT  C OP2    1 
ATOM   1027 O  "O5'"  . DT  C 3 7  ? -11.635 -10.959 -9.978  1.00 112.94 ? 7   DT  C "O5'"  1 
ATOM   1028 C  "C5'"  . DT  C 3 7  ? -12.749 -10.108 -10.216 1.00 111.95 ? 7   DT  C "C5'"  1 
ATOM   1029 C  "C4'"  . DT  C 3 7  ? -13.409 -9.686  -8.912  1.00 100.78 ? 7   DT  C "C4'"  1 
ATOM   1030 O  "O4'"  . DT  C 3 7  ? -12.860 -10.458 -7.812  1.00 100.21 ? 7   DT  C "O4'"  1 
ATOM   1031 C  "C3'"  . DT  C 3 7  ? -13.227 -8.213  -8.512  1.00 90.86  ? 7   DT  C "C3'"  1 
ATOM   1032 O  "O3'"  . DT  C 3 7  ? -14.487 -7.530  -8.590  1.00 104.85 ? 7   DT  C "O3'"  1 
ATOM   1033 C  "C2'"  . DT  C 3 7  ? -12.691 -8.270  -7.073  1.00 73.47  ? 7   DT  C "C2'"  1 
ATOM   1034 C  "C1'"  . DT  C 3 7  ? -12.989 -9.692  -6.643  1.00 77.62  ? 7   DT  C "C1'"  1 
ATOM   1035 N  N1     . DT  C 3 7  ? -12.079 -10.238 -5.578  1.00 64.26  ? 7   DT  C N1     1 
ATOM   1036 C  C2     . DT  C 3 7  ? -12.444 -10.112 -4.253  1.00 68.66  ? 7   DT  C C2     1 
ATOM   1037 O  O2     . DT  C 3 7  ? -13.460 -9.553  -3.889  1.00 81.84  ? 7   DT  C O2     1 
ATOM   1038 N  N3     . DT  C 3 7  ? -11.559 -10.661 -3.361  1.00 61.73  ? 7   DT  C N3     1 
ATOM   1039 C  C4     . DT  C 3 7  ? -10.381 -11.313 -3.649  1.00 60.06  ? 7   DT  C C4     1 
ATOM   1040 O  O4     . DT  C 3 7  ? -9.654  -11.772 -2.774  1.00 59.84  ? 7   DT  C O4     1 
ATOM   1041 C  C5     . DT  C 3 7  ? -10.061 -11.417 -5.047  1.00 65.79  ? 7   DT  C C5     1 
ATOM   1042 C  C7     . DT  C 3 7  ? -8.805  -12.105 -5.467  1.00 71.51  ? 7   DT  C C7     1 
ATOM   1043 C  C6     . DT  C 3 7  ? -10.913 -10.885 -5.939  1.00 66.69  ? 7   DT  C C6     1 
ATOM   1044 H  "H5'"  . DT  C 3 7  ? -13.397 -10.579 -10.762 1.00 133.67 ? 7   DT  C "H5'"  1 
ATOM   1045 H  "H5''" . DT  C 3 7  ? -12.448 -9.317  -10.690 1.00 133.67 ? 7   DT  C "H5''" 1 
ATOM   1046 H  "H4'"  . DT  C 3 7  ? -14.359 -9.872  -8.975  1.00 120.26 ? 7   DT  C "H4'"  1 
ATOM   1047 H  "H3'"  . DT  C 3 7  ? -12.579 -7.787  -9.094  1.00 108.36 ? 7   DT  C "H3'"  1 
ATOM   1048 H  "H2'"  . DT  C 3 7  ? -11.736 -8.102  -7.057  1.00 87.50  ? 7   DT  C "H2'"  1 
ATOM   1049 H  "H2''" . DT  C 3 7  ? -13.160 -7.637  -6.507  1.00 87.50  ? 7   DT  C "H2''" 1 
ATOM   1050 H  "H1'"  . DT  C 3 7  ? -13.906 -9.742  -6.332  1.00 92.47  ? 7   DT  C "H1'"  1 
ATOM   1051 H  H3     . DT  C 3 7  ? -11.765 -10.594 -2.528  1.00 73.41  ? 7   DT  C H3     1 
ATOM   1052 H  H71    . DT  C 3 7  ? -8.326  -12.413 -4.681  1.00 85.14  ? 7   DT  C H71    1 
ATOM   1053 H  H72    . DT  C 3 7  ? -9.024  -12.864 -6.029  1.00 85.14  ? 7   DT  C H72    1 
ATOM   1054 H  H73    . DT  C 3 7  ? -8.247  -11.486 -5.964  1.00 85.14  ? 7   DT  C H73    1 
ATOM   1055 H  H6     . DT  C 3 7  ? -10.706 -10.951 -6.843  1.00 79.35  ? 7   DT  C H6     1 
ATOM   1056 P  P      . DG  C 3 8  ? -14.616 -6.058  -9.223  1.00 109.89 ? 8   DG  C P      1 
ATOM   1057 O  OP1    . DG  C 3 8  ? -15.869 -6.044  -10.009 1.00 108.16 ? 8   DG  C OP1    1 
ATOM   1058 O  OP2    . DG  C 3 8  ? -13.355 -5.724  -9.923  1.00 105.31 ? 8   DG  C OP2    1 
ATOM   1059 O  "O5'"  . DG  C 3 8  ? -14.820 -5.104  -7.943  1.00 92.23  ? 8   DG  C "O5'"  1 
ATOM   1060 C  "C5'"  . DG  C 3 8  ? -13.707 -4.429  -7.358  1.00 104.00 ? 8   DG  C "C5'"  1 
ATOM   1061 C  "C4'"  . DG  C 3 8  ? -13.650 -4.641  -5.858  1.00 78.75  ? 8   DG  C "C4'"  1 
ATOM   1062 O  "O4'"  . DG  C 3 8  ? -12.813 -5.785  -5.580  1.00 73.77  ? 8   DG  C "O4'"  1 
ATOM   1063 C  "C3'"  . DG  C 3 8  ? -13.039 -3.480  -5.067  1.00 78.21  ? 8   DG  C "C3'"  1 
ATOM   1064 O  "O3'"  . DG  C 3 8  ? -14.039 -2.783  -4.314  1.00 80.04  ? 8   DG  C "O3'"  1 
ATOM   1065 C  "C2'"  . DG  C 3 8  ? -12.000 -4.145  -4.164  1.00 78.12  ? 8   DG  C "C2'"  1 
ATOM   1066 C  "C1'"  . DG  C 3 8  ? -12.284 -5.634  -4.302  1.00 66.09  ? 8   DG  C "C1'"  1 
ATOM   1067 N  N9     . DG  C 3 8  ? -11.102 -6.507  -4.147  1.00 52.33  ? 8   DG  C N9     1 
ATOM   1068 C  C8     . DG  C 3 8  ? -10.188 -6.863  -5.116  1.00 56.79  ? 8   DG  C C8     1 
ATOM   1069 N  N7     . DG  C 3 8  ? -9.244  -7.653  -4.672  1.00 63.97  ? 8   DG  C N7     1 
ATOM   1070 C  C5     . DG  C 3 8  ? -9.551  -7.834  -3.326  1.00 67.73  ? 8   DG  C C5     1 
ATOM   1071 C  C6     . DG  C 3 8  ? -8.886  -8.591  -2.327  1.00 69.89  ? 8   DG  C C6     1 
ATOM   1072 O  O6     . DG  C 3 8  ? -7.857  -9.275  -2.438  1.00 67.90  ? 8   DG  C O6     1 
ATOM   1073 N  N1     . DG  C 3 8  ? -9.529  -8.494  -1.090  1.00 65.86  ? 8   DG  C N1     1 
ATOM   1074 C  C2     . DG  C 3 8  ? -10.674 -7.762  -0.856  1.00 69.58  ? 8   DG  C C2     1 
ATOM   1075 N  N2     . DG  C 3 8  ? -11.164 -7.788  0.400   1.00 67.28  ? 8   DG  C N2     1 
ATOM   1076 N  N3     . DG  C 3 8  ? -11.301 -7.057  -1.783  1.00 66.95  ? 8   DG  C N3     1 
ATOM   1077 C  C4     . DG  C 3 8  ? -10.688 -7.135  -2.988  1.00 61.47  ? 8   DG  C C4     1 
ATOM   1078 H  "H5'"  . DG  C 3 8  ? -13.781 -3.479  -7.541  1.00 124.13 ? 8   DG  C "H5'"  1 
ATOM   1079 H  "H5''" . DG  C 3 8  ? -12.889 -4.765  -7.757  1.00 124.13 ? 8   DG  C "H5''" 1 
ATOM   1080 H  "H4'"  . DG  C 3 8  ? -14.546 -4.815  -5.526  1.00 93.83  ? 8   DG  C "H4'"  1 
ATOM   1081 H  "H3'"  . DG  C 3 8  ? -12.599 -2.865  -5.675  1.00 93.18  ? 8   DG  C "H3'"  1 
ATOM   1082 H  "HO3'" . DG  C 3 8  ? -14.189 -1.971  -4.464  1.00 95.37  ? 8   DG  C "HO3'" 1 
ATOM   1083 H  "H2'"  . DG  C 3 8  ? -11.103 -3.941  -4.471  1.00 93.07  ? 8   DG  C "H2'"  1 
ATOM   1084 H  "H2''" . DG  C 3 8  ? -12.119 -3.861  -3.244  1.00 93.07  ? 8   DG  C "H2''" 1 
ATOM   1085 H  "H1'"  . DG  C 3 8  ? -12.954 -5.890  -3.649  1.00 78.64  ? 8   DG  C "H1'"  1 
ATOM   1086 H  H8     . DG  C 3 8  ? -10.239 -6.571  -5.998  1.00 67.48  ? 8   DG  C H8     1 
ATOM   1087 H  H1     . DG  C 3 8  ? -9.190  -8.927  -0.429  1.00 78.37  ? 8   DG  C H1     1 
ATOM   1088 H  H21    . DG  C 3 8  ? -11.879 -7.350  0.591   1.00 80.07  ? 8   DG  C H21    1 
ATOM   1089 H  H22    . DG  C 3 8  ? -10.762 -8.243  1.010   1.00 80.07  ? 8   DG  C H22    1 
ATOM   1090 P  P      . DG  D 4 1  ? 15.161  3.794   3.356   1.00 108.96 ? 10  DG  D P      1 
ATOM   1091 O  OP1    . DG  D 4 1  ? 15.922  3.880   4.621   1.00 107.38 ? 10  DG  D OP1    1 
ATOM   1092 O  OP2    . DG  D 4 1  ? 13.702  3.535   3.385   1.00 96.82  ? 10  DG  D OP2    1 
ATOM   1093 O  "O5'"  . DG  D 4 1  ? 15.876  2.721   2.405   1.00 83.82  ? 10  DG  D "O5'"  1 
ATOM   1094 C  "C5'"  . DG  D 4 1  ? 15.163  1.576   1.950   1.00 89.89  ? 10  DG  D "C5'"  1 
ATOM   1095 C  "C4'"  . DG  D 4 1  ? 14.477  1.839   0.608   1.00 95.55  ? 10  DG  D "C4'"  1 
ATOM   1096 O  "O4'"  . DG  D 4 1  ? 13.040  1.760   0.766   1.00 86.29  ? 10  DG  D "O4'"  1 
ATOM   1097 C  "C3'"  . DG  D 4 1  ? 14.730  3.208   -0.002  1.00 102.53 ? 10  DG  D "C3'"  1 
ATOM   1098 O  "O3'"  . DG  D 4 1  ? 15.891  3.194   -0.804  1.00 104.16 ? 10  DG  D "O3'"  1 
ATOM   1099 C  "C2'"  . DG  D 4 1  ? 13.465  3.489   -0.818  1.00 90.10  ? 10  DG  D "C2'"  1 
ATOM   1100 C  "C1'"  . DG  D 4 1  ? 12.395  2.598   -0.178  1.00 76.50  ? 10  DG  D "C1'"  1 
ATOM   1101 N  N9     . DG  D 4 1  ? 11.331  3.322   0.522   1.00 70.91  ? 10  DG  D N9     1 
ATOM   1102 C  C8     . DG  D 4 1  ? 11.159  3.408   1.882   1.00 72.62  ? 10  DG  D C8     1 
ATOM   1103 N  N7     . DG  D 4 1  ? 10.112  4.098   2.230   1.00 67.35  ? 10  DG  D N7     1 
ATOM   1104 C  C5     . DG  D 4 1  ? 9.547   4.495   1.030   1.00 70.39  ? 10  DG  D C5     1 
ATOM   1105 C  C6     . DG  D 4 1  ? 8.397   5.269   0.788   1.00 75.03  ? 10  DG  D C6     1 
ATOM   1106 O  O6     . DG  D 4 1  ? 7.625   5.767   1.618   1.00 80.80  ? 10  DG  D O6     1 
ATOM   1107 N  N1     . DG  D 4 1  ? 8.171   5.444   -0.569  1.00 70.51  ? 10  DG  D N1     1 
ATOM   1108 C  C2     . DG  D 4 1  ? 8.966   4.935   -1.568  1.00 77.99  ? 10  DG  D C2     1 
ATOM   1109 N  N2     . DG  D 4 1  ? 8.589   5.208   -2.820  1.00 91.51  ? 10  DG  D N2     1 
ATOM   1110 N  N3     . DG  D 4 1  ? 10.050  4.204   -1.355  1.00 71.96  ? 10  DG  D N3     1 
ATOM   1111 C  C4     . DG  D 4 1  ? 10.282  4.024   -0.036  1.00 69.06  ? 10  DG  D C4     1 
ATOM   1112 H  "H5'"  . DG  D 4 1  ? 14.492  1.338   2.608   1.00 107.19 ? 10  DG  D "H5'"  1 
ATOM   1113 H  "H5''" . DG  D 4 1  ? 15.783  0.837   1.849   1.00 107.19 ? 10  DG  D "H5''" 1 
ATOM   1114 H  "H4'"  . DG  D 4 1  ? 14.758  1.159   -0.024  1.00 114.00 ? 10  DG  D "H4'"  1 
ATOM   1115 H  "H3'"  . DG  D 4 1  ? 14.821  3.869   0.702   1.00 122.37 ? 10  DG  D "H3'"  1 
ATOM   1116 H  "H2'"  . DG  D 4 1  ? 13.217  4.423   -0.747  1.00 107.45 ? 10  DG  D "H2'"  1 
ATOM   1117 H  "H2''" . DG  D 4 1  ? 13.600  3.243   -1.747  1.00 107.45 ? 10  DG  D "H2''" 1 
ATOM   1118 H  "H1'"  . DG  D 4 1  ? 11.995  2.045   -0.867  1.00 91.14  ? 10  DG  D "H1'"  1 
ATOM   1119 H  H8     . DG  D 4 1  ? 11.731  3.006   2.495   1.00 86.48  ? 10  DG  D H8     1 
ATOM   1120 H  H1     . DG  D 4 1  ? 7.486   5.910   -0.803  1.00 83.94  ? 10  DG  D H1     1 
ATOM   1121 H  H21    . DG  D 4 1  ? 9.051   4.911   -3.481  1.00 109.14 ? 10  DG  D H21    1 
ATOM   1122 H  H22    . DG  D 4 1  ? 7.885   5.680   -2.964  1.00 109.14 ? 10  DG  D H22    1 
ATOM   1123 P  P      . DG  D 4 2  ? 16.737  4.545   -0.980  1.00 99.73  ? 11  DG  D P      1 
ATOM   1124 O  OP1    . DG  D 4 2  ? 17.796  4.281   -1.980  1.00 86.28  ? 11  DG  D OP1    1 
ATOM   1125 O  OP2    . DG  D 4 2  ? 17.103  5.013   0.376   1.00 102.59 ? 11  DG  D OP2    1 
ATOM   1126 O  "O5'"  . DG  D 4 2  ? 15.685  5.556   -1.639  1.00 80.55  ? 11  DG  D "O5'"  1 
ATOM   1127 C  "C5'"  . DG  D 4 2  ? 15.378  5.409   -3.014  1.00 77.90  ? 11  DG  D "C5'"  1 
ATOM   1128 C  "C4'"  . DG  D 4 2  ? 14.159  6.208   -3.414  1.00 81.20  ? 11  DG  D "C4'"  1 
ATOM   1129 O  "O4'"  . DG  D 4 2  ? 13.082  5.986   -2.497  1.00 81.94  ? 11  DG  D "O4'"  1 
ATOM   1130 C  "C3'"  . DG  D 4 2  ? 14.340  7.704   -3.414  1.00 103.13 ? 11  DG  D "C3'"  1 
ATOM   1131 O  "O3'"  . DG  D 4 2  ? 14.994  8.108   -4.600  1.00 116.69 ? 11  DG  D "O3'"  1 
ATOM   1132 C  "C2'"  . DG  D 4 2  ? 12.900  8.204   -3.328  1.00 106.94 ? 11  DG  D "C2'"  1 
ATOM   1133 C  "C1'"  . DG  D 4 2  ? 12.158  7.047   -2.639  1.00 82.61  ? 11  DG  D "C1'"  1 
ATOM   1134 N  N9     . DG  D 4 2  ? 11.620  7.360   -1.321  1.00 84.82  ? 11  DG  D N9     1 
ATOM   1135 C  C8     . DG  D 4 2  ? 12.089  6.908   -0.109  1.00 82.27  ? 11  DG  D C8     1 
ATOM   1136 N  N7     . DG  D 4 2  ? 11.391  7.333   0.907   1.00 73.15  ? 11  DG  D N7     1 
ATOM   1137 C  C5     . DG  D 4 2  ? 10.395  8.112   0.331   1.00 80.50  ? 11  DG  D C5     1 
ATOM   1138 C  C6     . DG  D 4 2  ? 9.343   8.832   0.936   1.00 91.31  ? 11  DG  D C6     1 
ATOM   1139 O  O6     . DG  D 4 2  ? 9.075   8.925   2.141   1.00 100.85 ? 11  DG  D O6     1 
ATOM   1140 N  N1     . DG  D 4 2  ? 8.555   9.491   -0.011  1.00 95.55  ? 11  DG  D N1     1 
ATOM   1141 C  C2     . DG  D 4 2  ? 8.763   9.448   -1.372  1.00 90.83  ? 11  DG  D C2     1 
ATOM   1142 N  N2     . DG  D 4 2  ? 7.899   10.142  -2.136  1.00 91.40  ? 11  DG  D N2     1 
ATOM   1143 N  N3     . DG  D 4 2  ? 9.747   8.774   -1.950  1.00 82.78  ? 11  DG  D N3     1 
ATOM   1144 C  C4     . DG  D 4 2  ? 10.519  8.133   -1.039  1.00 84.12  ? 11  DG  D C4     1 
ATOM   1145 H  "H5'"  . DG  D 4 2  ? 15.216  4.472   -3.201  1.00 92.81  ? 11  DG  D "H5'"  1 
ATOM   1146 H  "H5''" . DG  D 4 2  ? 16.136  5.709   -3.539  1.00 92.81  ? 11  DG  D "H5''" 1 
ATOM   1147 H  "H4'"  . DG  D 4 2  ? 13.879  5.928   -4.299  1.00 96.77  ? 11  DG  D "H4'"  1 
ATOM   1148 H  "H3'"  . DG  D 4 2  ? 14.845  7.983   -2.633  1.00 123.09 ? 11  DG  D "H3'"  1 
ATOM   1149 H  "H2'"  . DG  D 4 2  ? 12.850  9.010   -2.790  1.00 127.66 ? 11  DG  D "H2'"  1 
ATOM   1150 H  "H2''" . DG  D 4 2  ? 12.539  8.361   -4.215  1.00 127.66 ? 11  DG  D "H2''" 1 
ATOM   1151 H  "H1'"  . DG  D 4 2  ? 11.432  6.756   -3.212  1.00 98.46  ? 11  DG  D "H1'"  1 
ATOM   1152 H  H8     . DG  D 4 2  ? 12.831  6.355   -0.023  1.00 98.06  ? 11  DG  D H8     1 
ATOM   1153 H  H1     . DG  D 4 2  ? 7.887   9.951   0.275   1.00 113.99 ? 11  DG  D H1     1 
ATOM   1154 H  H21    . DG  D 4 2  ? 7.988   10.145  -2.992  1.00 109.01 ? 11  DG  D H21    1 
ATOM   1155 H  H22    . DG  D 4 2  ? 7.258   10.582  -1.769  1.00 109.01 ? 11  DG  D H22    1 
ATOM   1156 P  P      . DT  D 4 3  ? 15.227  9.662   -4.916  1.00 112.02 ? 12  DT  D P      1 
ATOM   1157 O  OP1    . DT  D 4 3  ? 16.538  9.763   -5.594  1.00 113.92 ? 12  DT  D OP1    1 
ATOM   1158 O  OP2    . DT  D 4 3  ? 14.936  10.434  -3.688  1.00 115.60 ? 12  DT  D OP2    1 
ATOM   1159 O  "O5'"  . DT  D 4 3  ? 14.080  10.022  -5.965  1.00 122.34 ? 12  DT  D "O5'"  1 
ATOM   1160 C  "C5'"  . DT  D 4 3  ? 14.191  11.192  -6.738  1.00 110.03 ? 12  DT  D "C5'"  1 
ATOM   1161 C  "C4'"  . DT  D 4 3  ? 12.895  11.974  -6.730  1.00 119.23 ? 12  DT  D "C4'"  1 
ATOM   1162 O  "O4'"  . DT  D 4 3  ? 12.106  11.637  -5.538  1.00 99.58  ? 12  DT  D "O4'"  1 
ATOM   1163 C  "C3'"  . DT  D 4 3  ? 13.078  13.491  -6.685  1.00 130.98 ? 12  DT  D "C3'"  1 
ATOM   1164 O  "O3'"  . DT  D 4 3  ? 12.144  14.131  -7.547  1.00 142.62 ? 12  DT  D "O3'"  1 
ATOM   1165 C  "C2'"  . DT  D 4 3  ? 12.828  13.797  -5.217  1.00 121.27 ? 12  DT  D "C2'"  1 
ATOM   1166 C  "C1'"  . DT  D 4 3  ? 11.690  12.842  -4.930  1.00 102.96 ? 12  DT  D "C1'"  1 
ATOM   1167 N  N1     . DT  D 4 3  ? 11.398  12.630  -3.457  1.00 97.01  ? 12  DT  D N1     1 
ATOM   1168 C  C2     . DT  D 4 3  ? 10.272  13.213  -2.905  1.00 118.35 ? 12  DT  D C2     1 
ATOM   1169 O  O2     . DT  D 4 3  ? 9.484   13.885  -3.545  1.00 112.59 ? 12  DT  D O2     1 
ATOM   1170 N  N3     . DT  D 4 3  ? 10.098  12.978  -1.565  1.00 118.76 ? 12  DT  D N3     1 
ATOM   1171 C  C4     . DT  D 4 3  ? 10.915  12.241  -0.735  1.00 108.75 ? 12  DT  D C4     1 
ATOM   1172 O  O4     . DT  D 4 3  ? 10.671  12.085  0.459   1.00 107.16 ? 12  DT  D O4     1 
ATOM   1173 C  C5     . DT  D 4 3  ? 12.076  11.661  -1.368  1.00 91.90  ? 12  DT  D C5     1 
ATOM   1174 C  C7     . DT  D 4 3  ? 13.032  10.842  -0.557  1.00 84.70  ? 12  DT  D C7     1 
ATOM   1175 C  C6     . DT  D 4 3  ? 12.265  11.884  -2.683  1.00 88.89  ? 12  DT  D C6     1 
ATOM   1176 H  "H5'"  . DT  D 4 3  ? 14.411  10.949  -7.652  1.00 131.36 ? 12  DT  D "H5'"  1 
ATOM   1177 H  "H5''" . DT  D 4 3  ? 14.900  11.747  -6.377  1.00 131.36 ? 12  DT  D "H5''" 1 
ATOM   1178 H  "H4'"  . DT  D 4 3  ? 12.384  11.743  -7.521  1.00 142.41 ? 12  DT  D "H4'"  1 
ATOM   1179 H  "H3'"  . DT  D 4 3  ? 13.987  13.729  -6.929  1.00 156.51 ? 12  DT  D "H3'"  1 
ATOM   1180 H  "H2'"  . DT  D 4 3  ? 13.606  13.586  -4.678  1.00 144.86 ? 12  DT  D "H2'"  1 
ATOM   1181 H  "H2''" . DT  D 4 3  ? 12.550  14.717  -5.094  1.00 144.86 ? 12  DT  D "H2''" 1 
ATOM   1182 H  "H1'"  . DT  D 4 3  ? 10.887  13.161  -5.371  1.00 122.89 ? 12  DT  D "H1'"  1 
ATOM   1183 H  H3     . DT  D 4 3  ? 9.400   13.328  -1.203  1.00 141.84 ? 12  DT  D H3     1 
ATOM   1184 H  H71    . DT  D 4 3  ? 12.722  10.797  0.361   1.00 100.97 ? 12  DT  D H71    1 
ATOM   1185 H  H72    . DT  D 4 3  ? 13.083  9.946   -0.925  1.00 100.97 ? 12  DT  D H72    1 
ATOM   1186 H  H73    . DT  D 4 3  ? 13.910  11.251  -0.582  1.00 100.97 ? 12  DT  D H73    1 
ATOM   1187 H  H6     . DT  D 4 3  ? 13.013  11.512  -3.092  1.00 106.00 ? 12  DT  D H6     1 
ATOM   1188 P  P      . DC  D 4 4  ? 12.140  15.729  -7.705  1.00 156.17 ? 13  DC  D P      1 
ATOM   1189 O  OP1    . DC  D 4 4  ? 12.080  16.023  -9.154  1.00 158.31 ? 13  DC  D OP1    1 
ATOM   1190 O  OP2    . DC  D 4 4  ? 13.256  16.262  -6.895  1.00 155.60 ? 13  DC  D OP2    1 
ATOM   1191 O  "O5'"  . DC  D 4 4  ? 10.762  16.184  -7.021  1.00 135.13 ? 13  DC  D "O5'"  1 
ATOM   1192 C  "C5'"  . DC  D 4 4  ? 10.670  16.333  -5.600  1.00 131.64 ? 13  DC  D "C5'"  1 
ATOM   1193 C  "C4'"  . DC  D 4 4  ? 9.550   17.291  -5.227  1.00 140.11 ? 13  DC  D "C4'"  1 
ATOM   1194 O  "O4'"  . DC  D 4 4  ? 8.911   16.847  -4.005  1.00 135.04 ? 13  DC  D "O4'"  1 
ATOM   1195 C  "C3'"  . DC  D 4 4  ? 9.993   18.732  -4.998  1.00 155.49 ? 13  DC  D "C3'"  1 
ATOM   1196 O  "O3'"  . DC  D 4 4  ? 9.167   19.632  -5.735  1.00 167.36 ? 13  DC  D "O3'"  1 
ATOM   1197 C  "C2'"  . DC  D 4 4  ? 9.893   18.956  -3.484  1.00 144.04 ? 13  DC  D "C2'"  1 
ATOM   1198 C  "C1'"  . DC  D 4 4  ? 9.203   17.711  -2.924  1.00 146.15 ? 13  DC  D "C1'"  1 
ATOM   1199 N  N1     . DC  D 4 4  ? 10.042  16.958  -1.932  1.00 134.26 ? 13  DC  D N1     1 
ATOM   1200 C  C2     . DC  D 4 4  ? 9.653   16.885  -0.579  1.00 130.16 ? 13  DC  D C2     1 
ATOM   1201 O  O2     . DC  D 4 4  ? 8.612   17.442  -0.209  1.00 127.81 ? 13  DC  D O2     1 
ATOM   1202 N  N3     . DC  D 4 4  ? 10.443  16.196  0.288   1.00 124.27 ? 13  DC  D N3     1 
ATOM   1203 C  C4     . DC  D 4 4  ? 11.558  15.606  -0.144  1.00 122.88 ? 13  DC  D C4     1 
ATOM   1204 N  N4     . DC  D 4 4  ? 12.307  14.942  0.743   1.00 124.25 ? 13  DC  D N4     1 
ATOM   1205 C  C5     . DC  D 4 4  ? 11.966  15.674  -1.507  1.00 114.51 ? 13  DC  D C5     1 
ATOM   1206 C  C6     . DC  D 4 4  ? 11.186  16.352  -2.353  1.00 124.55 ? 13  DC  D C6     1 
ATOM   1207 H  "H5'"  . DC  D 4 4  ? 11.510  16.677  -5.260  1.00 157.30 ? 13  DC  D "H5'"  1 
ATOM   1208 H  "H5''" . DC  D 4 4  ? 10.495  15.467  -5.199  1.00 157.30 ? 13  DC  D "H5''" 1 
ATOM   1209 H  "H4'"  . DC  D 4 4  ? 8.891   17.282  -5.939  1.00 167.47 ? 13  DC  D "H4'"  1 
ATOM   1210 H  "H3'"  . DC  D 4 4  ? 10.916  18.835  -5.279  1.00 185.92 ? 13  DC  D "H3'"  1 
ATOM   1211 H  "H2'"  . DC  D 4 4  ? 10.779  19.049  -3.100  1.00 172.18 ? 13  DC  D "H2'"  1 
ATOM   1212 H  "H2''" . DC  D 4 4  ? 9.362   19.745  -3.297  1.00 172.18 ? 13  DC  D "H2''" 1 
ATOM   1213 H  "H1'"  . DC  D 4 4  ? 8.372   17.975  -2.498  1.00 174.71 ? 13  DC  D "H1'"  1 
ATOM   1214 H  H41    . DC  D 4 4  ? 13.031  14.553  0.488   1.00 148.43 ? 13  DC  D H41    1 
ATOM   1215 H  H42    . DC  D 4 4  ? 12.065  14.903  1.567   1.00 148.43 ? 13  DC  D H42    1 
ATOM   1216 H  H5     . DC  D 4 4  ? 12.745  15.260  -1.798  1.00 136.75 ? 13  DC  D H5     1 
ATOM   1217 H  H6     . DC  D 4 4  ? 11.430  16.411  -3.249  1.00 148.79 ? 13  DC  D H6     1 
ATOM   1218 P  P      . DT  D 4 5  ? 9.592   21.174  -5.894  1.00 182.17 ? 14  DT  D P      1 
ATOM   1219 O  OP1    . DT  D 4 5  ? 8.842   21.741  -7.038  1.00 180.82 ? 14  DT  D OP1    1 
ATOM   1220 O  OP2    . DT  D 4 5  ? 11.070  21.243  -5.881  1.00 171.76 ? 14  DT  D OP2    1 
ATOM   1221 O  "O5'"  . DT  D 4 5  ? 9.061   21.848  -4.547  1.00 174.61 ? 14  DT  D "O5'"  1 
ATOM   1222 C  "C5'"  . DT  D 4 5  ? 7.722   21.629  -4.130  1.00 170.33 ? 14  DT  D "C5'"  1 
ATOM   1223 C  "C4'"  . DT  D 4 5  ? 7.502   22.121  -2.713  1.00 167.02 ? 14  DT  D "C4'"  1 
ATOM   1224 O  "O4'"  . DT  D 4 5  ? 8.061   21.165  -1.773  1.00 154.55 ? 14  DT  D "O4'"  1 
ATOM   1225 C  "C3'"  . DT  D 4 5  ? 8.155   23.472  -2.389  1.00 173.65 ? 14  DT  D "C3'"  1 
ATOM   1226 O  "O3'"  . DT  D 4 5  ? 7.166   24.403  -1.951  1.00 181.40 ? 14  DT  D "O3'"  1 
ATOM   1227 C  "C2'"  . DT  D 4 5  ? 9.182   23.141  -1.298  1.00 161.41 ? 14  DT  D "C2'"  1 
ATOM   1228 C  "C1'"  . DT  D 4 5  ? 8.620   21.869  -0.691  1.00 158.88 ? 14  DT  D "C1'"  1 
ATOM   1229 N  N1     . DT  D 4 5  ? 9.641   20.997  -0.006  1.00 153.46 ? 14  DT  D N1     1 
ATOM   1230 C  C2     . DT  D 4 5  ? 9.495   20.724  1.336   1.00 146.25 ? 14  DT  D C2     1 
ATOM   1231 O  O2     . DT  D 4 5  ? 8.578   21.159  2.010   1.00 144.02 ? 14  DT  D O2     1 
ATOM   1232 N  N3     . DT  D 4 5  ? 10.467  19.919  1.868   1.00 134.65 ? 14  DT  D N3     1 
ATOM   1233 C  C4     . DT  D 4 5  ? 11.550  19.367  1.206   1.00 128.57 ? 14  DT  D C4     1 
ATOM   1234 O  O4     . DT  D 4 5  ? 12.372  18.655  1.774   1.00 120.82 ? 14  DT  D O4     1 
ATOM   1235 C  C5     . DT  D 4 5  ? 11.649  19.688  -0.197  1.00 132.81 ? 14  DT  D C5     1 
ATOM   1236 C  C7     . DT  D 4 5  ? 12.789  19.146  -1.012  1.00 120.77 ? 14  DT  D C7     1 
ATOM   1237 C  C6     . DT  D 4 5  ? 10.699  20.479  -0.733  1.00 142.63 ? 14  DT  D C6     1 
ATOM   1238 H  "H5'"  . DT  D 4 5  ? 7.527   20.679  -4.172  1.00 203.73 ? 14  DT  D "H5'"  1 
ATOM   1239 H  "H5''" . DT  D 4 5  ? 7.122   22.103  -4.728  1.00 203.73 ? 14  DT  D "H5''" 1 
ATOM   1240 H  "H4'"  . DT  D 4 5  ? 6.548   22.192  -2.554  1.00 199.76 ? 14  DT  D "H4'"  1 
ATOM   1241 H  "H3'"  . DT  D 4 5  ? 8.609   23.815  -3.174  1.00 207.71 ? 14  DT  D "H3'"  1 
ATOM   1242 H  "H2'"  . DT  D 4 5  ? 10.056  22.980  -1.685  1.00 193.02 ? 14  DT  D "H2'"  1 
ATOM   1243 H  "H2''" . DT  D 4 5  ? 9.220   23.849  -0.636  1.00 193.02 ? 14  DT  D "H2''" 1 
ATOM   1244 H  "H1'"  . DT  D 4 5  ? 7.919   22.097  -0.061  1.00 189.99 ? 14  DT  D "H1'"  1 
ATOM   1245 H  H3     . DT  D 4 5  ? 10.395  19.735  2.705   1.00 160.91 ? 14  DT  D H3     1 
ATOM   1246 H  H71    . DT  D 4 5  ? 12.440  18.598  -1.733  1.00 144.26 ? 14  DT  D H71    1 
ATOM   1247 H  H72    . DT  D 4 5  ? 13.299  19.882  -1.385  1.00 144.26 ? 14  DT  D H72    1 
ATOM   1248 H  H73    . DT  D 4 5  ? 13.364  18.607  -0.447  1.00 144.26 ? 14  DT  D H73    1 
ATOM   1249 H  H6     . DT  D 4 5  ? 10.759  20.689  -1.637  1.00 170.49 ? 14  DT  D H6     1 
ATOM   1250 P  P      . DG  D 4 6  ? 7.503   25.971  -1.845  1.00 210.93 ? 15  DG  D P      1 
ATOM   1251 O  OP1    . DG  D 4 6  ? 6.222   26.708  -1.930  1.00 197.77 ? 15  DG  D OP1    1 
ATOM   1252 O  OP2    . DG  D 4 6  ? 8.599   26.279  -2.789  1.00 196.38 ? 15  DG  D OP2    1 
ATOM   1253 O  "O5'"  . DG  D 4 6  ? 8.032   26.131  -0.351  1.00 189.40 ? 15  DG  D "O5'"  1 
ATOM   1254 C  "C5'"  . DG  D 4 6  ? 7.256   25.618  0.716   1.00 175.11 ? 15  DG  D "C5'"  1 
ATOM   1255 C  "C4'"  . DG  D 4 6  ? 8.067   25.539  1.995   1.00 171.83 ? 15  DG  D "C4'"  1 
ATOM   1256 O  "O4'"  . DG  D 4 6  ? 8.951   24.394  1.940   1.00 165.35 ? 15  DG  D "O4'"  1 
ATOM   1257 C  "C3'"  . DG  D 4 6  ? 8.965   26.752  2.260   1.00 168.99 ? 15  DG  D "C3'"  1 
ATOM   1258 O  "O3'"  . DG  D 4 6  ? 8.412   27.592  3.295   1.00 169.85 ? 15  DG  D "O3'"  1 
ATOM   1259 C  "C2'"  . DG  D 4 6  ? 10.335  26.160  2.637   1.00 157.07 ? 15  DG  D "C2'"  1 
ATOM   1260 C  "C1'"  . DG  D 4 6  ? 10.089  24.656  2.726   1.00 157.36 ? 15  DG  D "C1'"  1 
ATOM   1261 N  N9     . DG  D 4 6  ? 11.203  23.845  2.228   1.00 151.00 ? 15  DG  D N9     1 
ATOM   1262 C  C8     . DG  D 4 6  ? 11.701  23.826  0.947   1.00 146.55 ? 15  DG  D C8     1 
ATOM   1263 N  N7     . DG  D 4 6  ? 12.706  23.008  0.791   1.00 135.74 ? 15  DG  D N7     1 
ATOM   1264 C  C5     . DG  D 4 6  ? 12.888  22.445  2.049   1.00 133.38 ? 15  DG  D C5     1 
ATOM   1265 C  C6     . DG  D 4 6  ? 13.833  21.486  2.491   1.00 123.02 ? 15  DG  D C6     1 
ATOM   1266 O  O6     . DG  D 4 6  ? 14.723  20.927  1.835   1.00 119.40 ? 15  DG  D O6     1 
ATOM   1267 N  N1     . DG  D 4 6  ? 13.675  21.187  3.843   1.00 120.63 ? 15  DG  D N1     1 
ATOM   1268 C  C2     . DG  D 4 6  ? 12.725  21.745  4.668   1.00 120.98 ? 15  DG  D C2     1 
ATOM   1269 N  N2     . DG  D 4 6  ? 12.725  21.332  5.948   1.00 112.86 ? 15  DG  D N2     1 
ATOM   1270 N  N3     . DG  D 4 6  ? 11.831  22.648  4.266   1.00 132.07 ? 15  DG  D N3     1 
ATOM   1271 C  C4     . DG  D 4 6  ? 11.973  22.950  2.949   1.00 140.14 ? 15  DG  D C4     1 
ATOM   1272 H  "H5'"  . DG  D 4 6  ? 6.943   24.730  0.484   1.00 209.46 ? 15  DG  D "H5'"  1 
ATOM   1273 H  "H5''" . DG  D 4 6  ? 6.492   26.197  0.861   1.00 209.46 ? 15  DG  D "H5''" 1 
ATOM   1274 H  "H4'"  . DG  D 4 6  ? 7.460   25.429  2.744   1.00 205.53 ? 15  DG  D "H4'"  1 
ATOM   1275 H  "H3'"  . DG  D 4 6  ? 9.054   27.268  1.443   1.00 202.12 ? 15  DG  D "H3'"  1 
ATOM   1276 H  "H2'"  . DG  D 4 6  ? 10.990  26.356  1.948   1.00 187.82 ? 15  DG  D "H2'"  1 
ATOM   1277 H  "H2''" . DG  D 4 6  ? 10.629  26.507  3.494   1.00 187.82 ? 15  DG  D "H2''" 1 
ATOM   1278 H  "H1'"  . DG  D 4 6  ? 9.903   24.414  3.648   1.00 188.16 ? 15  DG  D "H1'"  1 
ATOM   1279 H  H8     . DG  D 4 6  ? 11.357  24.347  0.258   1.00 175.19 ? 15  DG  D H8     1 
ATOM   1280 H  H1     . DG  D 4 6  ? 14.211  20.611  4.189   1.00 144.09 ? 15  DG  D H1     1 
ATOM   1281 H  H21    . DG  D 4 6  ? 12.148  21.647  6.503   1.00 134.77 ? 15  DG  D H21    1 
ATOM   1282 H  H22    . DG  D 4 6  ? 13.302  20.751  6.212   1.00 134.77 ? 15  DG  D H22    1 
ATOM   1283 P  P      . DC  D 4 7  ? 8.230   27.074  4.810   1.00 180.58 ? 16  DC  D P      1 
ATOM   1284 O  OP1    . DC  D 4 7  ? 8.099   25.602  4.831   1.00 169.13 ? 16  DC  D OP1    1 
ATOM   1285 O  OP2    . DC  D 4 7  ? 7.170   27.911  5.413   1.00 180.83 ? 16  DC  D OP2    1 
ATOM   1286 O  "O5'"  . DC  D 4 7  ? 9.607   27.466  5.520   1.00 163.90 ? 16  DC  D "O5'"  1 
ATOM   1287 C  "C5'"  . DC  D 4 7  ? 9.619   27.896  6.881   1.00 160.61 ? 16  DC  D "C5'"  1 
ATOM   1288 C  "C4'"  . DC  D 4 7  ? 9.447   26.726  7.836   1.00 157.21 ? 16  DC  D "C4'"  1 
ATOM   1289 O  "O4'"  . DC  D 4 7  ? 10.063  25.540  7.275   1.00 159.12 ? 16  DC  D "O4'"  1 
ATOM   1290 C  "C3'"  . DC  D 4 7  ? 10.099  26.918  9.198   1.00 150.71 ? 16  DC  D "C3'"  1 
ATOM   1291 O  "O3'"  . DC  D 4 7  ? 9.361   26.249  10.218  1.00 153.29 ? 16  DC  D "O3'"  1 
ATOM   1292 C  "C2'"  . DC  D 4 7  ? 11.493  26.328  9.006   1.00 137.07 ? 16  DC  D "C2'"  1 
ATOM   1293 C  "C1'"  . DC  D 4 7  ? 11.297  25.268  7.919   1.00 151.81 ? 16  DC  D "C1'"  1 
ATOM   1294 N  N1     . DC  D 4 7  ? 12.375  25.269  6.890   1.00 133.67 ? 16  DC  D N1     1 
ATOM   1295 C  C2     . DC  D 4 7  ? 13.613  24.683  7.175   1.00 117.99 ? 16  DC  D C2     1 
ATOM   1296 O  O2     . DC  D 4 7  ? 13.798  24.167  8.283   1.00 113.50 ? 16  DC  D O2     1 
ATOM   1297 N  N3     . DC  D 4 7  ? 14.579  24.699  6.222   1.00 111.63 ? 16  DC  D N3     1 
ATOM   1298 C  C4     . DC  D 4 7  ? 14.340  25.266  5.038   1.00 117.04 ? 16  DC  D C4     1 
ATOM   1299 N  N4     . DC  D 4 7  ? 15.320  25.260  4.131   1.00 125.13 ? 16  DC  D N4     1 
ATOM   1300 C  C5     . DC  D 4 7  ? 13.086  25.868  4.734   1.00 127.30 ? 16  DC  D C5     1 
ATOM   1301 C  C6     . DC  D 4 7  ? 12.145  25.846  5.679   1.00 132.70 ? 16  DC  D C6     1 
ATOM   1302 H  "H5'"  . DC  D 4 7  ? 8.896   28.528  7.020   1.00 192.06 ? 16  DC  D "H5'"  1 
ATOM   1303 H  "H5''" . DC  D 4 7  ? 10.463  28.335  7.066   1.00 192.06 ? 16  DC  D "H5''" 1 
ATOM   1304 H  "H4'"  . DC  D 4 7  ? 8.500   26.559  7.963   1.00 187.99 ? 16  DC  D "H4'"  1 
ATOM   1305 H  "H3'"  . DC  D 4 7  ? 10.166  27.863  9.402   1.00 180.18 ? 16  DC  D "H3'"  1 
ATOM   1306 H  "HO3'" . DC  D 4 7  ? 9.727   25.648  10.676  1.00 183.28 ? 16  DC  D "HO3'" 1 
ATOM   1307 H  "H2'"  . DC  D 4 7  ? 12.113  27.011  8.707   1.00 163.82 ? 16  DC  D "H2'"  1 
ATOM   1308 H  "H2''" . DC  D 4 7  ? 11.805  25.919  9.828   1.00 163.82 ? 16  DC  D "H2''" 1 
ATOM   1309 H  "H1'"  . DC  D 4 7  ? 11.254  24.393  8.334   1.00 181.50 ? 16  DC  D "H1'"  1 
ATOM   1310 H  H41    . DC  D 4 7  ? 15.195  25.622  3.361   1.00 149.48 ? 16  DC  D H41    1 
ATOM   1311 H  H42    . DC  D 4 7  ? 16.076  24.894  4.317   1.00 149.48 ? 16  DC  D H42    1 
ATOM   1312 H  H5     . DC  D 4 7  ? 12.929  26.261  3.906   1.00 152.10 ? 16  DC  D H5     1 
ATOM   1313 H  H6     . DC  D 4 7  ? 11.316  26.232  5.507   1.00 158.57 ? 16  DC  D H6     1 
HETATM 1314 AS AS     . CAC E 5 .  ? -1.384  -4.641  -6.737  1.00 123.43 ? 101 CAC A AS     1 
HETATM 1315 AS AS     . CAC F 5 .  ? 5.561   8.997   6.340   1.00 347.83 ? 102 CAC A AS     1 
HETATM 1316 AS AS     . CAC G 5 .  ? -12.774 -17.168 3.397   1.00 360.37 ? 103 CAC A AS     1 
# 
loop_
_pdbx_poly_seq_scheme.asym_id 
_pdbx_poly_seq_scheme.entity_id 
_pdbx_poly_seq_scheme.seq_id 
_pdbx_poly_seq_scheme.mon_id 
_pdbx_poly_seq_scheme.ndb_seq_num 
_pdbx_poly_seq_scheme.pdb_seq_num 
_pdbx_poly_seq_scheme.auth_seq_num 
_pdbx_poly_seq_scheme.pdb_mon_id 
_pdbx_poly_seq_scheme.auth_mon_id 
_pdbx_poly_seq_scheme.pdb_strand_id 
_pdbx_poly_seq_scheme.pdb_ins_code 
_pdbx_poly_seq_scheme.hetero 
A 1 1  DG 1  1  1  DG DG A . n 
A 1 2  DA 2  2  2  DA DA A . n 
A 1 3  DG 3  3  3  DG DG A . n 
A 1 4  DC 4  4  4  DC DC A . n 
A 1 5  DA 5  5  5  DA DA A . n 
A 1 6  DG 6  6  6  DG DG A . n 
A 1 7  DA 7  7  7  DA DA A . n 
A 1 8  DC 8  8  8  DC DC A . n 
A 1 9  DC 9  9  9  DC DC A . n 
A 1 10 DA 10 10 10 DA DA A . n 
A 1 11 DG 11 11 11 DG DG A . n 
A 1 12 DA 12 12 12 DA DA A . n 
A 1 13 DC 13 13 13 DC DC A . n 
A 1 14 DG 14 14 14 DG DG A . n 
A 1 15 DT 15 15 15 DT DT A . n 
A 1 16 DC 16 16 16 DC DC A . n 
A 1 17 DA 17 17 17 DA DA A . n 
A 1 18 DC 18 18 18 DC DC A . n 
A 1 19 DT 19 19 19 DT DT A . n 
A 1 20 DC 20 20 20 DC DC A . n 
A 1 21 DA 21 21 21 DA DA A . n 
B 2 1  DA 1  0  0  DA DA B . n 
B 2 2  DC 2  1  1  DC DC B . n 
B 2 3  DG 3  2  2  DG DG B . n 
B 2 4  DT 4  3  3  DT DT B . n 
B 2 5  DC 5  4  4  DC DC B . n 
B 2 6  DT 6  5  5  DT DT B . n 
C 3 1  DT 1  1  1  DT DT C . n 
C 3 2  DC 2  2  2  DC DC C . n 
C 3 3  DT 3  3  3  DT DT C . n 
C 3 4  DG 4  4  4  DG DG C . n 
C 3 5  DA 5  5  5  DA DA C . n 
C 3 6  DG 6  6  6  DG DG C . n 
C 3 7  DT 7  7  7  DT DT C . n 
C 3 8  DG 8  8  8  DG DG C . n 
D 4 1  DG 1  10 10 DG DG D . n 
D 4 2  DG 2  11 11 DG DG D . n 
D 4 3  DT 3  12 12 DT DT D . n 
D 4 4  DC 4  13 13 DC DC D . n 
D 4 5  DT 5  14 14 DT DT D . n 
D 4 6  DG 6  15 15 DG DG D . n 
D 4 7  DC 7  16 16 DC DC D . n 
# 
loop_
_pdbx_nonpoly_scheme.asym_id 
_pdbx_nonpoly_scheme.entity_id 
_pdbx_nonpoly_scheme.mon_id 
_pdbx_nonpoly_scheme.ndb_seq_num 
_pdbx_nonpoly_scheme.pdb_seq_num 
_pdbx_nonpoly_scheme.auth_seq_num 
_pdbx_nonpoly_scheme.pdb_mon_id 
_pdbx_nonpoly_scheme.auth_mon_id 
_pdbx_nonpoly_scheme.pdb_strand_id 
_pdbx_nonpoly_scheme.pdb_ins_code 
E 5 CAC 1 101 1 CAC AS A . 
F 5 CAC 1 102 2 CAC AS A . 
G 5 CAC 1 103 3 CAC AS A . 
# 
_pdbx_struct_assembly.id                   1 
_pdbx_struct_assembly.details              author_defined_assembly 
_pdbx_struct_assembly.method_details       ? 
_pdbx_struct_assembly.oligomeric_details   tetrameric 
_pdbx_struct_assembly.oligomeric_count     4 
# 
_pdbx_struct_assembly_gen.assembly_id       1 
_pdbx_struct_assembly_gen.oper_expression   1 
_pdbx_struct_assembly_gen.asym_id_list      A,B,C,D,E,F,G 
# 
_pdbx_struct_oper_list.id                   1 
_pdbx_struct_oper_list.type                 'identity operation' 
_pdbx_struct_oper_list.name                 1_555 
_pdbx_struct_oper_list.symmetry_operation   x,y,z 
_pdbx_struct_oper_list.matrix[1][1]         1.0000000000 
_pdbx_struct_oper_list.matrix[1][2]         0.0000000000 
_pdbx_struct_oper_list.matrix[1][3]         0.0000000000 
_pdbx_struct_oper_list.vector[1]            0.0000000000 
_pdbx_struct_oper_list.matrix[2][1]         0.0000000000 
_pdbx_struct_oper_list.matrix[2][2]         1.0000000000 
_pdbx_struct_oper_list.matrix[2][3]         0.0000000000 
_pdbx_struct_oper_list.vector[2]            0.0000000000 
_pdbx_struct_oper_list.matrix[3][1]         0.0000000000 
_pdbx_struct_oper_list.matrix[3][2]         0.0000000000 
_pdbx_struct_oper_list.matrix[3][3]         1.0000000000 
_pdbx_struct_oper_list.vector[3]            0.0000000000 
# 
loop_
_pdbx_audit_revision_history.ordinal 
_pdbx_audit_revision_history.data_content_type 
_pdbx_audit_revision_history.major_revision 
_pdbx_audit_revision_history.minor_revision 
_pdbx_audit_revision_history.revision_date 
1 'Structure model' 1 0 2021-07-14 
2 'Structure model' 1 1 2022-07-06 
3 'Structure model' 1 2 2023-10-18 
# 
_pdbx_audit_revision_details.ordinal             1 
_pdbx_audit_revision_details.revision_ordinal    1 
_pdbx_audit_revision_details.data_content_type   'Structure model' 
_pdbx_audit_revision_details.provider            repository 
_pdbx_audit_revision_details.type                'Initial release' 
_pdbx_audit_revision_details.description         ? 
_pdbx_audit_revision_details.details             ? 
# 
loop_
_pdbx_audit_revision_group.ordinal 
_pdbx_audit_revision_group.revision_ordinal 
_pdbx_audit_revision_group.data_content_type 
_pdbx_audit_revision_group.group 
1 2 'Structure model' 'Database references'    
2 3 'Structure model' 'Data collection'        
3 3 'Structure model' 'Refinement description' 
# 
loop_
_pdbx_audit_revision_category.ordinal 
_pdbx_audit_revision_category.revision_ordinal 
_pdbx_audit_revision_category.data_content_type 
_pdbx_audit_revision_category.category 
1 2 'Structure model' citation                      
2 2 'Structure model' citation_author               
3 2 'Structure model' database_2                    
4 3 'Structure model' chem_comp_atom                
5 3 'Structure model' chem_comp_bond                
6 3 'Structure model' pdbx_initial_refinement_model 
# 
loop_
_pdbx_audit_revision_item.ordinal 
_pdbx_audit_revision_item.revision_ordinal 
_pdbx_audit_revision_item.data_content_type 
_pdbx_audit_revision_item.item 
1  2 'Structure model' '_citation.country'                   
2  2 'Structure model' '_citation.journal_abbrev'            
3  2 'Structure model' '_citation.journal_id_CSD'            
4  2 'Structure model' '_citation.journal_id_ISSN'           
5  2 'Structure model' '_citation.journal_volume'            
6  2 'Structure model' '_citation.page_first'                
7  2 'Structure model' '_citation.page_last'                 
8  2 'Structure model' '_citation.pdbx_database_id_DOI'      
9  2 'Structure model' '_citation.pdbx_database_id_PubMed'   
10 2 'Structure model' '_citation.title'                     
11 2 'Structure model' '_citation.year'                      
12 2 'Structure model' '_database_2.pdbx_DOI'                
13 2 'Structure model' '_database_2.pdbx_database_accession' 
# 
loop_
_software.citation_id 
_software.classification 
_software.compiler_name 
_software.compiler_version 
_software.contact_author 
_software.contact_author_email 
_software.date 
_software.description 
_software.dependencies 
_software.hardware 
_software.language 
_software.location 
_software.mods 
_software.name 
_software.os 
_software.os_version 
_software.type 
_software.version 
_software.pdbx_ordinal 
? refinement        ? ? ? ? ? ? ? ? ? ? ? PHENIX      ? ? ? 1.11.1_2575 1 
? 'data reduction'  ? ? ? ? ? ? ? ? ? ? ? HKL-2000    ? ? ? .           2 
? 'data scaling'    ? ? ? ? ? ? ? ? ? ? ? HKL-2000    ? ? ? .           3 
? 'data extraction' ? ? ? ? ? ? ? ? ? ? ? PDB_EXTRACT ? ? ? 3.25        4 
? phasing           ? ? ? ? ? ? ? ? ? ? ? PHASER      ? ? ? .           5 
# 
_pdbx_entry_details.entry_id                 7JOL 
_pdbx_entry_details.nonpolymer_details       ? 
_pdbx_entry_details.sequence_details         ? 
_pdbx_entry_details.compound_details         ? 
_pdbx_entry_details.source_details           ? 
_pdbx_entry_details.has_ligand_of_interest   N 
# 
_pdbx_validate_symm_contact.id                1 
_pdbx_validate_symm_contact.PDB_model_num     1 
_pdbx_validate_symm_contact.auth_atom_id_1    OP1 
_pdbx_validate_symm_contact.auth_asym_id_1    B 
_pdbx_validate_symm_contact.auth_comp_id_1    DA 
_pdbx_validate_symm_contact.auth_seq_id_1     0 
_pdbx_validate_symm_contact.PDB_ins_code_1    ? 
_pdbx_validate_symm_contact.label_alt_id_1    ? 
_pdbx_validate_symm_contact.site_symmetry_1   1_555 
_pdbx_validate_symm_contact.auth_atom_id_2    "O3'" 
_pdbx_validate_symm_contact.auth_asym_id_2    B 
_pdbx_validate_symm_contact.auth_comp_id_2    DT 
_pdbx_validate_symm_contact.auth_seq_id_2     5 
_pdbx_validate_symm_contact.PDB_ins_code_2    ? 
_pdbx_validate_symm_contact.label_alt_id_2    ? 
_pdbx_validate_symm_contact.site_symmetry_2   3_555 
_pdbx_validate_symm_contact.dist              2.19 
# 
loop_
_pdbx_validate_rmsd_angle.id 
_pdbx_validate_rmsd_angle.PDB_model_num 
_pdbx_validate_rmsd_angle.auth_atom_id_1 
_pdbx_validate_rmsd_angle.auth_asym_id_1 
_pdbx_validate_rmsd_angle.auth_comp_id_1 
_pdbx_validate_rmsd_angle.auth_seq_id_1 
_pdbx_validate_rmsd_angle.PDB_ins_code_1 
_pdbx_validate_rmsd_angle.label_alt_id_1 
_pdbx_validate_rmsd_angle.auth_atom_id_2 
_pdbx_validate_rmsd_angle.auth_asym_id_2 
_pdbx_validate_rmsd_angle.auth_comp_id_2 
_pdbx_validate_rmsd_angle.auth_seq_id_2 
_pdbx_validate_rmsd_angle.PDB_ins_code_2 
_pdbx_validate_rmsd_angle.label_alt_id_2 
_pdbx_validate_rmsd_angle.auth_atom_id_3 
_pdbx_validate_rmsd_angle.auth_asym_id_3 
_pdbx_validate_rmsd_angle.auth_comp_id_3 
_pdbx_validate_rmsd_angle.auth_seq_id_3 
_pdbx_validate_rmsd_angle.PDB_ins_code_3 
_pdbx_validate_rmsd_angle.label_alt_id_3 
_pdbx_validate_rmsd_angle.angle_value 
_pdbx_validate_rmsd_angle.angle_target_value 
_pdbx_validate_rmsd_angle.angle_deviation 
_pdbx_validate_rmsd_angle.angle_standard_deviation 
_pdbx_validate_rmsd_angle.linker_flag 
1 1 "O4'" A DC 13 ? ? "C1'" A DC 13 ? ? N1 A DC 13 ? ? 110.20 108.30 1.90 0.30 N 
2 1 "O4'" D DT 12 ? ? "C1'" D DT 12 ? ? N1 D DT 12 ? ? 110.85 108.30 2.55 0.30 N 
# 
loop_
_pdbx_unobs_or_zero_occ_atoms.id 
_pdbx_unobs_or_zero_occ_atoms.PDB_model_num 
_pdbx_unobs_or_zero_occ_atoms.polymer_flag 
_pdbx_unobs_or_zero_occ_atoms.occupancy_flag 
_pdbx_unobs_or_zero_occ_atoms.auth_asym_id 
_pdbx_unobs_or_zero_occ_atoms.auth_comp_id 
_pdbx_unobs_or_zero_occ_atoms.auth_seq_id 
_pdbx_unobs_or_zero_occ_atoms.PDB_ins_code 
_pdbx_unobs_or_zero_occ_atoms.auth_atom_id 
_pdbx_unobs_or_zero_occ_atoms.label_alt_id 
_pdbx_unobs_or_zero_occ_atoms.label_asym_id 
_pdbx_unobs_or_zero_occ_atoms.label_comp_id 
_pdbx_unobs_or_zero_occ_atoms.label_seq_id 
_pdbx_unobs_or_zero_occ_atoms.label_atom_id 
1  1 Y 1 A DG  1   ? "O5'" ? A DG  1 "O5'" 
2  1 Y 1 A DG  1   ? "C5'" ? A DG  1 "C5'" 
3  1 N 1 A CAC 101 ? O1    ? E CAC 1 O1    
4  1 N 1 A CAC 101 ? O2    ? E CAC 1 O2    
5  1 N 1 A CAC 101 ? C1    ? E CAC 1 C1    
6  1 N 1 A CAC 101 ? C2    ? E CAC 1 C2    
7  1 N 1 A CAC 102 ? O1    ? F CAC 1 O1    
8  1 N 1 A CAC 102 ? O2    ? F CAC 1 O2    
9  1 N 1 A CAC 102 ? C1    ? F CAC 1 C1    
10 1 N 1 A CAC 102 ? C2    ? F CAC 1 C2    
11 1 N 1 A CAC 103 ? O1    ? G CAC 1 O1    
12 1 N 1 A CAC 103 ? O2    ? G CAC 1 O2    
13 1 N 1 A CAC 103 ? C1    ? G CAC 1 C1    
14 1 N 1 A CAC 103 ? C2    ? G CAC 1 C2    
# 
loop_
_chem_comp_atom.comp_id 
_chem_comp_atom.atom_id 
_chem_comp_atom.type_symbol 
_chem_comp_atom.pdbx_aromatic_flag 
_chem_comp_atom.pdbx_stereo_config 
_chem_comp_atom.pdbx_ordinal 
CAC AS     AS N N 1   
CAC O1     O  N N 2   
CAC O2     O  N N 3   
CAC C1     C  N N 4   
CAC C2     C  N N 5   
CAC H11    H  N N 6   
CAC H12    H  N N 7   
CAC H13    H  N N 8   
CAC H21    H  N N 9   
CAC H22    H  N N 10  
CAC H23    H  N N 11  
DA  OP3    O  N N 12  
DA  P      P  N N 13  
DA  OP1    O  N N 14  
DA  OP2    O  N N 15  
DA  "O5'"  O  N N 16  
DA  "C5'"  C  N N 17  
DA  "C4'"  C  N R 18  
DA  "O4'"  O  N N 19  
DA  "C3'"  C  N S 20  
DA  "O3'"  O  N N 21  
DA  "C2'"  C  N N 22  
DA  "C1'"  C  N R 23  
DA  N9     N  Y N 24  
DA  C8     C  Y N 25  
DA  N7     N  Y N 26  
DA  C5     C  Y N 27  
DA  C6     C  Y N 28  
DA  N6     N  N N 29  
DA  N1     N  Y N 30  
DA  C2     C  Y N 31  
DA  N3     N  Y N 32  
DA  C4     C  Y N 33  
DA  HOP3   H  N N 34  
DA  HOP2   H  N N 35  
DA  "H5'"  H  N N 36  
DA  "H5''" H  N N 37  
DA  "H4'"  H  N N 38  
DA  "H3'"  H  N N 39  
DA  "HO3'" H  N N 40  
DA  "H2'"  H  N N 41  
DA  "H2''" H  N N 42  
DA  "H1'"  H  N N 43  
DA  H8     H  N N 44  
DA  H61    H  N N 45  
DA  H62    H  N N 46  
DA  H2     H  N N 47  
DC  OP3    O  N N 48  
DC  P      P  N N 49  
DC  OP1    O  N N 50  
DC  OP2    O  N N 51  
DC  "O5'"  O  N N 52  
DC  "C5'"  C  N N 53  
DC  "C4'"  C  N R 54  
DC  "O4'"  O  N N 55  
DC  "C3'"  C  N S 56  
DC  "O3'"  O  N N 57  
DC  "C2'"  C  N N 58  
DC  "C1'"  C  N R 59  
DC  N1     N  N N 60  
DC  C2     C  N N 61  
DC  O2     O  N N 62  
DC  N3     N  N N 63  
DC  C4     C  N N 64  
DC  N4     N  N N 65  
DC  C5     C  N N 66  
DC  C6     C  N N 67  
DC  HOP3   H  N N 68  
DC  HOP2   H  N N 69  
DC  "H5'"  H  N N 70  
DC  "H5''" H  N N 71  
DC  "H4'"  H  N N 72  
DC  "H3'"  H  N N 73  
DC  "HO3'" H  N N 74  
DC  "H2'"  H  N N 75  
DC  "H2''" H  N N 76  
DC  "H1'"  H  N N 77  
DC  H41    H  N N 78  
DC  H42    H  N N 79  
DC  H5     H  N N 80  
DC  H6     H  N N 81  
DG  OP3    O  N N 82  
DG  P      P  N N 83  
DG  OP1    O  N N 84  
DG  OP2    O  N N 85  
DG  "O5'"  O  N N 86  
DG  "C5'"  C  N N 87  
DG  "C4'"  C  N R 88  
DG  "O4'"  O  N N 89  
DG  "C3'"  C  N S 90  
DG  "O3'"  O  N N 91  
DG  "C2'"  C  N N 92  
DG  "C1'"  C  N R 93  
DG  N9     N  Y N 94  
DG  C8     C  Y N 95  
DG  N7     N  Y N 96  
DG  C5     C  Y N 97  
DG  C6     C  N N 98  
DG  O6     O  N N 99  
DG  N1     N  N N 100 
DG  C2     C  N N 101 
DG  N2     N  N N 102 
DG  N3     N  N N 103 
DG  C4     C  Y N 104 
DG  HOP3   H  N N 105 
DG  HOP2   H  N N 106 
DG  "H5'"  H  N N 107 
DG  "H5''" H  N N 108 
DG  "H4'"  H  N N 109 
DG  "H3'"  H  N N 110 
DG  "HO3'" H  N N 111 
DG  "H2'"  H  N N 112 
DG  "H2''" H  N N 113 
DG  "H1'"  H  N N 114 
DG  H8     H  N N 115 
DG  H1     H  N N 116 
DG  H21    H  N N 117 
DG  H22    H  N N 118 
DT  OP3    O  N N 119 
DT  P      P  N N 120 
DT  OP1    O  N N 121 
DT  OP2    O  N N 122 
DT  "O5'"  O  N N 123 
DT  "C5'"  C  N N 124 
DT  "C4'"  C  N R 125 
DT  "O4'"  O  N N 126 
DT  "C3'"  C  N S 127 
DT  "O3'"  O  N N 128 
DT  "C2'"  C  N N 129 
DT  "C1'"  C  N R 130 
DT  N1     N  N N 131 
DT  C2     C  N N 132 
DT  O2     O  N N 133 
DT  N3     N  N N 134 
DT  C4     C  N N 135 
DT  O4     O  N N 136 
DT  C5     C  N N 137 
DT  C7     C  N N 138 
DT  C6     C  N N 139 
DT  HOP3   H  N N 140 
DT  HOP2   H  N N 141 
DT  "H5'"  H  N N 142 
DT  "H5''" H  N N 143 
DT  "H4'"  H  N N 144 
DT  "H3'"  H  N N 145 
DT  "HO3'" H  N N 146 
DT  "H2'"  H  N N 147 
DT  "H2''" H  N N 148 
DT  "H1'"  H  N N 149 
DT  H3     H  N N 150 
DT  H71    H  N N 151 
DT  H72    H  N N 152 
DT  H73    H  N N 153 
DT  H6     H  N N 154 
# 
loop_
_chem_comp_bond.comp_id 
_chem_comp_bond.atom_id_1 
_chem_comp_bond.atom_id_2 
_chem_comp_bond.value_order 
_chem_comp_bond.pdbx_aromatic_flag 
_chem_comp_bond.pdbx_stereo_config 
_chem_comp_bond.pdbx_ordinal 
CAC AS    O1     doub N N 1   
CAC AS    O2     sing N N 2   
CAC AS    C1     sing N N 3   
CAC AS    C2     sing N N 4   
CAC C1    H11    sing N N 5   
CAC C1    H12    sing N N 6   
CAC C1    H13    sing N N 7   
CAC C2    H21    sing N N 8   
CAC C2    H22    sing N N 9   
CAC C2    H23    sing N N 10  
DA  OP3   P      sing N N 11  
DA  OP3   HOP3   sing N N 12  
DA  P     OP1    doub N N 13  
DA  P     OP2    sing N N 14  
DA  P     "O5'"  sing N N 15  
DA  OP2   HOP2   sing N N 16  
DA  "O5'" "C5'"  sing N N 17  
DA  "C5'" "C4'"  sing N N 18  
DA  "C5'" "H5'"  sing N N 19  
DA  "C5'" "H5''" sing N N 20  
DA  "C4'" "O4'"  sing N N 21  
DA  "C4'" "C3'"  sing N N 22  
DA  "C4'" "H4'"  sing N N 23  
DA  "O4'" "C1'"  sing N N 24  
DA  "C3'" "O3'"  sing N N 25  
DA  "C3'" "C2'"  sing N N 26  
DA  "C3'" "H3'"  sing N N 27  
DA  "O3'" "HO3'" sing N N 28  
DA  "C2'" "C1'"  sing N N 29  
DA  "C2'" "H2'"  sing N N 30  
DA  "C2'" "H2''" sing N N 31  
DA  "C1'" N9     sing N N 32  
DA  "C1'" "H1'"  sing N N 33  
DA  N9    C8     sing Y N 34  
DA  N9    C4     sing Y N 35  
DA  C8    N7     doub Y N 36  
DA  C8    H8     sing N N 37  
DA  N7    C5     sing Y N 38  
DA  C5    C6     sing Y N 39  
DA  C5    C4     doub Y N 40  
DA  C6    N6     sing N N 41  
DA  C6    N1     doub Y N 42  
DA  N6    H61    sing N N 43  
DA  N6    H62    sing N N 44  
DA  N1    C2     sing Y N 45  
DA  C2    N3     doub Y N 46  
DA  C2    H2     sing N N 47  
DA  N3    C4     sing Y N 48  
DC  OP3   P      sing N N 49  
DC  OP3   HOP3   sing N N 50  
DC  P     OP1    doub N N 51  
DC  P     OP2    sing N N 52  
DC  P     "O5'"  sing N N 53  
DC  OP2   HOP2   sing N N 54  
DC  "O5'" "C5'"  sing N N 55  
DC  "C5'" "C4'"  sing N N 56  
DC  "C5'" "H5'"  sing N N 57  
DC  "C5'" "H5''" sing N N 58  
DC  "C4'" "O4'"  sing N N 59  
DC  "C4'" "C3'"  sing N N 60  
DC  "C4'" "H4'"  sing N N 61  
DC  "O4'" "C1'"  sing N N 62  
DC  "C3'" "O3'"  sing N N 63  
DC  "C3'" "C2'"  sing N N 64  
DC  "C3'" "H3'"  sing N N 65  
DC  "O3'" "HO3'" sing N N 66  
DC  "C2'" "C1'"  sing N N 67  
DC  "C2'" "H2'"  sing N N 68  
DC  "C2'" "H2''" sing N N 69  
DC  "C1'" N1     sing N N 70  
DC  "C1'" "H1'"  sing N N 71  
DC  N1    C2     sing N N 72  
DC  N1    C6     sing N N 73  
DC  C2    O2     doub N N 74  
DC  C2    N3     sing N N 75  
DC  N3    C4     doub N N 76  
DC  C4    N4     sing N N 77  
DC  C4    C5     sing N N 78  
DC  N4    H41    sing N N 79  
DC  N4    H42    sing N N 80  
DC  C5    C6     doub N N 81  
DC  C5    H5     sing N N 82  
DC  C6    H6     sing N N 83  
DG  OP3   P      sing N N 84  
DG  OP3   HOP3   sing N N 85  
DG  P     OP1    doub N N 86  
DG  P     OP2    sing N N 87  
DG  P     "O5'"  sing N N 88  
DG  OP2   HOP2   sing N N 89  
DG  "O5'" "C5'"  sing N N 90  
DG  "C5'" "C4'"  sing N N 91  
DG  "C5'" "H5'"  sing N N 92  
DG  "C5'" "H5''" sing N N 93  
DG  "C4'" "O4'"  sing N N 94  
DG  "C4'" "C3'"  sing N N 95  
DG  "C4'" "H4'"  sing N N 96  
DG  "O4'" "C1'"  sing N N 97  
DG  "C3'" "O3'"  sing N N 98  
DG  "C3'" "C2'"  sing N N 99  
DG  "C3'" "H3'"  sing N N 100 
DG  "O3'" "HO3'" sing N N 101 
DG  "C2'" "C1'"  sing N N 102 
DG  "C2'" "H2'"  sing N N 103 
DG  "C2'" "H2''" sing N N 104 
DG  "C1'" N9     sing N N 105 
DG  "C1'" "H1'"  sing N N 106 
DG  N9    C8     sing Y N 107 
DG  N9    C4     sing Y N 108 
DG  C8    N7     doub Y N 109 
DG  C8    H8     sing N N 110 
DG  N7    C5     sing Y N 111 
DG  C5    C6     sing N N 112 
DG  C5    C4     doub Y N 113 
DG  C6    O6     doub N N 114 
DG  C6    N1     sing N N 115 
DG  N1    C2     sing N N 116 
DG  N1    H1     sing N N 117 
DG  C2    N2     sing N N 118 
DG  C2    N3     doub N N 119 
DG  N2    H21    sing N N 120 
DG  N2    H22    sing N N 121 
DG  N3    C4     sing N N 122 
DT  OP3   P      sing N N 123 
DT  OP3   HOP3   sing N N 124 
DT  P     OP1    doub N N 125 
DT  P     OP2    sing N N 126 
DT  P     "O5'"  sing N N 127 
DT  OP2   HOP2   sing N N 128 
DT  "O5'" "C5'"  sing N N 129 
DT  "C5'" "C4'"  sing N N 130 
DT  "C5'" "H5'"  sing N N 131 
DT  "C5'" "H5''" sing N N 132 
DT  "C4'" "O4'"  sing N N 133 
DT  "C4'" "C3'"  sing N N 134 
DT  "C4'" "H4'"  sing N N 135 
DT  "O4'" "C1'"  sing N N 136 
DT  "C3'" "O3'"  sing N N 137 
DT  "C3'" "C2'"  sing N N 138 
DT  "C3'" "H3'"  sing N N 139 
DT  "O3'" "HO3'" sing N N 140 
DT  "C2'" "C1'"  sing N N 141 
DT  "C2'" "H2'"  sing N N 142 
DT  "C2'" "H2''" sing N N 143 
DT  "C1'" N1     sing N N 144 
DT  "C1'" "H1'"  sing N N 145 
DT  N1    C2     sing N N 146 
DT  N1    C6     sing N N 147 
DT  C2    O2     doub N N 148 
DT  C2    N3     sing N N 149 
DT  N3    C4     sing N N 150 
DT  N3    H3     sing N N 151 
DT  C4    O4     doub N N 152 
DT  C4    C5     sing N N 153 
DT  C5    C7     sing N N 154 
DT  C5    C6     doub N N 155 
DT  C7    H71    sing N N 156 
DT  C7    H72    sing N N 157 
DT  C7    H73    sing N N 158 
DT  C6    H6     sing N N 159 
# 
loop_
_ndb_struct_conf_na.entry_id 
_ndb_struct_conf_na.feature 
7JOL 'double helix'        
7JOL 'a-form double helix' 
7JOL 'b-form double helix' 
# 
loop_
_ndb_struct_na_base_pair.model_number 
_ndb_struct_na_base_pair.i_label_asym_id 
_ndb_struct_na_base_pair.i_label_comp_id 
_ndb_struct_na_base_pair.i_label_seq_id 
_ndb_struct_na_base_pair.i_symmetry 
_ndb_struct_na_base_pair.j_label_asym_id 
_ndb_struct_na_base_pair.j_label_comp_id 
_ndb_struct_na_base_pair.j_label_seq_id 
_ndb_struct_na_base_pair.j_symmetry 
_ndb_struct_na_base_pair.shear 
_ndb_struct_na_base_pair.stretch 
_ndb_struct_na_base_pair.stagger 
_ndb_struct_na_base_pair.buckle 
_ndb_struct_na_base_pair.propeller 
_ndb_struct_na_base_pair.opening 
_ndb_struct_na_base_pair.pair_number 
_ndb_struct_na_base_pair.pair_name 
_ndb_struct_na_base_pair.i_auth_asym_id 
_ndb_struct_na_base_pair.i_auth_seq_id 
_ndb_struct_na_base_pair.i_PDB_ins_code 
_ndb_struct_na_base_pair.j_auth_asym_id 
_ndb_struct_na_base_pair.j_auth_seq_id 
_ndb_struct_na_base_pair.j_PDB_ins_code 
_ndb_struct_na_base_pair.hbond_type_28 
_ndb_struct_na_base_pair.hbond_type_12 
1 A DG 3  1_555 D DC 7 1_555 1.567  0.007  1.294  11.658 -18.695 -4.813  1  A_DG3:DC16_D A 3  ? D 16 ? 19 1 
1 A DC 4  1_555 D DG 6 1_555 0.187  -0.095 0.011  -4.378 -9.575  0.683   2  A_DC4:DG15_D A 4  ? D 15 ? 19 1 
1 A DA 5  1_555 D DT 5 1_555 1.961  0.013  0.528  -5.080 -8.886  -21.499 3  A_DA5:DT14_D A 5  ? D 14 ? 20 1 
1 A DG 6  1_555 D DC 4 1_555 -0.138 -0.188 0.340  -1.013 -3.728  -3.970  4  A_DG6:DC13_D A 6  ? D 13 ? 19 1 
1 A DA 7  1_555 D DT 3 1_555 1.361  0.495  0.161  1.013  2.993   -19.969 5  A_DA7:DT12_D A 7  ? D 12 ? 20 1 
1 A DC 8  1_555 D DG 2 1_555 0.180  -0.194 0.155  6.332  -0.845  -0.503  6  A_DC8:DG11_D A 8  ? D 11 ? 19 1 
1 A DC 9  1_555 D DG 1 1_555 0.156  -0.157 -0.154 -2.876 -1.282  -2.735  7  A_DC9:DG10_D A 9  ? D 10 ? 19 1 
1 A DA 10 1_555 B DT 6 1_555 0.115  0.252  1.286  10.945 -4.245  -9.520  8  A_DA10:DT5_B A 10 ? B 5  ? 20 1 
1 A DG 11 1_555 B DC 5 1_555 -0.150 -0.157 0.583  4.769  0.609   3.530   9  A_DG11:DC4_B A 11 ? B 4  ? 19 1 
1 A DA 12 1_555 B DT 4 1_555 0.313  -0.133 0.592  1.656  0.290   -4.207  10 A_DA12:DT3_B A 12 ? B 3  ? 20 1 
1 A DC 13 1_555 B DG 3 1_555 0.163  -0.389 1.066  0.746  -6.879  -3.534  11 A_DC13:DG2_B A 13 ? B 2  ? 19 1 
1 A DG 14 1_555 B DC 2 1_555 -0.201 -0.250 0.051  7.465  -2.731  -0.454  12 A_DG14:DC1_B A 14 ? B 1  ? 19 1 
1 A DT 15 1_555 B DA 1 1_555 -0.077 -0.564 0.638  2.397  -10.797 0.464   13 A_DT15:DA0_B A 15 ? B 0  ? 20 1 
1 A DC 16 1_555 C DG 8 1_555 0.156  -0.128 0.208  -0.821 -8.159  -0.877  14 A_DC16:DG8_C A 16 ? C 8  ? 19 1 
1 A DA 17 1_555 C DT 7 1_555 0.269  -0.209 0.656  3.536  -12.728 -4.151  15 A_DA17:DT7_C A 17 ? C 7  ? 20 1 
1 A DC 18 1_555 C DG 6 1_555 0.129  -0.120 0.530  -4.155 -7.402  0.982   16 A_DC18:DG6_C A 18 ? C 6  ? 19 1 
1 A DT 19 1_555 C DA 5 1_555 -0.081 -0.124 0.296  -1.015 -6.909  0.381   17 A_DT19:DA5_C A 19 ? C 5  ? 20 1 
1 A DC 20 1_555 C DG 4 1_555 0.162  -0.147 0.147  -2.328 -5.579  1.051   18 A_DC20:DG4_C A 20 ? C 4  ? 19 1 
1 A DA 21 1_555 C DT 3 1_555 0.137  -0.141 -0.029 -2.910 -8.540  1.914   19 A_DA21:DT3_C A 21 ? C 3  ? 20 1 
# 
loop_
_ndb_struct_na_base_pair_step.model_number 
_ndb_struct_na_base_pair_step.i_label_asym_id_1 
_ndb_struct_na_base_pair_step.i_label_comp_id_1 
_ndb_struct_na_base_pair_step.i_label_seq_id_1 
_ndb_struct_na_base_pair_step.i_symmetry_1 
_ndb_struct_na_base_pair_step.j_label_asym_id_1 
_ndb_struct_na_base_pair_step.j_label_comp_id_1 
_ndb_struct_na_base_pair_step.j_label_seq_id_1 
_ndb_struct_na_base_pair_step.j_symmetry_1 
_ndb_struct_na_base_pair_step.i_label_asym_id_2 
_ndb_struct_na_base_pair_step.i_label_comp_id_2 
_ndb_struct_na_base_pair_step.i_label_seq_id_2 
_ndb_struct_na_base_pair_step.i_symmetry_2 
_ndb_struct_na_base_pair_step.j_label_asym_id_2 
_ndb_struct_na_base_pair_step.j_label_comp_id_2 
_ndb_struct_na_base_pair_step.j_label_seq_id_2 
_ndb_struct_na_base_pair_step.j_symmetry_2 
_ndb_struct_na_base_pair_step.shift 
_ndb_struct_na_base_pair_step.slide 
_ndb_struct_na_base_pair_step.rise 
_ndb_struct_na_base_pair_step.tilt 
_ndb_struct_na_base_pair_step.roll 
_ndb_struct_na_base_pair_step.twist 
_ndb_struct_na_base_pair_step.x_displacement 
_ndb_struct_na_base_pair_step.y_displacement 
_ndb_struct_na_base_pair_step.helical_rise 
_ndb_struct_na_base_pair_step.inclination 
_ndb_struct_na_base_pair_step.tip 
_ndb_struct_na_base_pair_step.helical_twist 
_ndb_struct_na_base_pair_step.step_number 
_ndb_struct_na_base_pair_step.step_name 
_ndb_struct_na_base_pair_step.i_auth_asym_id_1 
_ndb_struct_na_base_pair_step.i_auth_seq_id_1 
_ndb_struct_na_base_pair_step.i_PDB_ins_code_1 
_ndb_struct_na_base_pair_step.j_auth_asym_id_1 
_ndb_struct_na_base_pair_step.j_auth_seq_id_1 
_ndb_struct_na_base_pair_step.j_PDB_ins_code_1 
_ndb_struct_na_base_pair_step.i_auth_asym_id_2 
_ndb_struct_na_base_pair_step.i_auth_seq_id_2 
_ndb_struct_na_base_pair_step.i_PDB_ins_code_2 
_ndb_struct_na_base_pair_step.j_auth_asym_id_2 
_ndb_struct_na_base_pair_step.j_auth_seq_id_2 
_ndb_struct_na_base_pair_step.j_PDB_ins_code_2 
1 A DG 3  1_555 D DC 7 1_555 A DC 4  1_555 D DG 6 1_555 0.878  -0.459 3.824 12.863 -6.994 35.612 0.376  0.642  3.920 -10.885 
-20.021 38.414 1  AA_DG3DC4:DG15DC16_DD A 3  ? D 16 ? A 4  ? D 15 ? 
1 A DC 4  1_555 D DG 6 1_555 A DA 5  1_555 D DT 5 1_555 -1.260 0.055  3.616 -2.135 3.566  35.934 -0.473 1.694  3.671 5.756   3.446 
36.165 2  AA_DC4DA5:DT14DG15_DD A 4  ? D 15 ? A 5  ? D 14 ? 
1 A DA 5  1_555 D DT 5 1_555 A DG 6  1_555 D DC 4 1_555 0.873  -0.651 3.072 1.127  4.123  20.865 -3.333 -1.933 2.932 11.234  
-3.070  21.294 3  AA_DA5DG6:DC13DT14_DD A 5  ? D 14 ? A 6  ? D 13 ? 
1 A DG 6  1_555 D DC 4 1_555 A DA 7  1_555 D DT 3 1_555 -0.917 -1.066 3.136 1.619  1.838  47.085 -1.475 1.272  3.063 2.298   
-2.025  47.145 4  AA_DG6DA7:DT12DC13_DD A 6  ? D 13 ? A 7  ? D 12 ? 
1 A DA 7  1_555 D DT 3 1_555 A DC 8  1_555 D DG 2 1_555 1.493  -1.283 3.289 -4.613 5.070  30.346 -3.308 -3.617 2.791 9.532   8.674 
31.093 5  AA_DA7DC8:DG11DT12_DD A 7  ? D 12 ? A 8  ? D 11 ? 
1 A DC 8  1_555 D DG 2 1_555 A DC 9  1_555 D DG 1 1_555 -0.911 -1.405 3.442 -1.264 2.978  34.167 -2.867 1.339  3.342 5.055   2.145 
34.315 6  AA_DC8DC9:DG10DG11_DD A 8  ? D 11 ? A 9  ? D 10 ? 
1 A DC 9  1_555 D DG 1 1_555 A DA 10 1_555 B DT 6 1_555 -1.397 -1.816 2.891 -7.487 -1.263 19.170 -4.533 0.677  3.304 -3.615  
21.426  20.606 7  AA_DC9DA10:DT5DG10_BD A 9  ? D 10 ? A 10 ? B 5  ? 
1 A DA 10 1_555 B DT 6 1_555 A DG 11 1_555 B DC 5 1_555 0.109  -0.571 3.544 3.813  1.253  29.469 -1.397 0.653  3.504 2.448   
-7.451  29.735 8  AA_DA10DG11:DC4DT5_BB A 10 ? B 5  ? A 11 ? B 4  ? 
1 A DG 11 1_555 B DC 5 1_555 A DA 12 1_555 B DT 4 1_555 -0.495 -0.043 3.217 -0.776 3.975  41.456 -0.474 0.616  3.208 5.599   1.093 
41.645 9  AA_DG11DA12:DT3DC4_BB A 11 ? B 4  ? A 12 ? B 3  ? 
1 A DA 12 1_555 B DT 4 1_555 A DC 13 1_555 B DG 3 1_555 0.548  -1.594 3.200 -4.507 3.411  36.076 -2.991 -1.464 2.954 5.467   7.223 
36.502 10 AA_DA12DC13:DG2DT3_BB A 12 ? B 3  ? A 13 ? B 2  ? 
1 A DC 13 1_555 B DG 3 1_555 A DG 14 1_555 B DC 2 1_555 -0.368 -1.143 3.051 3.693  -2.937 29.908 -1.630 1.409  3.080 -5.646  
-7.101  30.270 11 AA_DC13DG14:DC1DG2_BB A 13 ? B 2  ? A 14 ? B 1  ? 
1 A DG 14 1_555 B DC 2 1_555 A DT 15 1_555 B DA 1 1_555 -0.103 -1.129 3.373 -4.248 0.319  36.363 -1.844 -0.438 3.354 0.510   6.778 
36.604 12 AA_DG14DT15:DA0DC1_BB A 14 ? B 1  ? A 15 ? B 0  ? 
1 A DT 15 1_555 B DA 1 1_555 A DC 16 1_555 C DG 8 1_555 -1.074 -1.333 3.092 2.327  6.283  24.128 -4.716 3.086  2.555 14.672  
-5.434  25.027 13 AA_DT15DC16:DG8DA0_CB A 15 ? B 0  ? A 16 ? C 8  ? 
1 A DC 16 1_555 C DG 8 1_555 A DA 17 1_555 C DT 7 1_555 -1.234 0.154  3.267 -6.170 1.412  36.141 0.046  1.091  3.427 2.255   9.852 
36.673 14 AA_DC16DA17:DT7DG8_CC A 16 ? C 8  ? A 17 ? C 7  ? 
1 A DA 17 1_555 C DT 7 1_555 A DC 18 1_555 C DG 6 1_555 0.314  -0.744 3.376 -1.937 -4.974 33.532 -0.441 -0.863 3.425 -8.555  3.331 
33.942 15 AA_DA17DC18:DG6DT7_CC A 17 ? C 7  ? A 18 ? C 6  ? 
1 A DC 18 1_555 C DG 6 1_555 A DT 19 1_555 C DA 5 1_555 -0.258 -1.022 3.163 1.645  -3.415 37.305 -1.153 0.613  3.227 -5.321  
-2.564  37.491 16 AA_DC18DT19:DA5DG6_CC A 18 ? C 6  ? A 19 ? C 5  ? 
1 A DT 19 1_555 C DA 5 1_555 A DC 20 1_555 C DG 4 1_555 0.282  0.958  3.358 2.755  -0.807 39.151 1.524  -0.082 3.349 -1.202  
-4.105  39.252 17 AA_DT19DC20:DG4DA5_CC A 19 ? C 5  ? A 20 ? C 4  ? 
1 A DC 20 1_555 C DG 4 1_555 A DA 21 1_555 C DT 3 1_555 -0.622 1.637  3.545 -1.818 -0.468 34.328 2.849  0.744  3.550 -0.793  3.077 
34.377 18 AA_DC20DA21:DT3DG4_CC A 20 ? C 4  ? A 21 ? C 3  ? 
# 
loop_
_pdbx_audit_support.funding_organization 
_pdbx_audit_support.country 
_pdbx_audit_support.grant_number 
_pdbx_audit_support.ordinal 
'National Science Foundation (NSF, United States)'                                         'United States' 1360635     1 
'National Institutes of Health/National Institute of General Medical Sciences (NIH/NIGMS)' 'United States' R01GM104960 2 
'National Science Foundation (NSF, United States)'                                         'United States' NSF2004250  3 
# 
_pdbx_entity_nonpoly.entity_id   5 
_pdbx_entity_nonpoly.name        'CACODYLATE ION' 
_pdbx_entity_nonpoly.comp_id     CAC 
# 
_pdbx_initial_refinement_model.id               1 
_pdbx_initial_refinement_model.entity_id_list   ? 
_pdbx_initial_refinement_model.type             'experimental model' 
_pdbx_initial_refinement_model.source_name      PDB 
_pdbx_initial_refinement_model.accession_code   5VY6 
_pdbx_initial_refinement_model.details          ? 
# 
_pdbx_struct_assembly_auth_evidence.id                     1 
_pdbx_struct_assembly_auth_evidence.assembly_id            1 
_pdbx_struct_assembly_auth_evidence.experimental_support   none 
_pdbx_struct_assembly_auth_evidence.details                ? 
# 
